data_9NPR
#
_entry.id   9NPR
#
_cell.length_a   1.00
_cell.length_b   1.00
_cell.length_c   1.00
_cell.angle_alpha   90.00
_cell.angle_beta   90.00
_cell.angle_gamma   90.00
#
_symmetry.space_group_name_H-M   'P 1'
#
loop_
_entity.id
_entity.type
_entity.pdbx_description
1 polymer 'NPC intracellular cholesterol transporter 1'
2 polymer 'Envelope glycoprotein RAVV GP1'
3 polymer 'Envelope glycoprotein RAVV GP2'
4 branched alpha-D-mannopyranose-(1-3)-[alpha-D-mannopyranose-(1-6)]beta-D-mannopyranose-(1-4)-2-acetamido-2-deoxy-beta-D-glucopyranose-(1-4)-2-acetamido-2-deoxy-beta-D-glucopyranose
5 branched beta-D-mannopyranose-(1-4)-2-acetamido-2-deoxy-beta-D-glucopyranose-(1-4)-2-acetamido-2-deoxy-beta-D-glucopyranose
#
loop_
_entity_poly.entity_id
_entity_poly.type
_entity_poly.pdbx_seq_one_letter_code
_entity_poly.pdbx_strand_id
1 'polypeptide(L)'
;MDAMKRGLCCVLLLCGAVFVSASTTNPVDLWSAPSSQARLEKEYFDQHFGPFFRTEQLIIRAPLTDKHIYQPYPSGADVP
FGPPLDIQILHQVLDLQIAIENITASYDNETVTLQDICLAPLSPYNTNCTILSVLNYFQNSHSVLDHKKGDDFFVYADYH
THFLYCVRAPASLNDTSLLHDPCLGTFGGPVFPWLVLGGYDDQNYNNATALVITFPVNNYYNDTEKLQRAQAWEKEFINF
VKNYKNPNLTISFTAERSIEDELNRESDSDGSWSHPQFEK
;
G,H,I
2 'polypeptide(L)'
;MKTIYFLISLILIQSIKTLPVLEIASNSQPQDVDSVCSGTLQKTEDVHLMGFTLSGQKVADSPLEASKRWAFRTGVPPKN
VEYTEGEEAKTCYNISVTDPSGKSLLLDPPSNIRDYPKCKTVHHIQGQNPHAQGIALHLWGAFFLYDRVASTTMYRGKVF
TEGNIAAMIVNKTVHRMIFSRQGQGYRHMNLTSTNKYWTSSNETQRNDTGCFGILQEYNSTNNQTCPPSLKPPSLPTVTP
SIHSTNTQINTAKSGT
;
A,B,C
3 'polypeptide(L)'
;RPPIYFRKKRSIFWKEGDIFPFLDGLINTEIDFDPIPNTETIFDESPSFNTSTNEEQHTPPNISLTFSYFPDKNGDTAYS
GENENDCDAELRIWSVQEDDLAAGLSWIPFFGPGIEGLYTAGLIKNQNNLVCRLRRLANQTAKSLELLLRVTTEERTFSL
INRIAIDFLLTRWGGTCKVLGPDCCIGIEDLSKNISEQIDKIRKDEQKEETGSGYIPEAPRDGQAYVRKDGEWVLLSTFL
GHHHHHH
;
D,E,F
#
loop_
_chem_comp.id
_chem_comp.type
_chem_comp.name
_chem_comp.formula
BMA D-saccharide, beta linking beta-D-mannopyranose 'C6 H12 O6'
MAN D-saccharide, alpha linking alpha-D-mannopyranose 'C6 H12 O6'
NAG D-saccharide, beta linking 2-acetamido-2-deoxy-beta-D-glucopyranose 'C8 H15 N O6'
#
# COMPACT_ATOMS: atom_id res chain seq x y z
N LEU A 40 41.17 -7.63 43.56
CA LEU A 40 40.35 -6.42 43.66
C LEU A 40 41.10 -5.21 43.10
N GLU A 41 40.71 -4.78 41.90
CA GLU A 41 41.28 -3.64 41.22
C GLU A 41 42.78 -3.78 41.04
N LYS A 42 43.57 -3.21 41.96
CA LYS A 42 45.02 -3.22 41.87
C LYS A 42 45.65 -4.47 42.49
N GLU A 43 44.85 -5.34 43.10
CA GLU A 43 45.42 -6.54 43.73
C GLU A 43 45.93 -7.52 42.69
N TYR A 44 45.14 -7.78 41.64
CA TYR A 44 45.54 -8.72 40.61
C TYR A 44 46.43 -8.10 39.55
N PHE A 45 46.46 -6.76 39.45
CA PHE A 45 47.29 -6.11 38.44
C PHE A 45 48.76 -6.05 38.81
N ASP A 46 49.11 -6.37 40.06
CA ASP A 46 50.50 -6.27 40.48
C ASP A 46 51.37 -7.41 39.95
N GLN A 47 50.76 -8.49 39.48
CA GLN A 47 51.52 -9.65 39.02
C GLN A 47 51.88 -9.58 37.54
N HIS A 48 51.44 -8.55 36.81
CA HIS A 48 51.79 -8.39 35.41
C HIS A 48 52.47 -7.07 35.09
N PHE A 49 52.66 -6.20 36.08
CA PHE A 49 53.44 -4.98 35.91
C PHE A 49 54.90 -5.17 36.31
N GLY A 50 55.32 -6.39 36.63
CA GLY A 50 56.68 -6.66 37.04
C GLY A 50 57.68 -6.45 35.93
N PRO A 51 58.92 -6.13 36.28
CA PRO A 51 59.96 -5.93 35.26
C PRO A 51 60.24 -7.16 34.41
N PHE A 52 60.07 -8.36 34.97
CA PHE A 52 60.36 -9.58 34.23
C PHE A 52 59.38 -9.82 33.09
N PHE A 53 58.18 -9.26 33.17
CA PHE A 53 57.18 -9.39 32.11
C PHE A 53 57.13 -8.09 31.30
N ARG A 54 57.36 -8.20 30.00
CA ARG A 54 57.21 -7.08 29.07
C ARG A 54 55.97 -7.39 28.24
N THR A 55 54.85 -6.80 28.64
CA THR A 55 53.55 -7.13 28.06
C THR A 55 53.18 -6.09 26.99
N GLU A 56 52.78 -6.57 25.82
CA GLU A 56 52.34 -5.73 24.73
C GLU A 56 50.82 -5.64 24.74
N GLN A 57 50.30 -4.42 24.59
CA GLN A 57 48.86 -4.17 24.61
C GLN A 57 48.44 -3.55 23.28
N LEU A 58 47.41 -4.13 22.67
CA LEU A 58 46.82 -3.60 21.45
C LEU A 58 45.31 -3.65 21.58
N ILE A 59 44.65 -2.62 21.06
CA ILE A 59 43.19 -2.48 21.15
C ILE A 59 42.64 -2.42 19.74
N ILE A 60 41.72 -3.34 19.43
CA ILE A 60 41.13 -3.43 18.10
C ILE A 60 39.62 -3.30 18.23
N ARG A 61 39.00 -2.71 17.21
CA ARG A 61 37.56 -2.48 17.17
C ARG A 61 37.05 -2.63 15.75
N ALA A 62 35.74 -2.71 15.61
CA ALA A 62 35.07 -2.78 14.31
C ALA A 62 34.23 -1.52 14.11
N PRO A 63 34.69 -0.56 13.31
CA PRO A 63 33.95 0.70 13.17
C PRO A 63 32.72 0.59 12.28
N LEU A 64 32.78 -0.27 11.26
CA LEU A 64 31.69 -0.37 10.29
C LEU A 64 30.51 -1.18 10.81
N THR A 65 30.70 -1.96 11.88
CA THR A 65 29.63 -2.79 12.40
C THR A 65 28.56 -1.93 13.07
N ASP A 66 27.31 -2.41 13.01
CA ASP A 66 26.18 -1.69 13.54
C ASP A 66 25.87 -2.17 14.97
N LYS A 67 24.76 -1.72 15.52
CA LYS A 67 24.37 -2.09 16.87
C LYS A 67 23.92 -3.54 16.94
N HIS A 68 24.22 -4.18 18.07
CA HIS A 68 23.86 -5.57 18.32
C HIS A 68 23.10 -5.62 19.64
N ILE A 69 21.90 -6.19 19.61
CA ILE A 69 21.09 -6.34 20.81
C ILE A 69 20.84 -7.82 21.04
N TYR A 70 20.71 -8.19 22.31
CA TYR A 70 20.40 -9.56 22.68
C TYR A 70 19.33 -9.57 23.76
N GLN A 71 18.41 -10.53 23.67
CA GLN A 71 17.36 -10.69 24.66
C GLN A 71 17.33 -12.14 25.11
N PRO A 72 17.07 -12.39 26.40
CA PRO A 72 17.17 -13.76 26.93
C PRO A 72 16.05 -14.64 26.40
N TYR A 73 16.18 -15.95 26.71
CA TYR A 73 15.21 -16.92 26.17
C TYR A 73 13.83 -16.77 26.79
N PRO A 74 13.64 -16.82 28.14
CA PRO A 74 12.28 -16.68 28.66
C PRO A 74 11.70 -15.30 28.38
N SER A 75 12.39 -14.27 28.88
CA SER A 75 12.03 -12.86 28.75
C SER A 75 13.14 -12.07 29.46
N GLY A 76 13.06 -10.75 29.36
CA GLY A 76 13.95 -9.91 30.11
C GLY A 76 14.27 -8.64 29.32
N ALA A 77 15.25 -7.91 29.84
CA ALA A 77 15.69 -6.67 29.21
C ALA A 77 16.51 -6.99 27.96
N ASP A 78 16.27 -6.22 26.89
CA ASP A 78 17.03 -6.36 25.65
C ASP A 78 18.39 -5.72 25.86
N VAL A 79 19.31 -6.50 26.42
CA VAL A 79 20.65 -6.02 26.72
C VAL A 79 21.43 -5.93 25.41
N PRO A 80 21.90 -4.75 25.03
CA PRO A 80 22.60 -4.60 23.75
C PRO A 80 24.10 -4.87 23.86
N PHE A 81 24.64 -5.48 22.80
CA PHE A 81 26.07 -5.74 22.71
C PHE A 81 26.76 -4.59 22.00
N GLY A 82 28.09 -4.60 22.08
CA GLY A 82 28.90 -3.64 21.37
C GLY A 82 28.95 -3.93 19.88
N PRO A 83 29.37 -2.94 19.10
CA PRO A 83 29.54 -3.16 17.65
C PRO A 83 30.50 -4.29 17.32
N PRO A 84 31.63 -4.47 18.02
CA PRO A 84 32.50 -5.61 17.69
C PRO A 84 32.08 -6.92 18.32
N LEU A 85 30.90 -7.01 18.93
CA LEU A 85 30.41 -8.25 19.54
C LEU A 85 29.24 -8.74 18.68
N ASP A 86 29.57 -9.50 17.65
CA ASP A 86 28.60 -9.97 16.67
C ASP A 86 29.21 -11.18 15.97
N ILE A 87 28.47 -11.76 15.04
CA ILE A 87 28.94 -12.91 14.29
C ILE A 87 29.71 -12.38 13.07
N GLN A 88 30.67 -13.18 12.61
CA GLN A 88 31.62 -12.82 11.55
C GLN A 88 32.47 -11.59 11.88
N ILE A 89 32.58 -11.21 13.15
CA ILE A 89 33.50 -10.13 13.52
C ILE A 89 34.45 -10.63 14.60
N LEU A 90 34.02 -11.62 15.37
CA LEU A 90 34.91 -12.27 16.32
C LEU A 90 35.57 -13.50 15.72
N HIS A 91 35.01 -14.05 14.63
CA HIS A 91 35.67 -15.13 13.92
C HIS A 91 36.99 -14.66 13.32
N GLN A 92 36.99 -13.46 12.73
CA GLN A 92 38.20 -12.95 12.09
C GLN A 92 39.32 -12.73 13.11
N VAL A 93 38.96 -12.23 14.30
CA VAL A 93 39.94 -12.13 15.38
C VAL A 93 40.42 -13.52 15.78
N LEU A 94 39.49 -14.47 15.88
CA LEU A 94 39.86 -15.84 16.20
C LEU A 94 40.67 -16.48 15.07
N ASP A 95 40.36 -16.14 13.82
CA ASP A 95 41.14 -16.67 12.70
C ASP A 95 42.58 -16.15 12.73
N LEU A 96 42.77 -14.87 13.03
CA LEU A 96 44.12 -14.30 12.99
C LEU A 96 44.97 -14.73 14.18
N GLN A 97 44.37 -14.88 15.37
CA GLN A 97 45.14 -15.24 16.54
C GLN A 97 45.69 -16.66 16.45
N ILE A 98 44.96 -17.56 15.80
CA ILE A 98 45.49 -18.89 15.53
C ILE A 98 46.66 -18.81 14.55
N ALA A 99 46.53 -17.96 13.53
CA ALA A 99 47.58 -17.78 12.55
C ALA A 99 48.80 -17.05 13.11
N ILE A 100 48.70 -16.48 14.32
CA ILE A 100 49.85 -15.81 14.92
C ILE A 100 50.97 -16.82 15.19
N GLU A 101 50.62 -17.98 15.75
CA GLU A 101 51.58 -19.04 15.98
C GLU A 101 51.64 -20.06 14.86
N ASN A 102 50.60 -20.11 14.01
CA ASN A 102 50.62 -21.03 12.88
C ASN A 102 51.72 -20.66 11.89
N ILE A 103 51.86 -19.37 11.60
CA ILE A 103 52.91 -18.90 10.70
C ILE A 103 54.20 -18.74 11.49
N THR A 104 55.24 -19.46 11.07
CA THR A 104 56.54 -19.42 11.72
C THR A 104 57.57 -18.87 10.74
N ALA A 105 58.37 -17.92 11.20
CA ALA A 105 59.40 -17.31 10.37
C ALA A 105 60.70 -18.10 10.47
N SER A 106 61.37 -18.27 9.33
CA SER A 106 62.63 -19.00 9.29
C SER A 106 63.74 -18.17 9.91
N TYR A 107 64.01 -18.38 11.20
CA TYR A 107 65.03 -17.64 11.93
C TYR A 107 66.20 -18.57 12.23
N ASP A 108 67.40 -18.12 11.89
CA ASP A 108 68.66 -18.89 12.04
C ASP A 108 68.50 -20.18 11.23
N ASN A 109 68.92 -21.33 11.76
CA ASN A 109 68.81 -22.61 11.05
C ASN A 109 67.93 -23.61 11.77
N GLU A 110 67.16 -23.17 12.76
CA GLU A 110 66.27 -24.04 13.52
C GLU A 110 64.91 -23.39 13.67
N THR A 111 63.89 -24.23 13.88
CA THR A 111 62.52 -23.77 14.05
C THR A 111 62.21 -23.67 15.54
N VAL A 112 61.84 -22.48 15.99
CA VAL A 112 61.54 -22.20 17.38
C VAL A 112 60.11 -21.71 17.48
N THR A 113 59.34 -22.32 18.37
CA THR A 113 57.94 -21.95 18.59
C THR A 113 57.82 -21.03 19.79
N LEU A 114 56.71 -20.30 19.84
CA LEU A 114 56.45 -19.38 20.95
C LEU A 114 56.19 -20.12 22.25
N GLN A 115 55.72 -21.37 22.19
CA GLN A 115 55.33 -22.10 23.39
C GLN A 115 56.52 -22.31 24.32
N ASP A 116 57.68 -22.64 23.75
CA ASP A 116 58.87 -22.91 24.56
C ASP A 116 59.54 -21.64 25.09
N ILE A 117 59.18 -20.47 24.56
CA ILE A 117 59.82 -19.22 24.99
C ILE A 117 58.87 -18.30 25.76
N CYS A 118 57.58 -18.61 25.80
CA CYS A 118 56.62 -17.77 26.52
C CYS A 118 56.42 -18.28 27.94
N LEU A 119 56.14 -17.36 28.84
CA LEU A 119 55.89 -17.69 30.24
C LEU A 119 55.09 -16.58 30.92
N ASN A 128 51.68 -23.96 25.42
CA ASN A 128 50.41 -23.40 25.87
C ASN A 128 50.61 -22.03 26.50
N CYS A 129 50.78 -21.01 25.65
CA CYS A 129 50.97 -19.65 26.14
C CYS A 129 49.68 -19.10 26.74
N THR A 130 49.82 -18.33 27.81
CA THR A 130 48.66 -17.75 28.47
C THR A 130 48.11 -16.59 27.64
N ILE A 131 46.81 -16.60 27.41
CA ILE A 131 46.12 -15.55 26.68
C ILE A 131 45.11 -14.88 27.62
N LEU A 132 45.22 -13.57 27.76
CA LEU A 132 44.34 -12.78 28.61
C LEU A 132 43.51 -11.87 27.73
N SER A 133 42.30 -12.33 27.38
CA SER A 133 41.44 -11.58 26.47
C SER A 133 40.01 -12.04 26.70
N VAL A 134 39.12 -11.71 25.76
CA VAL A 134 37.79 -12.33 25.73
C VAL A 134 37.79 -13.60 24.91
N LEU A 135 38.78 -13.77 24.02
CA LEU A 135 38.82 -14.95 23.16
C LEU A 135 39.13 -16.21 23.96
N ASN A 136 39.90 -16.09 25.04
CA ASN A 136 40.22 -17.26 25.86
C ASN A 136 39.02 -17.80 26.61
N TYR A 137 37.97 -16.99 26.78
CA TYR A 137 36.73 -17.49 27.37
C TYR A 137 36.06 -18.53 26.51
N PHE A 138 36.35 -18.55 25.21
CA PHE A 138 35.89 -19.58 24.30
C PHE A 138 36.97 -20.60 23.99
N GLN A 139 38.04 -20.64 24.79
CA GLN A 139 39.20 -21.52 24.62
C GLN A 139 39.86 -21.36 23.25
N ASN A 140 39.66 -20.21 22.60
CA ASN A 140 40.26 -19.91 21.30
C ASN A 140 39.95 -21.00 20.28
N SER A 141 38.70 -21.47 20.27
CA SER A 141 38.28 -22.54 19.38
C SER A 141 37.05 -22.12 18.60
N HIS A 142 37.00 -22.52 17.33
CA HIS A 142 35.90 -22.14 16.45
C HIS A 142 34.58 -22.73 16.91
N SER A 143 34.60 -23.98 17.38
CA SER A 143 33.36 -24.64 17.79
C SER A 143 32.75 -23.97 19.01
N VAL A 144 33.58 -23.63 20.00
CA VAL A 144 33.06 -23.05 21.24
C VAL A 144 32.53 -21.64 20.99
N LEU A 145 33.26 -20.84 20.20
CA LEU A 145 32.82 -19.48 19.95
C LEU A 145 31.53 -19.42 19.13
N ASP A 146 31.22 -20.50 18.41
CA ASP A 146 29.97 -20.57 17.65
C ASP A 146 29.20 -21.80 18.13
N HIS A 147 29.13 -21.99 19.45
CA HIS A 147 28.47 -23.15 20.04
C HIS A 147 26.98 -22.85 20.16
N LYS A 148 26.29 -22.97 19.03
CA LYS A 148 24.84 -22.63 18.96
C LYS A 148 23.99 -23.69 19.66
N LYS A 149 24.05 -23.76 20.98
CA LYS A 149 23.23 -24.68 21.76
C LYS A 149 21.77 -24.25 21.69
N GLY A 150 20.89 -25.18 21.34
CA GLY A 150 19.49 -24.85 21.21
C GLY A 150 18.70 -25.76 20.31
N ASP A 151 17.95 -25.17 19.38
CA ASP A 151 17.00 -25.92 18.56
C ASP A 151 16.74 -25.09 17.29
N ASP A 152 15.67 -25.44 16.57
CA ASP A 152 15.29 -24.69 15.39
C ASP A 152 14.53 -23.42 15.81
N PHE A 153 13.98 -22.73 14.81
CA PHE A 153 13.30 -21.44 14.93
C PHE A 153 14.30 -20.44 15.52
N PHE A 154 14.28 -20.16 16.83
CA PHE A 154 15.40 -19.36 17.36
C PHE A 154 16.22 -20.19 18.34
N VAL A 155 17.51 -19.87 18.39
CA VAL A 155 18.47 -20.56 19.24
C VAL A 155 18.30 -20.10 20.68
N TYR A 156 18.34 -21.06 21.61
CA TYR A 156 18.19 -20.73 23.03
C TYR A 156 19.33 -19.84 23.53
N ALA A 157 20.57 -20.16 23.15
CA ALA A 157 21.71 -19.42 23.67
C ALA A 157 22.88 -19.52 22.71
N ASP A 158 23.52 -18.39 22.46
CA ASP A 158 24.74 -18.32 21.67
C ASP A 158 25.91 -17.75 22.47
N TYR A 159 25.71 -16.63 23.15
CA TYR A 159 26.71 -16.07 24.05
C TYR A 159 26.20 -15.91 25.48
N HIS A 160 24.98 -16.38 25.77
CA HIS A 160 24.47 -16.31 27.14
C HIS A 160 25.25 -17.24 28.07
N THR A 161 25.62 -18.42 27.58
CA THR A 161 26.36 -19.39 28.37
C THR A 161 27.87 -19.25 28.23
N HIS A 162 28.35 -18.28 27.47
CA HIS A 162 29.77 -18.09 27.24
C HIS A 162 30.31 -16.77 27.80
N PHE A 163 29.61 -15.67 27.56
CA PHE A 163 30.07 -14.34 27.95
C PHE A 163 29.42 -13.85 29.24
N LEU A 164 28.09 -13.93 29.33
CA LEU A 164 27.37 -13.47 30.52
C LEU A 164 27.24 -14.55 31.58
N TYR A 165 27.71 -15.78 31.32
CA TYR A 165 27.61 -16.84 32.31
C TYR A 165 28.52 -16.56 33.50
N CYS A 166 29.76 -16.14 33.22
CA CYS A 166 30.64 -15.69 34.30
C CYS A 166 30.18 -14.37 34.92
N VAL A 167 29.38 -13.60 34.20
CA VAL A 167 28.88 -12.33 34.72
C VAL A 167 27.85 -12.57 35.82
N ASP A 181 28.60 -26.09 29.96
CA ASP A 181 29.78 -25.65 29.23
C ASP A 181 30.64 -24.73 30.10
N PRO A 182 31.96 -24.89 30.01
CA PRO A 182 32.85 -24.09 30.85
C PRO A 182 32.85 -22.62 30.44
N CYS A 183 33.03 -21.77 31.44
CA CYS A 183 33.12 -20.33 31.23
C CYS A 183 34.45 -19.74 31.70
N LEU A 184 35.10 -20.35 32.67
CA LEU A 184 36.39 -19.89 33.16
C LEU A 184 37.50 -20.27 32.17
N GLY A 185 38.67 -19.67 32.37
CA GLY A 185 39.79 -19.96 31.50
C GLY A 185 40.28 -21.38 31.66
N THR A 186 40.73 -21.96 30.55
CA THR A 186 41.21 -23.33 30.53
C THR A 186 42.71 -23.45 30.77
N PHE A 187 43.42 -22.33 30.88
CA PHE A 187 44.86 -22.33 31.10
C PHE A 187 45.23 -22.20 32.58
N GLY A 188 44.25 -22.30 33.47
CA GLY A 188 44.53 -22.30 34.89
C GLY A 188 44.69 -20.94 35.54
N GLY A 189 44.47 -19.86 34.79
CA GLY A 189 44.59 -18.53 35.35
C GLY A 189 43.30 -17.74 35.23
N PRO A 190 42.68 -17.45 36.37
CA PRO A 190 41.47 -16.62 36.35
C PRO A 190 41.79 -15.18 36.01
N VAL A 191 40.91 -14.55 35.25
CA VAL A 191 41.08 -13.16 34.83
C VAL A 191 39.74 -12.44 35.00
N PHE A 192 39.80 -11.19 35.46
CA PHE A 192 38.60 -10.40 35.62
C PHE A 192 38.06 -9.97 34.26
N PRO A 193 36.76 -10.12 34.01
CA PRO A 193 36.22 -9.82 32.67
C PRO A 193 36.09 -8.34 32.36
N TRP A 194 36.33 -7.44 33.32
CA TRP A 194 36.25 -6.01 33.05
C TRP A 194 37.55 -5.44 32.50
N LEU A 195 38.64 -6.20 32.51
CA LEU A 195 39.90 -5.71 31.96
C LEU A 195 39.90 -5.73 30.44
N VAL A 196 39.27 -6.75 29.84
CA VAL A 196 39.29 -6.87 28.38
C VAL A 196 38.41 -5.80 27.73
N LEU A 197 37.41 -5.30 28.44
CA LEU A 197 36.45 -4.36 27.88
C LEU A 197 36.70 -2.97 28.44
N GLY A 198 36.83 -1.99 27.55
CA GLY A 198 37.04 -0.62 27.94
C GLY A 198 36.09 0.32 27.23
N GLY A 199 36.12 1.58 27.64
CA GLY A 199 35.22 2.57 27.08
C GLY A 199 33.76 2.30 27.39
N TYR A 200 33.45 1.94 28.63
CA TYR A 200 32.11 1.57 29.04
C TYR A 200 31.63 2.48 30.17
N ASP A 201 30.32 2.74 30.17
CA ASP A 201 29.70 3.53 31.22
C ASP A 201 29.73 2.78 32.55
N ASP A 202 29.64 3.55 33.64
CA ASP A 202 29.76 3.16 35.05
C ASP A 202 30.50 1.84 35.28
N GLN A 203 29.94 0.94 36.10
CA GLN A 203 30.57 -0.34 36.35
C GLN A 203 30.25 -1.37 35.28
N ASN A 204 29.20 -1.15 34.49
CA ASN A 204 28.73 -2.15 33.54
C ASN A 204 29.69 -2.30 32.38
N TYR A 205 30.60 -3.28 32.48
CA TYR A 205 31.55 -3.58 31.43
C TYR A 205 30.94 -4.38 30.29
N ASN A 206 29.74 -4.92 30.46
CA ASN A 206 29.05 -5.67 29.42
C ASN A 206 28.36 -4.77 28.39
N ASN A 207 28.71 -3.49 28.36
CA ASN A 207 28.05 -2.51 27.52
C ASN A 207 29.10 -1.60 26.88
N ALA A 208 30.18 -2.19 26.40
CA ALA A 208 31.34 -1.49 25.87
C ALA A 208 31.44 -1.71 24.36
N THR A 209 32.54 -1.18 23.78
CA THR A 209 32.75 -1.31 22.35
C THR A 209 34.21 -1.61 21.98
N ALA A 210 35.06 -1.94 22.95
CA ALA A 210 36.48 -2.14 22.70
C ALA A 210 36.90 -3.55 23.11
N LEU A 211 37.89 -4.08 22.38
CA LEU A 211 38.46 -5.39 22.67
C LEU A 211 39.96 -5.23 22.95
N VAL A 212 40.43 -5.93 23.97
CA VAL A 212 41.83 -5.85 24.40
C VAL A 212 42.44 -7.24 24.32
N ILE A 213 43.60 -7.34 23.66
CA ILE A 213 44.34 -8.58 23.54
C ILE A 213 45.64 -8.41 24.30
N THR A 214 45.91 -9.31 25.25
CA THR A 214 47.09 -9.26 26.10
C THR A 214 47.95 -10.49 25.84
N PHE A 215 49.19 -10.28 25.43
CA PHE A 215 50.15 -11.35 25.20
C PHE A 215 51.32 -11.19 26.16
N PRO A 216 51.37 -11.95 27.25
CA PRO A 216 52.50 -11.84 28.20
C PRO A 216 53.78 -12.35 27.58
N VAL A 217 54.80 -11.49 27.54
CA VAL A 217 56.10 -11.81 26.98
C VAL A 217 57.16 -11.53 28.04
N ASN A 218 58.03 -12.50 28.29
CA ASN A 218 59.08 -12.32 29.29
C ASN A 218 60.11 -11.31 28.82
N ASN A 219 60.61 -10.51 29.76
CA ASN A 219 61.62 -9.51 29.42
C ASN A 219 62.94 -10.17 29.04
N TYR A 220 63.32 -11.25 29.75
CA TYR A 220 64.58 -11.97 29.52
C TYR A 220 65.79 -11.03 29.62
N TYR A 221 65.76 -10.12 30.58
CA TYR A 221 66.86 -9.18 30.74
C TYR A 221 68.11 -9.86 31.26
N ASN A 222 67.95 -10.83 32.16
CA ASN A 222 69.08 -11.56 32.73
C ASN A 222 69.38 -12.86 32.00
N ASP A 223 68.56 -13.24 31.02
CA ASP A 223 68.74 -14.47 30.26
C ASP A 223 68.86 -14.10 28.79
N THR A 224 70.10 -13.88 28.33
CA THR A 224 70.35 -13.50 26.95
C THR A 224 70.22 -14.67 25.98
N GLU A 225 70.29 -15.91 26.48
CA GLU A 225 70.15 -17.07 25.61
C GLU A 225 68.75 -17.17 25.02
N LYS A 226 67.73 -16.98 25.86
CA LYS A 226 66.34 -17.01 25.41
C LYS A 226 65.81 -15.63 25.06
N LEU A 227 66.63 -14.58 25.21
CA LEU A 227 66.18 -13.23 24.88
C LEU A 227 65.95 -13.07 23.38
N GLN A 228 66.87 -13.60 22.57
CA GLN A 228 66.81 -13.37 21.12
C GLN A 228 65.56 -13.99 20.50
N ARG A 229 65.10 -15.13 21.04
CA ARG A 229 63.89 -15.76 20.53
C ARG A 229 62.67 -14.87 20.78
N ALA A 230 62.61 -14.23 21.95
CA ALA A 230 61.48 -13.37 22.27
C ALA A 230 61.68 -11.92 21.84
N GLN A 231 62.93 -11.47 21.68
CA GLN A 231 63.17 -10.09 21.27
C GLN A 231 62.66 -9.83 19.87
N ALA A 232 62.90 -10.76 18.95
CA ALA A 232 62.46 -10.64 17.56
C ALA A 232 61.08 -11.22 17.32
N TRP A 233 60.44 -11.80 18.34
CA TRP A 233 59.11 -12.35 18.16
C TRP A 233 58.09 -11.26 17.83
N GLU A 234 58.14 -10.15 18.54
CA GLU A 234 57.21 -9.05 18.31
C GLU A 234 57.66 -8.09 17.23
N LYS A 235 58.90 -8.22 16.75
CA LYS A 235 59.37 -7.36 15.67
C LYS A 235 58.65 -7.65 14.37
N GLU A 236 58.34 -8.92 14.11
CA GLU A 236 57.49 -9.24 12.97
C GLU A 236 56.03 -8.91 13.24
N PHE A 237 55.62 -8.96 14.51
CA PHE A 237 54.23 -8.66 14.86
C PHE A 237 53.89 -7.20 14.60
N ILE A 238 54.79 -6.28 14.98
CA ILE A 238 54.56 -4.88 14.69
C ILE A 238 54.66 -4.62 13.19
N ASN A 239 55.45 -5.42 12.48
CA ASN A 239 55.46 -5.35 11.03
C ASN A 239 54.19 -5.95 10.45
N PHE A 240 53.66 -7.00 11.09
CA PHE A 240 52.46 -7.66 10.58
C PHE A 240 51.24 -6.75 10.65
N VAL A 241 51.08 -6.01 11.75
CA VAL A 241 49.84 -5.26 11.96
C VAL A 241 49.72 -4.11 10.97
N LYS A 242 50.84 -3.46 10.64
CA LYS A 242 50.80 -2.41 9.63
C LYS A 242 50.68 -2.97 8.22
N ASN A 243 51.01 -4.24 8.02
CA ASN A 243 50.89 -4.89 6.72
C ASN A 243 49.74 -5.89 6.68
N TYR A 244 48.89 -5.92 7.71
CA TYR A 244 47.79 -6.87 7.76
C TYR A 244 46.67 -6.40 6.84
N LYS A 245 46.23 -7.30 5.94
CA LYS A 245 45.13 -7.00 5.02
C LYS A 245 43.83 -7.44 5.69
N ASN A 246 42.97 -6.48 5.98
CA ASN A 246 41.69 -6.75 6.63
C ASN A 246 40.68 -5.65 6.30
N PRO A 247 39.41 -6.00 6.14
CA PRO A 247 38.42 -4.98 5.79
C PRO A 247 37.60 -4.46 6.97
N ASN A 248 37.72 -5.08 8.14
CA ASN A 248 36.78 -4.80 9.22
C ASN A 248 37.42 -4.33 10.52
N LEU A 249 38.53 -4.91 10.92
CA LEU A 249 39.12 -4.62 12.22
C LEU A 249 40.43 -3.86 12.06
N THR A 250 40.66 -2.89 12.95
CA THR A 250 41.84 -2.03 12.90
C THR A 250 42.64 -2.19 14.17
N ILE A 251 43.96 -2.34 14.02
CA ILE A 251 44.87 -2.52 15.14
C ILE A 251 45.40 -1.16 15.57
N SER A 252 45.34 -0.89 16.87
CA SER A 252 45.84 0.35 17.42
C SER A 252 46.80 0.05 18.56
N PHE A 253 47.77 0.95 18.75
CA PHE A 253 48.79 0.81 19.78
C PHE A 253 48.42 1.70 20.96
N THR A 254 48.20 1.09 22.12
CA THR A 254 47.79 1.78 23.35
C THR A 254 46.57 2.66 23.14
N LEU B 40 39.96 24.42 -32.73
CA LEU B 40 38.68 23.84 -33.14
C LEU B 40 37.50 24.61 -32.53
N GLU B 41 37.82 25.71 -31.84
CA GLU B 41 36.81 26.55 -31.22
C GLU B 41 36.48 27.79 -32.04
N LYS B 42 37.49 28.55 -32.46
CA LYS B 42 37.29 29.75 -33.26
C LYS B 42 38.02 29.67 -34.61
N GLU B 43 38.60 28.52 -34.95
CA GLU B 43 39.34 28.41 -36.20
C GLU B 43 38.41 28.43 -37.40
N TYR B 44 37.32 27.66 -37.35
CA TYR B 44 36.40 27.61 -38.49
C TYR B 44 35.62 28.90 -38.63
N PHE B 45 35.22 29.52 -37.52
CA PHE B 45 34.44 30.75 -37.57
C PHE B 45 35.24 31.93 -38.09
N ASP B 46 36.57 31.87 -38.04
CA ASP B 46 37.42 32.95 -38.49
C ASP B 46 37.98 32.73 -39.90
N GLN B 47 37.60 31.65 -40.57
CA GLN B 47 38.10 31.36 -41.90
C GLN B 47 37.02 31.20 -42.96
N HIS B 48 35.79 30.89 -42.59
CA HIS B 48 34.71 30.68 -43.55
C HIS B 48 33.54 31.63 -43.33
N PHE B 49 33.23 31.97 -42.08
CA PHE B 49 32.21 32.95 -41.73
C PHE B 49 32.80 34.02 -40.82
N GLY B 50 33.97 34.54 -41.19
CA GLY B 50 34.64 35.56 -40.43
C GLY B 50 34.14 36.94 -40.79
N PRO B 51 35.07 37.85 -41.12
CA PRO B 51 34.72 39.22 -41.51
C PRO B 51 34.24 39.34 -42.96
N PHE B 52 33.31 38.46 -43.34
CA PHE B 52 32.73 38.45 -44.68
C PHE B 52 31.26 38.82 -44.70
N PHE B 53 30.46 38.31 -43.76
CA PHE B 53 29.04 38.62 -43.66
C PHE B 53 28.76 39.19 -42.28
N ARG B 54 28.01 40.28 -42.24
CA ARG B 54 27.61 40.89 -40.97
C ARG B 54 26.43 40.11 -40.43
N THR B 55 26.69 39.24 -39.46
CA THR B 55 25.68 38.36 -38.90
C THR B 55 25.33 38.79 -37.48
N GLU B 56 24.15 38.36 -37.04
CA GLU B 56 23.67 38.61 -35.69
C GLU B 56 23.57 37.29 -34.95
N GLN B 57 24.20 37.21 -33.79
CA GLN B 57 24.23 36.01 -32.97
C GLN B 57 23.43 36.25 -31.70
N LEU B 58 22.47 35.37 -31.42
CA LEU B 58 21.70 35.43 -30.19
C LEU B 58 21.65 34.04 -29.57
N ILE B 59 21.59 34.00 -28.25
CA ILE B 59 21.60 32.75 -27.50
C ILE B 59 20.19 32.47 -26.99
N ILE B 60 19.86 31.18 -26.92
CA ILE B 60 18.53 30.73 -26.47
C ILE B 60 18.72 29.88 -25.23
N ARG B 61 18.01 30.22 -24.17
CA ARG B 61 18.07 29.50 -22.90
C ARG B 61 16.67 29.02 -22.51
N ALA B 62 16.63 27.85 -21.89
CA ALA B 62 15.37 27.23 -21.45
C ALA B 62 15.51 26.84 -19.98
N PRO B 63 15.20 27.76 -19.07
CA PRO B 63 15.42 27.46 -17.64
C PRO B 63 14.43 26.46 -17.06
N LEU B 64 13.14 26.59 -17.38
CA LEU B 64 12.13 25.75 -16.75
C LEU B 64 12.09 24.34 -17.34
N THR B 65 12.63 24.13 -18.53
CA THR B 65 12.62 22.81 -19.14
C THR B 65 13.56 21.87 -18.38
N ASP B 66 13.09 20.63 -18.18
CA ASP B 66 13.87 19.65 -17.45
C ASP B 66 14.89 18.97 -18.37
N LYS B 67 15.62 18.01 -17.81
CA LYS B 67 16.65 17.31 -18.56
C LYS B 67 16.02 16.37 -19.58
N HIS B 68 16.76 16.14 -20.68
CA HIS B 68 16.33 15.26 -21.75
C HIS B 68 17.32 14.12 -21.90
N ILE B 69 16.77 12.90 -22.06
CA ILE B 69 17.59 11.71 -22.30
C ILE B 69 17.04 11.01 -23.53
N TYR B 70 17.91 10.22 -24.16
CA TYR B 70 17.50 9.38 -25.28
C TYR B 70 18.18 8.02 -25.19
N GLN B 71 17.44 6.98 -25.53
CA GLN B 71 17.97 5.64 -25.67
C GLN B 71 17.51 5.06 -27.01
N PRO B 72 18.42 4.48 -27.79
CA PRO B 72 18.03 3.97 -29.11
C PRO B 72 17.05 2.81 -28.99
N TYR B 73 16.23 2.64 -30.03
CA TYR B 73 15.28 1.52 -30.04
C TYR B 73 15.98 0.17 -29.97
N PRO B 74 17.00 -0.12 -30.77
CA PRO B 74 17.84 -1.29 -30.46
C PRO B 74 18.55 -1.05 -29.14
N SER B 75 18.72 -2.11 -28.35
CA SER B 75 19.31 -2.01 -27.03
C SER B 75 20.62 -1.23 -27.05
N GLY B 76 20.63 -0.05 -26.43
CA GLY B 76 21.76 0.86 -26.55
C GLY B 76 22.00 1.74 -25.36
N ALA B 77 22.86 2.75 -25.53
CA ALA B 77 23.33 3.58 -24.44
C ALA B 77 22.43 4.79 -24.23
N ASP B 78 22.15 5.09 -22.97
CA ASP B 78 21.41 6.29 -22.60
C ASP B 78 22.25 7.53 -22.91
N VAL B 79 21.82 8.30 -23.90
CA VAL B 79 22.53 9.52 -24.27
C VAL B 79 21.68 10.71 -23.84
N PRO B 80 22.02 11.38 -22.73
CA PRO B 80 21.21 12.51 -22.28
C PRO B 80 21.52 13.78 -23.07
N PHE B 81 20.47 14.55 -23.33
CA PHE B 81 20.57 15.84 -24.01
C PHE B 81 20.34 16.96 -23.01
N GLY B 82 20.35 18.19 -23.51
CA GLY B 82 20.24 19.35 -22.66
C GLY B 82 18.81 19.75 -22.37
N PRO B 83 18.67 20.81 -21.57
CA PRO B 83 17.33 21.38 -21.30
C PRO B 83 16.61 21.84 -22.55
N PRO B 84 17.26 22.63 -23.48
CA PRO B 84 16.44 23.36 -24.46
C PRO B 84 15.84 22.50 -25.57
N LEU B 85 15.90 21.17 -25.41
CA LEU B 85 15.37 20.26 -26.45
C LEU B 85 14.62 19.09 -25.79
N ASP B 86 13.50 18.68 -26.38
CA ASP B 86 12.68 17.57 -25.82
C ASP B 86 11.72 17.09 -26.91
N ILE B 87 10.44 17.45 -26.80
CA ILE B 87 9.44 17.09 -27.86
C ILE B 87 8.52 18.30 -28.09
N GLN B 88 8.69 19.36 -27.30
CA GLN B 88 7.79 20.55 -27.42
C GLN B 88 8.60 21.78 -27.82
N ILE B 89 9.58 22.17 -27.00
CA ILE B 89 10.38 23.36 -27.32
C ILE B 89 11.05 23.22 -28.68
N LEU B 90 11.13 22.00 -29.23
CA LEU B 90 11.50 21.84 -30.63
C LEU B 90 10.58 22.62 -31.54
N HIS B 91 9.27 22.57 -31.27
CA HIS B 91 8.32 23.34 -32.07
C HIS B 91 8.37 24.82 -31.73
N GLN B 92 8.75 25.16 -30.49
CA GLN B 92 8.80 26.56 -30.10
C GLN B 92 9.86 27.33 -30.87
N VAL B 93 11.07 26.77 -30.97
CA VAL B 93 12.10 27.37 -31.80
C VAL B 93 11.83 27.21 -33.27
N LEU B 94 10.91 26.31 -33.64
CA LEU B 94 10.53 26.12 -35.03
C LEU B 94 9.65 27.26 -35.53
N ASP B 95 8.91 27.92 -34.64
CA ASP B 95 7.98 28.97 -35.01
C ASP B 95 8.60 30.36 -34.99
N LEU B 96 9.87 30.49 -34.61
CA LEU B 96 10.49 31.81 -34.53
C LEU B 96 10.77 32.37 -35.92
N GLN B 97 11.33 31.55 -36.81
CA GLN B 97 11.71 32.04 -38.13
C GLN B 97 10.51 32.24 -39.05
N ILE B 98 9.47 31.40 -38.93
CA ILE B 98 8.30 31.55 -39.78
C ILE B 98 7.51 32.79 -39.44
N ALA B 99 7.72 33.37 -38.25
CA ALA B 99 7.07 34.60 -37.84
C ALA B 99 7.95 35.83 -38.08
N ILE B 100 8.86 35.76 -39.04
CA ILE B 100 9.78 36.84 -39.35
C ILE B 100 9.43 37.47 -40.71
N GLU B 101 9.23 36.63 -41.74
CA GLU B 101 8.98 37.17 -43.07
C GLU B 101 7.57 37.75 -43.20
N ASN B 102 6.62 37.23 -42.42
CA ASN B 102 5.24 37.70 -42.53
C ASN B 102 5.12 39.16 -42.11
N ILE B 103 5.83 39.56 -41.05
CA ILE B 103 5.80 40.93 -40.56
C ILE B 103 7.04 41.65 -41.09
N THR B 104 6.83 42.68 -41.90
CA THR B 104 7.91 43.43 -42.51
C THR B 104 7.86 44.87 -42.07
N ALA B 105 9.04 45.48 -41.92
CA ALA B 105 9.12 46.87 -41.50
C ALA B 105 8.60 47.79 -42.60
N SER B 106 7.87 48.83 -42.18
CA SER B 106 7.28 49.79 -43.11
C SER B 106 8.38 50.72 -43.60
N TYR B 107 9.05 50.32 -44.69
CA TYR B 107 10.13 51.09 -45.28
C TYR B 107 9.80 51.33 -46.75
N ASP B 108 9.61 52.60 -47.10
CA ASP B 108 9.27 53.04 -48.47
C ASP B 108 7.95 52.36 -48.87
N ASN B 109 7.83 51.88 -50.11
CA ASN B 109 6.62 51.21 -50.57
C ASN B 109 6.87 49.76 -50.98
N GLU B 110 8.02 49.20 -50.64
CA GLU B 110 8.38 47.84 -50.99
C GLU B 110 8.33 46.94 -49.76
N THR B 111 8.19 45.64 -50.01
CA THR B 111 8.15 44.63 -48.96
C THR B 111 9.45 43.84 -48.98
N VAL B 112 10.17 43.86 -47.86
CA VAL B 112 11.46 43.19 -47.75
C VAL B 112 11.38 42.18 -46.62
N THR B 113 11.72 40.93 -46.91
CA THR B 113 11.72 39.84 -45.95
C THR B 113 13.14 39.33 -45.76
N LEU B 114 13.28 38.26 -44.99
CA LEU B 114 14.59 37.64 -44.79
C LEU B 114 15.13 37.06 -46.09
N GLN B 115 14.25 36.64 -47.01
CA GLN B 115 14.68 36.08 -48.28
C GLN B 115 15.41 37.12 -49.12
N ASP B 116 14.96 38.37 -49.08
CA ASP B 116 15.56 39.42 -49.92
C ASP B 116 16.91 39.87 -49.38
N ILE B 117 17.11 39.85 -48.07
CA ILE B 117 18.34 40.39 -47.48
C ILE B 117 19.51 39.41 -47.52
N CYS B 118 19.26 38.13 -47.79
CA CYS B 118 20.32 37.14 -47.81
C CYS B 118 21.05 37.16 -49.15
N LEU B 119 22.03 36.28 -49.29
CA LEU B 119 22.80 36.17 -50.51
C LEU B 119 22.01 35.48 -51.60
N THR B 127 14.17 32.62 -52.85
CA THR B 127 15.38 31.81 -52.89
C THR B 127 15.78 31.33 -51.50
N ASN B 128 16.37 30.15 -51.43
CA ASN B 128 16.81 29.60 -50.16
C ASN B 128 18.02 30.37 -49.65
N CYS B 129 18.00 30.74 -48.37
CA CYS B 129 19.05 31.53 -47.75
C CYS B 129 19.91 30.65 -46.85
N THR B 130 20.94 31.26 -46.28
CA THR B 130 21.86 30.57 -45.38
C THR B 130 21.36 30.74 -43.95
N ILE B 131 20.92 29.63 -43.34
CA ILE B 131 20.46 29.62 -41.96
C ILE B 131 21.33 28.62 -41.21
N LEU B 132 21.95 29.08 -40.11
CA LEU B 132 22.80 28.25 -39.28
C LEU B 132 22.15 28.10 -37.91
N SER B 133 21.66 26.90 -37.62
CA SER B 133 21.02 26.56 -36.36
C SER B 133 20.92 25.04 -36.29
N VAL B 134 20.18 24.54 -35.30
CA VAL B 134 19.76 23.15 -35.34
C VAL B 134 18.70 22.95 -36.41
N LEU B 135 17.97 24.02 -36.76
CA LEU B 135 16.80 23.89 -37.61
C LEU B 135 17.17 23.61 -39.06
N ASN B 136 18.35 24.05 -39.51
CA ASN B 136 18.76 23.76 -40.88
C ASN B 136 19.05 22.28 -41.09
N TYR B 137 19.30 21.54 -40.01
CA TYR B 137 19.40 20.09 -40.10
C TYR B 137 18.08 19.48 -40.53
N PHE B 138 16.97 20.16 -40.23
CA PHE B 138 15.64 19.76 -40.68
C PHE B 138 15.14 20.61 -41.85
N GLN B 139 16.03 21.39 -42.47
CA GLN B 139 15.69 22.31 -43.57
C GLN B 139 14.65 23.35 -43.15
N ASN B 140 14.61 23.67 -41.86
CA ASN B 140 13.74 24.71 -41.31
C ASN B 140 12.27 24.47 -41.67
N SER B 141 11.85 23.21 -41.61
CA SER B 141 10.49 22.84 -41.95
C SER B 141 9.87 22.01 -40.84
N HIS B 142 8.55 22.15 -40.70
CA HIS B 142 7.84 21.53 -39.58
C HIS B 142 7.84 20.00 -39.68
N SER B 143 7.65 19.47 -40.90
CA SER B 143 7.48 18.03 -41.06
C SER B 143 8.74 17.27 -40.70
N VAL B 144 9.92 17.78 -41.10
CA VAL B 144 11.16 17.07 -40.83
C VAL B 144 11.47 17.06 -39.33
N LEU B 145 11.12 18.14 -38.63
CA LEU B 145 11.35 18.18 -37.20
C LEU B 145 10.50 17.16 -36.44
N ASP B 146 9.32 16.85 -36.98
CA ASP B 146 8.44 15.84 -36.40
C ASP B 146 8.26 14.67 -37.35
N HIS B 147 9.33 14.28 -38.03
CA HIS B 147 9.31 13.20 -39.02
C HIS B 147 9.45 11.87 -38.29
N LYS B 148 8.41 11.51 -37.55
CA LYS B 148 8.45 10.33 -36.70
C LYS B 148 8.41 9.06 -37.55
N LYS B 149 9.32 8.13 -37.25
CA LYS B 149 9.35 6.82 -37.89
C LYS B 149 9.14 5.76 -36.81
N GLY B 150 8.14 4.91 -37.00
CA GLY B 150 7.93 3.82 -36.07
C GLY B 150 6.48 3.36 -36.08
N ASP B 151 6.22 2.38 -35.23
CA ASP B 151 4.89 1.82 -35.07
C ASP B 151 4.16 2.56 -33.94
N ASP B 152 3.04 1.98 -33.49
CA ASP B 152 2.22 2.60 -32.46
C ASP B 152 2.80 2.50 -31.07
N PHE B 153 3.88 1.73 -30.87
CA PHE B 153 4.43 1.52 -29.53
C PHE B 153 5.82 2.10 -29.35
N PHE B 154 6.65 2.09 -30.37
CA PHE B 154 7.97 2.74 -30.33
C PHE B 154 8.07 3.76 -31.45
N VAL B 155 8.79 4.84 -31.17
CA VAL B 155 9.31 5.70 -32.22
C VAL B 155 10.76 5.26 -32.46
N TYR B 156 10.99 4.58 -33.58
CA TYR B 156 12.34 4.11 -33.88
C TYR B 156 13.28 5.28 -34.10
N ALA B 157 12.80 6.33 -34.75
CA ALA B 157 13.67 7.43 -35.17
C ALA B 157 12.80 8.68 -35.30
N ASP B 158 12.91 9.58 -34.32
CA ASP B 158 12.09 10.77 -34.26
C ASP B 158 12.91 12.04 -34.44
N TYR B 159 13.96 12.23 -33.64
CA TYR B 159 14.79 13.43 -33.70
C TYR B 159 16.28 13.08 -33.77
N HIS B 160 16.60 11.93 -34.36
CA HIS B 160 17.98 11.56 -34.62
C HIS B 160 18.22 11.03 -36.03
N THR B 161 17.20 11.02 -36.91
CA THR B 161 17.44 10.78 -38.32
C THR B 161 18.35 11.83 -38.92
N HIS B 162 18.24 13.06 -38.42
CA HIS B 162 18.96 14.19 -38.97
C HIS B 162 19.98 14.78 -38.01
N PHE B 163 19.78 14.61 -36.71
CA PHE B 163 20.66 15.21 -35.71
C PHE B 163 21.83 14.28 -35.35
N LEU B 164 21.51 13.09 -34.82
CA LEU B 164 22.56 12.18 -34.36
C LEU B 164 23.12 11.31 -35.47
N TYR B 165 22.44 11.21 -36.62
CA TYR B 165 22.94 10.37 -37.70
C TYR B 165 24.22 10.93 -38.30
N CYS B 166 24.31 12.26 -38.41
CA CYS B 166 25.47 12.88 -39.05
C CYS B 166 26.21 13.83 -38.11
N VAL B 167 26.44 13.40 -36.88
CA VAL B 167 27.29 14.14 -35.95
C VAL B 167 28.75 14.02 -36.39
N ASP B 181 16.96 9.77 -45.28
CA ASP B 181 16.64 11.17 -45.10
C ASP B 181 17.89 11.97 -44.77
N PRO B 182 18.43 12.69 -45.76
CA PRO B 182 19.70 13.40 -45.56
C PRO B 182 19.54 14.61 -44.65
N CYS B 183 20.65 14.95 -43.99
CA CYS B 183 20.72 16.10 -43.09
C CYS B 183 21.41 17.28 -43.75
N LEU B 184 21.39 17.35 -45.08
CA LEU B 184 22.06 18.43 -45.80
C LEU B 184 21.38 19.77 -45.52
N GLY B 185 22.19 20.82 -45.42
CA GLY B 185 21.65 22.14 -45.20
C GLY B 185 20.87 22.66 -46.40
N THR B 186 19.99 23.61 -46.12
CA THR B 186 19.12 24.18 -47.15
C THR B 186 19.84 25.17 -48.06
N PHE B 187 21.05 25.59 -47.72
CA PHE B 187 21.81 26.55 -48.52
C PHE B 187 22.95 25.89 -49.28
N GLY B 188 22.99 24.56 -49.34
CA GLY B 188 24.00 23.88 -50.13
C GLY B 188 25.39 23.88 -49.53
N GLY B 189 25.51 24.08 -48.23
CA GLY B 189 26.80 24.09 -47.58
C GLY B 189 26.95 22.99 -46.55
N PRO B 190 28.19 22.71 -46.15
CA PRO B 190 28.42 21.67 -45.14
C PRO B 190 27.90 22.09 -43.78
N VAL B 191 27.52 21.11 -42.97
CA VAL B 191 26.98 21.34 -41.64
C VAL B 191 27.84 20.60 -40.62
N PHE B 192 27.90 21.16 -39.41
CA PHE B 192 28.67 20.57 -38.32
C PHE B 192 27.85 20.63 -37.04
N PRO B 193 27.94 19.60 -36.19
CA PRO B 193 27.19 19.61 -34.93
C PRO B 193 27.79 20.49 -33.85
N TRP B 194 28.98 21.05 -34.07
CA TRP B 194 29.65 21.86 -33.07
C TRP B 194 29.46 23.36 -33.28
N LEU B 195 29.06 23.79 -34.49
CA LEU B 195 28.86 25.21 -34.75
C LEU B 195 27.63 25.76 -34.04
N VAL B 196 26.70 24.91 -33.61
CA VAL B 196 25.41 25.35 -33.10
C VAL B 196 25.26 25.11 -31.61
N LEU B 197 25.81 24.02 -31.08
CA LEU B 197 25.59 23.64 -29.69
C LEU B 197 26.71 24.23 -28.84
N GLY B 198 26.35 25.16 -27.95
CA GLY B 198 27.28 25.77 -27.04
C GLY B 198 27.05 25.30 -25.62
N GLY B 199 28.12 25.27 -24.83
CA GLY B 199 28.05 24.72 -23.49
C GLY B 199 28.37 23.25 -23.40
N TYR B 200 28.81 22.63 -24.48
CA TYR B 200 29.17 21.22 -24.47
C TYR B 200 30.45 20.99 -23.67
N ASP B 201 30.65 19.75 -23.25
CA ASP B 201 31.78 19.36 -22.42
C ASP B 201 32.67 18.39 -23.18
N ASP B 202 33.98 18.66 -23.15
CA ASP B 202 35.02 17.80 -23.73
C ASP B 202 34.76 17.65 -25.23
N GLN B 203 35.00 16.48 -25.81
CA GLN B 203 34.84 16.28 -27.24
C GLN B 203 33.39 16.04 -27.65
N ASN B 204 32.49 15.77 -26.70
CA ASN B 204 31.10 15.51 -27.04
C ASN B 204 30.43 16.80 -27.51
N TYR B 205 29.85 16.75 -28.71
CA TYR B 205 29.17 17.92 -29.28
C TYR B 205 27.69 17.94 -28.95
N ASN B 206 27.07 16.77 -28.73
CA ASN B 206 25.64 16.65 -28.49
C ASN B 206 25.32 16.52 -27.00
N ASN B 207 26.06 17.22 -26.14
CA ASN B 207 25.87 17.15 -24.70
C ASN B 207 25.98 18.56 -24.13
N ALA B 208 25.31 19.50 -24.80
CA ALA B 208 25.34 20.91 -24.46
C ALA B 208 24.02 21.32 -23.82
N THR B 209 23.87 22.63 -23.56
CA THR B 209 22.69 23.15 -22.89
C THR B 209 22.11 24.39 -23.55
N ALA B 210 22.65 24.83 -24.69
CA ALA B 210 22.17 26.03 -25.35
C ALA B 210 22.24 25.84 -26.86
N LEU B 211 21.42 26.63 -27.56
CA LEU B 211 21.35 26.61 -29.02
C LEU B 211 21.78 27.97 -29.55
N VAL B 212 22.66 27.97 -30.54
CA VAL B 212 23.19 29.19 -31.14
C VAL B 212 22.63 29.31 -32.55
N ILE B 213 21.86 30.37 -32.79
CA ILE B 213 21.27 30.64 -34.09
C ILE B 213 21.85 31.95 -34.61
N THR B 214 22.41 31.91 -35.82
CA THR B 214 22.96 33.09 -36.46
C THR B 214 22.41 33.22 -37.87
N PHE B 215 22.29 34.46 -38.32
CA PHE B 215 21.72 34.77 -39.64
C PHE B 215 22.76 35.51 -40.46
N PRO B 216 23.49 34.84 -41.35
CA PRO B 216 24.50 35.53 -42.18
C PRO B 216 23.83 36.50 -43.14
N VAL B 217 24.19 37.77 -43.03
CA VAL B 217 23.67 38.83 -43.87
C VAL B 217 24.84 39.48 -44.59
N ASN B 218 24.67 39.73 -45.88
CA ASN B 218 25.74 40.32 -46.68
C ASN B 218 26.11 41.70 -46.17
N ASN B 219 27.41 41.99 -46.18
CA ASN B 219 27.89 43.28 -45.69
C ASN B 219 27.43 44.42 -46.58
N TYR B 220 27.24 44.17 -47.88
CA TYR B 220 26.77 45.17 -48.85
C TYR B 220 27.69 46.40 -48.88
N TYR B 221 28.99 46.15 -48.78
CA TYR B 221 29.95 47.26 -48.79
C TYR B 221 30.05 47.89 -50.17
N ASN B 222 29.95 47.09 -51.23
CA ASN B 222 30.05 47.58 -52.59
C ASN B 222 28.72 47.98 -53.20
N ASP B 223 27.61 47.74 -52.49
CA ASP B 223 26.28 48.07 -52.99
C ASP B 223 25.44 48.57 -51.81
N THR B 224 25.30 49.89 -51.69
CA THR B 224 24.51 50.47 -50.61
C THR B 224 23.02 50.49 -50.90
N GLU B 225 22.60 50.15 -52.11
CA GLU B 225 21.17 50.11 -52.42
C GLU B 225 20.47 49.02 -51.63
N LYS B 226 21.08 47.84 -51.54
CA LYS B 226 20.54 46.75 -50.74
C LYS B 226 21.00 46.77 -49.29
N LEU B 227 21.92 47.67 -48.94
CA LEU B 227 22.37 47.77 -47.56
C LEU B 227 21.27 48.31 -46.65
N GLN B 228 20.52 49.32 -47.13
CA GLN B 228 19.43 49.88 -46.33
C GLN B 228 18.31 48.86 -46.15
N ARG B 229 18.12 47.96 -47.12
CA ARG B 229 17.18 46.86 -46.94
C ARG B 229 17.66 45.92 -45.83
N ALA B 230 18.98 45.74 -45.72
CA ALA B 230 19.58 44.88 -44.71
C ALA B 230 19.90 45.63 -43.41
N GLN B 231 19.56 46.91 -43.32
CA GLN B 231 19.89 47.72 -42.15
C GLN B 231 18.68 48.02 -41.27
N ALA B 232 17.50 48.21 -41.85
CA ALA B 232 16.33 48.63 -41.10
C ALA B 232 15.38 47.50 -40.73
N TRP B 233 15.67 46.26 -41.15
CA TRP B 233 14.73 45.18 -40.86
C TRP B 233 14.84 44.73 -39.41
N GLU B 234 16.06 44.72 -38.86
CA GLU B 234 16.29 44.23 -37.51
C GLU B 234 16.27 45.34 -36.46
N LYS B 235 16.04 46.59 -36.87
CA LYS B 235 15.85 47.65 -35.89
C LYS B 235 14.62 47.39 -35.03
N GLU B 236 13.54 46.89 -35.66
CA GLU B 236 12.39 46.43 -34.90
C GLU B 236 12.63 45.07 -34.24
N PHE B 237 13.44 44.23 -34.88
CA PHE B 237 13.68 42.89 -34.34
C PHE B 237 14.48 42.94 -33.04
N ILE B 238 15.46 43.82 -32.94
CA ILE B 238 16.18 43.98 -31.68
C ILE B 238 15.26 44.56 -30.61
N ASN B 239 14.27 45.35 -31.01
CA ASN B 239 13.22 45.74 -30.08
C ASN B 239 12.22 44.61 -29.86
N PHE B 240 12.11 43.69 -30.83
CA PHE B 240 11.16 42.59 -30.71
C PHE B 240 11.66 41.51 -29.77
N VAL B 241 12.97 41.25 -29.76
CA VAL B 241 13.51 40.16 -28.95
C VAL B 241 13.38 40.46 -27.46
N LYS B 242 13.57 41.73 -27.08
CA LYS B 242 13.38 42.12 -25.68
C LYS B 242 11.92 42.23 -25.31
N ASN B 243 11.03 42.37 -26.29
CA ASN B 243 9.59 42.45 -26.05
C ASN B 243 8.85 41.21 -26.56
N TYR B 244 9.57 40.13 -26.82
CA TYR B 244 8.96 38.91 -27.34
C TYR B 244 8.09 38.26 -26.27
N LYS B 245 6.87 37.88 -26.64
CA LYS B 245 5.98 37.15 -25.74
C LYS B 245 6.38 35.68 -25.79
N ASN B 246 7.11 35.24 -24.77
CA ASN B 246 7.58 33.86 -24.71
C ASN B 246 7.56 33.34 -23.28
N PRO B 247 6.64 32.42 -22.96
CA PRO B 247 6.57 31.90 -21.58
C PRO B 247 7.53 30.76 -21.29
N ASN B 248 8.12 30.14 -22.31
CA ASN B 248 9.03 29.02 -22.11
C ASN B 248 10.44 29.31 -22.58
N LEU B 249 10.62 29.75 -23.81
CA LEU B 249 11.95 30.02 -24.34
C LEU B 249 12.39 31.42 -23.94
N THR B 250 13.67 31.53 -23.58
CA THR B 250 14.28 32.82 -23.23
C THR B 250 15.46 33.07 -24.16
N ILE B 251 15.47 34.23 -24.81
CA ILE B 251 16.52 34.60 -25.75
C ILE B 251 17.15 35.90 -25.30
N SER B 252 18.41 36.10 -25.68
CA SER B 252 19.16 37.28 -25.31
C SER B 252 20.37 37.40 -26.23
N PHE B 253 21.18 38.42 -25.96
CA PHE B 253 22.41 38.66 -26.72
C PHE B 253 23.58 38.12 -25.91
N THR B 254 24.32 37.19 -26.49
CA THR B 254 25.47 36.53 -25.85
C THR B 254 25.11 35.93 -24.49
N LEU C 40 -8.71 46.77 18.64
CA LEU C 40 -8.05 47.66 19.60
C LEU C 40 -8.84 47.73 20.90
N GLU C 41 -8.11 47.85 22.01
CA GLU C 41 -8.73 47.94 23.33
C GLU C 41 -8.23 49.10 24.17
N LYS C 42 -7.02 49.62 23.92
CA LYS C 42 -6.50 50.70 24.74
C LYS C 42 -7.24 52.01 24.50
N GLU C 43 -7.56 52.31 23.24
CA GLU C 43 -8.22 53.57 22.93
C GLU C 43 -9.69 53.55 23.34
N TYR C 44 -10.37 52.42 23.14
CA TYR C 44 -11.80 52.34 23.47
C TYR C 44 -12.01 52.34 24.98
N PHE C 45 -11.12 51.69 25.73
CA PHE C 45 -11.22 51.65 27.18
C PHE C 45 -10.52 52.81 27.86
N ASP C 46 -9.95 53.75 27.09
CA ASP C 46 -9.33 54.92 27.68
C ASP C 46 -10.36 55.79 28.39
N GLN C 47 -11.54 55.95 27.80
CA GLN C 47 -12.60 56.73 28.43
C GLN C 47 -13.19 56.04 29.64
N HIS C 48 -13.04 54.72 29.74
CA HIS C 48 -13.53 53.97 30.89
C HIS C 48 -12.57 53.99 32.08
N PHE C 49 -11.40 54.61 31.93
CA PHE C 49 -10.43 54.69 33.02
C PHE C 49 -10.78 55.74 34.06
N GLY C 50 -11.82 56.53 33.83
CA GLY C 50 -12.21 57.55 34.78
C GLY C 50 -12.94 56.95 35.98
N PRO C 51 -13.36 57.83 36.88
CA PRO C 51 -14.03 57.37 38.11
C PRO C 51 -15.45 56.89 37.88
N PHE C 52 -15.62 55.89 37.02
CA PHE C 52 -16.92 55.29 36.76
C PHE C 52 -16.99 53.83 37.16
N PHE C 53 -16.06 53.01 36.68
CA PHE C 53 -16.01 51.60 37.03
C PHE C 53 -14.56 51.14 37.07
N ARG C 54 -14.32 50.07 37.81
CA ARG C 54 -12.99 49.47 37.93
C ARG C 54 -13.10 48.05 37.38
N THR C 55 -12.29 47.72 36.39
CA THR C 55 -12.34 46.43 35.72
C THR C 55 -11.07 45.64 35.99
N GLU C 56 -11.23 44.33 36.15
CA GLU C 56 -10.11 43.41 36.34
C GLU C 56 -9.91 42.65 35.04
N GLN C 57 -8.74 42.80 34.43
CA GLN C 57 -8.44 42.18 33.15
C GLN C 57 -7.48 41.00 33.35
N LEU C 58 -7.87 39.85 32.81
CA LEU C 58 -7.01 38.68 32.79
C LEU C 58 -7.01 38.11 31.38
N ILE C 59 -5.95 37.40 31.03
CA ILE C 59 -5.77 36.85 29.69
C ILE C 59 -5.67 35.34 29.81
N ILE C 60 -6.53 34.62 29.08
CA ILE C 60 -6.53 33.17 29.02
C ILE C 60 -6.04 32.78 27.64
N ARG C 61 -4.99 31.96 27.59
CA ARG C 61 -4.36 31.58 26.34
C ARG C 61 -4.17 30.06 26.30
N ALA C 62 -4.30 29.49 25.11
CA ALA C 62 -4.19 28.05 24.91
C ALA C 62 -2.85 27.72 24.26
N PRO C 63 -1.90 27.15 25.00
CA PRO C 63 -0.57 26.89 24.42
C PRO C 63 -0.54 25.82 23.34
N LEU C 64 -1.06 24.64 23.64
CA LEU C 64 -0.85 23.46 22.81
C LEU C 64 -2.07 23.04 22.00
N THR C 65 -3.19 23.75 22.12
CA THR C 65 -4.36 23.40 21.33
C THR C 65 -4.13 23.74 19.86
N ASP C 66 -4.49 22.81 18.99
CA ASP C 66 -4.25 22.97 17.56
C ASP C 66 -5.21 23.99 16.95
N LYS C 67 -4.94 24.35 15.70
CA LYS C 67 -5.76 25.34 15.02
C LYS C 67 -7.14 24.78 14.73
N HIS C 68 -8.15 25.61 15.00
CA HIS C 68 -9.56 25.16 14.83
C HIS C 68 -10.28 25.97 13.75
N ILE C 69 -11.04 25.28 12.90
CA ILE C 69 -11.80 25.90 11.82
C ILE C 69 -13.26 25.49 11.96
N TYR C 70 -14.15 26.32 11.43
CA TYR C 70 -15.57 26.01 11.39
C TYR C 70 -16.08 26.23 9.97
N GLN C 71 -16.82 25.25 9.46
CA GLN C 71 -17.44 25.40 8.17
C GLN C 71 -18.96 25.40 8.31
N PRO C 72 -19.67 26.27 7.59
CA PRO C 72 -21.13 26.32 7.71
C PRO C 72 -21.77 25.03 7.23
N TYR C 73 -22.94 24.73 7.79
CA TYR C 73 -23.62 23.47 7.46
C TYR C 73 -24.03 23.36 5.99
N PRO C 74 -24.72 24.33 5.36
CA PRO C 74 -25.07 24.14 3.95
C PRO C 74 -23.84 24.10 3.04
N SER C 75 -23.06 25.18 3.07
CA SER C 75 -21.81 25.37 2.35
C SER C 75 -21.26 26.74 2.75
N GLY C 76 -20.01 26.97 2.44
CA GLY C 76 -19.41 28.27 2.66
C GLY C 76 -17.92 28.16 2.88
N ALA C 77 -17.32 29.29 3.23
CA ALA C 77 -15.89 29.36 3.49
C ALA C 77 -15.59 28.89 4.91
N ASP C 78 -14.47 28.21 5.07
CA ASP C 78 -14.04 27.72 6.38
C ASP C 78 -13.45 28.88 7.17
N VAL C 79 -14.17 29.35 8.17
CA VAL C 79 -13.73 30.45 9.01
C VAL C 79 -12.88 29.89 10.14
N PRO C 80 -11.61 30.28 10.25
CA PRO C 80 -10.78 29.75 11.35
C PRO C 80 -10.97 30.57 12.62
N PHE C 81 -11.01 29.86 13.73
CA PHE C 81 -11.15 30.46 15.05
C PHE C 81 -9.77 30.56 15.71
N GLY C 82 -9.75 30.97 16.97
CA GLY C 82 -8.46 31.08 17.68
C GLY C 82 -8.16 29.81 18.45
N PRO C 83 -6.88 29.52 18.79
CA PRO C 83 -6.58 28.36 19.62
C PRO C 83 -7.57 28.15 20.77
N PRO C 84 -7.92 29.17 21.58
CA PRO C 84 -8.81 28.96 22.71
C PRO C 84 -10.28 28.72 22.37
N LEU C 85 -10.56 28.16 21.19
CA LEU C 85 -11.97 27.97 20.78
C LEU C 85 -12.19 26.53 20.29
N ASP C 86 -11.92 25.53 21.14
CA ASP C 86 -12.16 24.11 20.77
C ASP C 86 -13.03 23.46 21.85
N ILE C 87 -13.90 22.52 21.44
CA ILE C 87 -14.86 21.88 22.40
C ILE C 87 -14.15 21.66 23.76
N GLN C 88 -13.02 20.97 23.76
CA GLN C 88 -12.31 20.65 25.03
C GLN C 88 -12.04 21.94 25.82
N ILE C 89 -11.26 22.86 25.27
CA ILE C 89 -10.90 24.12 26.00
C ILE C 89 -12.15 25.00 26.11
N LEU C 90 -12.07 26.11 26.86
CA LEU C 90 -13.22 27.03 27.04
C LEU C 90 -14.22 26.41 28.02
N HIS C 91 -14.41 25.09 27.96
CA HIS C 91 -15.30 24.42 28.95
C HIS C 91 -14.55 24.37 30.28
N GLN C 92 -13.25 24.05 30.22
CA GLN C 92 -12.43 24.07 31.44
C GLN C 92 -12.40 25.53 31.92
N VAL C 93 -12.59 26.48 31.00
CA VAL C 93 -12.67 27.91 31.40
C VAL C 93 -14.05 28.12 32.02
N LEU C 94 -15.08 27.53 31.43
CA LEU C 94 -16.42 27.60 32.07
C LEU C 94 -16.26 26.97 33.46
N ASP C 95 -15.62 25.80 33.55
CA ASP C 95 -15.36 25.27 34.88
C ASP C 95 -14.51 26.22 35.71
N LEU C 96 -13.52 26.85 35.07
CA LEU C 96 -12.70 27.84 35.76
C LEU C 96 -13.55 29.01 36.23
N GLN C 97 -14.47 29.48 35.40
CA GLN C 97 -15.34 30.59 35.80
C GLN C 97 -16.29 30.17 36.92
N ILE C 98 -16.80 28.94 36.87
CA ILE C 98 -17.66 28.45 37.95
C ILE C 98 -16.88 28.40 39.26
N ALA C 99 -15.65 27.90 39.21
CA ALA C 99 -14.83 27.83 40.42
C ALA C 99 -14.45 29.23 40.91
N ILE C 100 -14.30 30.18 40.00
CA ILE C 100 -14.04 31.57 40.38
C ILE C 100 -15.23 32.14 41.14
N GLU C 101 -16.44 31.94 40.60
CA GLU C 101 -17.60 32.61 41.18
C GLU C 101 -18.10 31.92 42.45
N ASN C 102 -18.03 30.59 42.54
CA ASN C 102 -18.64 29.91 43.68
C ASN C 102 -17.80 30.02 44.95
N ILE C 103 -16.48 30.04 44.84
CA ILE C 103 -15.63 30.14 46.03
C ILE C 103 -15.67 31.56 46.58
N THR C 104 -15.99 31.68 47.86
CA THR C 104 -16.02 32.96 48.55
C THR C 104 -15.12 32.89 49.78
N ALA C 105 -14.49 34.01 50.10
CA ALA C 105 -13.58 34.12 51.24
C ALA C 105 -14.33 34.76 52.40
N SER C 106 -14.54 34.00 53.47
CA SER C 106 -15.26 34.49 54.63
C SER C 106 -14.45 35.55 55.37
N TYR C 107 -15.13 36.61 55.80
CA TYR C 107 -14.51 37.68 56.55
C TYR C 107 -15.35 37.97 57.78
N ASP C 108 -14.77 37.75 58.96
CA ASP C 108 -15.40 37.97 60.27
C ASP C 108 -16.66 37.09 60.33
N ASN C 109 -17.76 37.57 60.90
CA ASN C 109 -19.00 36.81 61.01
C ASN C 109 -20.02 37.21 59.96
N GLU C 110 -19.66 38.06 59.00
CA GLU C 110 -20.58 38.50 57.98
C GLU C 110 -20.67 37.47 56.86
N THR C 111 -21.73 37.59 56.06
CA THR C 111 -21.98 36.68 54.95
C THR C 111 -21.32 37.23 53.69
N VAL C 112 -20.54 36.39 53.02
CA VAL C 112 -19.76 36.78 51.84
C VAL C 112 -20.40 36.11 50.63
N THR C 113 -21.01 36.91 49.76
CA THR C 113 -21.60 36.44 48.52
C THR C 113 -21.19 37.35 47.38
N LEU C 114 -21.02 36.75 46.19
CA LEU C 114 -20.70 37.52 45.00
C LEU C 114 -21.91 38.24 44.43
N GLN C 115 -23.11 37.66 44.58
CA GLN C 115 -24.31 38.23 43.98
C GLN C 115 -24.64 39.60 44.56
N ASP C 116 -24.45 39.77 45.87
CA ASP C 116 -24.82 41.03 46.52
C ASP C 116 -23.89 42.17 46.15
N ILE C 117 -22.66 41.88 45.72
CA ILE C 117 -21.70 42.94 45.41
C ILE C 117 -21.52 43.17 43.91
N CYS C 118 -21.87 42.20 43.07
CA CYS C 118 -21.74 42.37 41.63
C CYS C 118 -22.86 43.25 41.09
N LEU C 119 -22.54 44.02 40.06
CA LEU C 119 -23.52 44.93 39.46
C LEU C 119 -24.49 44.17 38.57
N ASN C 128 -25.46 35.94 35.27
CA ASN C 128 -26.09 36.62 36.39
C ASN C 128 -25.49 38.01 36.61
N CYS C 129 -24.21 38.03 36.97
CA CYS C 129 -23.50 39.27 37.22
C CYS C 129 -22.96 39.86 35.91
N THR C 130 -22.24 40.97 36.03
CA THR C 130 -21.62 41.62 34.88
C THR C 130 -20.41 40.82 34.46
N ILE C 131 -20.56 40.01 33.41
CA ILE C 131 -19.50 39.18 32.87
C ILE C 131 -19.25 39.58 31.43
N LEU C 132 -18.00 39.84 31.08
CA LEU C 132 -17.59 40.18 29.73
C LEU C 132 -16.70 39.04 29.22
N SER C 133 -17.28 38.14 28.44
CA SER C 133 -16.57 36.98 27.94
C SER C 133 -17.24 36.50 26.66
N VAL C 134 -16.88 35.30 26.23
CA VAL C 134 -17.66 34.57 25.24
C VAL C 134 -18.75 33.75 25.91
N LEU C 135 -18.45 33.20 27.09
CA LEU C 135 -19.39 32.34 27.81
C LEU C 135 -20.63 33.09 28.27
N ASN C 136 -20.57 34.42 28.40
CA ASN C 136 -21.76 35.16 28.78
C ASN C 136 -22.80 35.19 27.66
N TYR C 137 -22.38 34.97 26.41
CA TYR C 137 -23.35 34.74 25.34
C TYR C 137 -24.10 33.43 25.57
N PHE C 138 -23.50 32.51 26.30
CA PHE C 138 -24.13 31.24 26.67
C PHE C 138 -24.70 31.29 28.09
N GLN C 139 -24.73 32.46 28.72
CA GLN C 139 -25.24 32.66 30.08
C GLN C 139 -24.48 31.81 31.11
N ASN C 140 -23.21 31.51 30.81
CA ASN C 140 -22.32 30.78 31.72
C ASN C 140 -22.91 29.45 32.17
N SER C 141 -23.55 28.74 31.24
CA SER C 141 -24.20 27.48 31.52
C SER C 141 -23.64 26.38 30.62
N HIS C 142 -23.47 25.19 31.18
CA HIS C 142 -22.90 24.08 30.42
C HIS C 142 -23.86 23.57 29.35
N SER C 143 -25.16 23.65 29.60
CA SER C 143 -26.13 23.17 28.62
C SER C 143 -26.09 23.99 27.33
N VAL C 144 -26.03 25.32 27.46
CA VAL C 144 -26.02 26.17 26.27
C VAL C 144 -24.70 26.06 25.54
N LEU C 145 -23.59 25.96 26.27
CA LEU C 145 -22.28 25.83 25.63
C LEU C 145 -22.17 24.56 24.80
N ASP C 146 -22.89 23.52 25.18
CA ASP C 146 -22.96 22.28 24.42
C ASP C 146 -24.38 22.05 23.92
N HIS C 147 -25.03 23.12 23.46
CA HIS C 147 -26.40 23.05 22.95
C HIS C 147 -26.34 22.80 21.45
N LYS C 148 -26.05 21.55 21.10
CA LYS C 148 -25.87 21.16 19.71
C LYS C 148 -27.25 20.97 19.07
N LYS C 149 -27.70 21.99 18.35
CA LYS C 149 -29.00 21.93 17.66
C LYS C 149 -28.81 21.23 16.31
N GLY C 150 -28.58 19.93 16.39
CA GLY C 150 -28.33 19.16 15.19
C GLY C 150 -28.68 17.70 15.37
N ASP C 151 -28.82 17.03 14.24
CA ASP C 151 -29.13 15.60 14.21
C ASP C 151 -27.84 14.79 14.38
N ASP C 152 -27.91 13.50 14.10
CA ASP C 152 -26.71 12.67 14.14
C ASP C 152 -25.80 12.98 12.95
N PHE C 153 -24.69 12.24 12.87
CA PHE C 153 -23.72 12.28 11.78
C PHE C 153 -22.96 13.60 11.81
N PHE C 154 -23.58 14.72 11.43
CA PHE C 154 -23.00 16.02 11.79
C PHE C 154 -24.09 16.94 12.35
N VAL C 155 -23.66 17.83 13.24
CA VAL C 155 -24.54 18.82 13.83
C VAL C 155 -24.68 19.99 12.88
N TYR C 156 -25.91 20.49 12.73
CA TYR C 156 -26.14 21.66 11.88
C TYR C 156 -25.38 22.87 12.40
N ALA C 157 -25.44 23.11 13.71
CA ALA C 157 -24.73 24.21 14.33
C ALA C 157 -24.61 23.93 15.82
N ASP C 158 -23.45 24.16 16.38
CA ASP C 158 -23.26 23.88 17.80
C ASP C 158 -22.68 25.05 18.59
N TYR C 159 -21.78 25.82 18.00
CA TYR C 159 -21.09 26.88 18.73
C TYR C 159 -21.32 28.26 18.15
N HIS C 160 -21.24 28.43 16.83
CA HIS C 160 -21.43 29.74 16.22
C HIS C 160 -22.90 30.14 16.14
N THR C 161 -23.82 29.25 16.54
CA THR C 161 -25.23 29.56 16.57
C THR C 161 -25.65 30.33 17.82
N HIS C 162 -24.72 30.61 18.72
CA HIS C 162 -24.97 31.50 19.85
C HIS C 162 -23.99 32.65 19.93
N PHE C 163 -22.98 32.68 19.08
CA PHE C 163 -21.91 33.68 19.15
C PHE C 163 -22.23 34.87 18.25
N LEU C 164 -22.40 34.63 16.97
CA LEU C 164 -22.73 35.66 15.98
C LEU C 164 -23.85 35.19 15.07
N TYR C 165 -24.92 34.65 15.67
CA TYR C 165 -26.03 34.09 14.91
C TYR C 165 -27.11 35.13 14.65
N CYS C 166 -27.69 35.68 15.72
CA CYS C 166 -28.77 36.65 15.60
C CYS C 166 -28.51 37.89 16.44
N VAL C 167 -27.24 38.24 16.62
CA VAL C 167 -26.86 39.39 17.43
C VAL C 167 -27.22 40.69 16.71
N ASP C 181 -32.48 30.06 20.61
CA ASP C 181 -31.23 30.65 20.12
C ASP C 181 -30.94 32.05 20.69
N PRO C 182 -30.54 32.10 21.97
CA PRO C 182 -30.21 33.39 22.58
C PRO C 182 -29.03 34.06 21.88
N CYS C 183 -29.11 35.39 21.75
CA CYS C 183 -28.05 36.17 21.13
C CYS C 183 -27.70 37.40 21.95
N LEU C 184 -28.14 37.46 23.21
CA LEU C 184 -27.93 38.63 24.06
C LEU C 184 -27.19 38.22 25.33
N GLY C 185 -26.54 39.19 25.95
CA GLY C 185 -25.79 38.92 27.16
C GLY C 185 -26.71 38.57 28.32
N THR C 186 -26.14 37.82 29.27
CA THR C 186 -26.91 37.38 30.43
C THR C 186 -27.23 38.50 31.39
N PHE C 187 -26.58 39.66 31.27
CA PHE C 187 -26.85 40.81 32.13
C PHE C 187 -27.78 41.83 31.46
N GLY C 188 -27.76 41.92 30.13
CA GLY C 188 -28.58 42.86 29.41
C GLY C 188 -27.86 44.10 28.94
N GLY C 189 -26.60 44.28 29.32
CA GLY C 189 -25.83 45.42 28.89
C GLY C 189 -25.28 45.23 27.49
N PRO C 190 -24.67 46.28 26.95
CA PRO C 190 -24.09 46.19 25.62
C PRO C 190 -22.87 45.28 25.60
N VAL C 191 -22.70 44.55 24.49
CA VAL C 191 -21.56 43.67 24.33
C VAL C 191 -21.27 43.52 22.84
N PHE C 192 -19.99 43.51 22.50
CA PHE C 192 -19.50 43.42 21.13
C PHE C 192 -18.57 42.23 21.00
N PRO C 193 -18.51 41.59 19.83
CA PRO C 193 -17.63 40.43 19.67
C PRO C 193 -16.15 40.75 19.72
N TRP C 194 -15.76 42.01 19.55
CA TRP C 194 -14.35 42.40 19.60
C TRP C 194 -13.91 42.84 20.98
N LEU C 195 -14.80 42.80 21.98
CA LEU C 195 -14.42 43.11 23.35
C LEU C 195 -13.85 41.91 24.11
N VAL C 196 -13.94 40.72 23.55
CA VAL C 196 -13.46 39.52 24.22
C VAL C 196 -12.38 38.83 23.39
N LEU C 197 -12.44 38.98 22.08
CA LEU C 197 -11.42 38.43 21.19
C LEU C 197 -10.25 39.42 21.12
N GLY C 198 -9.10 39.03 21.67
CA GLY C 198 -7.92 39.85 21.65
C GLY C 198 -6.90 39.32 20.65
N GLY C 199 -6.53 40.16 19.71
CA GLY C 199 -5.65 39.77 18.62
C GLY C 199 -6.31 39.62 17.27
N TYR C 200 -7.54 40.10 17.11
CA TYR C 200 -8.24 39.99 15.85
C TYR C 200 -7.60 40.87 14.78
N ASP C 201 -7.90 40.56 13.53
CA ASP C 201 -7.33 41.25 12.37
C ASP C 201 -8.41 42.13 11.75
N ASP C 202 -8.38 43.42 12.09
CA ASP C 202 -9.20 44.46 11.46
C ASP C 202 -10.69 44.21 11.63
N GLN C 203 -11.38 43.94 10.53
CA GLN C 203 -12.84 43.89 10.48
C GLN C 203 -13.42 42.52 10.81
N ASN C 204 -12.59 41.53 11.10
CA ASN C 204 -13.10 40.21 11.46
C ASN C 204 -13.78 40.22 12.83
N TYR C 205 -13.10 40.79 13.83
CA TYR C 205 -13.49 40.78 15.24
C TYR C 205 -13.63 39.38 15.83
N ASN C 206 -13.27 38.33 15.07
CA ASN C 206 -13.36 36.97 15.56
C ASN C 206 -12.17 36.11 15.16
N ASN C 207 -11.14 36.71 14.56
CA ASN C 207 -9.98 36.01 14.03
C ASN C 207 -8.78 36.20 14.94
N ALA C 208 -9.02 36.18 16.25
CA ALA C 208 -8.00 36.43 17.26
C ALA C 208 -7.35 35.12 17.70
N THR C 209 -6.52 35.19 18.74
CA THR C 209 -5.80 34.02 19.24
C THR C 209 -5.81 33.87 20.75
N ALA C 210 -6.27 34.88 21.50
CA ALA C 210 -6.29 34.79 22.96
C ALA C 210 -7.60 35.35 23.48
N LEU C 211 -8.02 34.86 24.63
CA LEU C 211 -9.25 35.30 25.28
C LEU C 211 -8.92 36.29 26.39
N VAL C 212 -9.79 37.28 26.57
CA VAL C 212 -9.66 38.24 27.66
C VAL C 212 -10.93 38.20 28.50
N ILE C 213 -10.74 38.19 29.82
CA ILE C 213 -11.84 38.18 30.78
C ILE C 213 -11.79 39.47 31.59
N THR C 214 -12.96 40.10 31.73
CA THR C 214 -13.10 41.39 32.39
C THR C 214 -14.21 41.30 33.43
N PHE C 215 -13.89 41.68 34.67
CA PHE C 215 -14.86 41.73 35.77
C PHE C 215 -15.02 43.17 36.21
N PRO C 216 -16.03 43.88 35.70
CA PRO C 216 -16.27 45.25 36.16
C PRO C 216 -16.87 45.28 37.56
N VAL C 217 -16.06 45.70 38.53
CA VAL C 217 -16.44 45.73 39.93
C VAL C 217 -16.48 47.18 40.39
N ASN C 218 -17.49 47.52 41.17
CA ASN C 218 -17.63 48.87 41.70
C ASN C 218 -16.42 49.23 42.56
N ASN C 219 -16.03 50.51 42.50
CA ASN C 219 -14.85 50.97 43.23
C ASN C 219 -15.03 50.81 44.73
N TYR C 220 -16.24 51.06 45.23
CA TYR C 220 -16.60 50.89 46.65
C TYR C 220 -15.74 51.78 47.55
N TYR C 221 -15.29 52.92 47.02
CA TYR C 221 -14.49 53.84 47.83
C TYR C 221 -15.34 54.56 48.86
N ASN C 222 -16.58 54.88 48.52
CA ASN C 222 -17.51 55.54 49.43
C ASN C 222 -18.38 54.55 50.21
N ASP C 223 -18.25 53.25 49.93
CA ASP C 223 -19.04 52.22 50.60
C ASP C 223 -18.11 51.44 51.54
N THR C 224 -18.19 51.75 52.83
CA THR C 224 -17.36 51.07 53.81
C THR C 224 -17.83 49.65 54.09
N GLU C 225 -19.12 49.35 53.84
CA GLU C 225 -19.63 48.00 54.09
C GLU C 225 -18.99 46.98 53.16
N LYS C 226 -18.83 47.32 51.89
CA LYS C 226 -18.25 46.42 50.90
C LYS C 226 -16.80 46.75 50.59
N LEU C 227 -16.18 47.66 51.34
CA LEU C 227 -14.76 47.97 51.11
C LEU C 227 -13.89 46.76 51.42
N GLN C 228 -14.13 46.10 52.54
CA GLN C 228 -13.39 44.88 52.88
C GLN C 228 -13.70 43.77 51.88
N ARG C 229 -14.94 43.70 51.41
CA ARG C 229 -15.31 42.70 50.42
C ARG C 229 -14.54 42.89 49.12
N ALA C 230 -14.45 44.13 48.65
CA ALA C 230 -13.68 44.42 47.44
C ALA C 230 -12.19 44.20 47.67
N GLN C 231 -11.70 44.45 48.89
CA GLN C 231 -10.31 44.19 49.20
C GLN C 231 -10.02 42.70 49.12
N ALA C 232 -10.91 41.88 49.66
CA ALA C 232 -10.68 40.43 49.77
C ALA C 232 -11.22 39.64 48.57
N TRP C 233 -11.82 40.30 47.59
CA TRP C 233 -12.34 39.58 46.42
C TRP C 233 -11.23 38.88 45.64
N GLU C 234 -10.12 39.58 45.39
CA GLU C 234 -9.05 39.04 44.56
C GLU C 234 -7.90 38.44 45.37
N LYS C 235 -7.99 38.45 46.70
CA LYS C 235 -6.91 37.88 47.50
C LYS C 235 -6.77 36.38 47.28
N GLU C 236 -7.90 35.67 47.16
CA GLU C 236 -7.82 34.26 46.79
C GLU C 236 -7.55 34.06 45.30
N PHE C 237 -7.86 35.04 44.46
CA PHE C 237 -7.63 34.87 43.03
C PHE C 237 -6.15 34.98 42.69
N ILE C 238 -5.43 35.90 43.34
CA ILE C 238 -4.03 36.12 43.01
C ILE C 238 -3.16 34.91 43.33
N ASN C 239 -3.61 34.02 44.22
CA ASN C 239 -2.90 32.76 44.44
C ASN C 239 -3.67 31.54 43.93
N PHE C 240 -4.92 31.71 43.50
CA PHE C 240 -5.60 30.64 42.77
C PHE C 240 -5.14 30.55 41.33
N VAL C 241 -4.66 31.66 40.76
CA VAL C 241 -4.20 31.63 39.38
C VAL C 241 -2.93 30.79 39.24
N LYS C 242 -2.09 30.74 40.28
CA LYS C 242 -0.80 30.06 40.18
C LYS C 242 -0.74 28.75 40.96
N ASN C 243 -1.87 28.25 41.47
CA ASN C 243 -1.89 26.92 42.05
C ASN C 243 -2.82 25.97 41.31
N TYR C 244 -3.71 26.46 40.46
CA TYR C 244 -4.60 25.61 39.70
C TYR C 244 -3.79 24.81 38.68
N LYS C 245 -4.03 23.50 38.64
CA LYS C 245 -3.27 22.61 37.77
C LYS C 245 -3.95 22.52 36.41
N ASN C 246 -3.26 22.98 35.38
CA ASN C 246 -3.78 22.95 34.01
C ASN C 246 -2.62 22.90 33.02
N PRO C 247 -2.46 21.81 32.27
CA PRO C 247 -1.34 21.68 31.34
C PRO C 247 -1.62 22.20 29.93
N ASN C 248 -2.79 22.80 29.69
CA ASN C 248 -3.13 23.29 28.36
C ASN C 248 -3.82 24.66 28.43
N LEU C 249 -3.46 25.48 29.41
CA LEU C 249 -4.07 26.78 29.59
C LEU C 249 -3.14 27.66 30.39
N THR C 250 -3.07 28.94 30.06
CA THR C 250 -2.26 29.90 30.79
C THR C 250 -3.09 31.14 31.12
N ILE C 251 -2.96 31.61 32.35
CA ILE C 251 -3.62 32.81 32.84
C ILE C 251 -2.56 33.86 33.10
N SER C 252 -2.73 35.04 32.52
CA SER C 252 -1.79 36.14 32.68
C SER C 252 -2.51 37.38 33.17
N PHE C 253 -1.84 38.16 34.00
CA PHE C 253 -2.40 39.38 34.55
C PHE C 253 -1.84 40.58 33.80
N THR C 254 -2.70 41.29 33.10
CA THR C 254 -2.33 42.46 32.28
C THR C 254 -1.22 42.14 31.30
N GLY D 39 -24.25 -37.28 3.92
CA GLY D 39 -23.64 -36.26 3.10
C GLY D 39 -24.65 -35.35 2.43
N THR D 40 -25.24 -34.45 3.21
CA THR D 40 -26.23 -33.51 2.71
C THR D 40 -25.77 -32.08 2.96
N LEU D 41 -26.19 -31.17 2.09
CA LEU D 41 -25.83 -29.77 2.18
C LEU D 41 -26.91 -28.96 1.50
N GLN D 42 -27.43 -27.95 2.19
CA GLN D 42 -28.56 -27.16 1.69
C GLN D 42 -28.21 -25.71 1.43
N LYS D 43 -27.36 -25.10 2.26
CA LYS D 43 -27.05 -23.69 2.14
C LYS D 43 -25.56 -23.49 2.43
N THR D 44 -24.98 -22.46 1.79
CA THR D 44 -23.53 -22.30 1.79
C THR D 44 -22.97 -22.13 3.21
N GLU D 45 -23.71 -21.47 4.09
CA GLU D 45 -23.22 -21.23 5.45
C GLU D 45 -23.35 -22.45 6.36
N ASP D 46 -23.64 -23.63 5.83
CA ASP D 46 -23.71 -24.82 6.66
C ASP D 46 -22.33 -25.34 7.03
N VAL D 47 -21.36 -25.21 6.14
CA VAL D 47 -20.03 -25.77 6.36
C VAL D 47 -19.25 -24.89 7.33
N HIS D 48 -18.49 -25.52 8.22
CA HIS D 48 -17.65 -24.83 9.17
C HIS D 48 -16.22 -25.32 9.04
N LEU D 49 -15.28 -24.45 9.41
CA LEU D 49 -13.86 -24.77 9.42
C LEU D 49 -13.36 -24.58 10.85
N MET D 50 -13.47 -25.64 11.65
CA MET D 50 -13.05 -25.58 13.04
C MET D 50 -11.54 -25.67 13.14
N GLY D 51 -10.97 -24.93 14.09
CA GLY D 51 -9.55 -25.02 14.37
C GLY D 51 -9.27 -25.74 15.67
N PHE D 52 -8.82 -26.99 15.58
CA PHE D 52 -8.50 -27.78 16.76
C PHE D 52 -7.03 -27.60 17.11
N THR D 53 -6.76 -27.26 18.36
CA THR D 53 -5.43 -26.85 18.79
C THR D 53 -4.61 -28.03 19.27
N LEU D 54 -3.28 -27.88 19.17
CA LEU D 54 -2.35 -28.90 19.63
C LEU D 54 -2.34 -29.04 21.15
N SER D 55 -2.89 -28.08 21.88
CA SER D 55 -2.83 -28.12 23.34
C SER D 55 -3.61 -29.30 23.91
N GLY D 56 -4.78 -29.59 23.35
CA GLY D 56 -5.58 -30.71 23.82
C GLY D 56 -5.10 -32.07 23.34
N GLN D 57 -4.14 -32.11 22.42
CA GLN D 57 -3.58 -33.34 21.90
C GLN D 57 -2.41 -33.85 22.72
N LYS D 58 -2.32 -33.41 23.99
CA LYS D 58 -1.18 -33.64 24.90
C LYS D 58 0.17 -33.35 24.24
N VAL D 59 0.18 -32.49 23.22
CA VAL D 59 1.40 -32.06 22.57
C VAL D 59 1.99 -30.92 23.38
N ALA D 60 3.29 -31.00 23.68
CA ALA D 60 3.93 -30.10 24.63
C ALA D 60 3.84 -28.65 24.18
N ASP D 61 3.03 -27.87 24.90
CA ASP D 61 2.86 -26.44 24.64
C ASP D 61 3.65 -25.58 25.61
N SER D 62 4.56 -26.18 26.39
CA SER D 62 5.37 -25.43 27.34
C SER D 62 6.28 -24.46 26.59
N PRO D 63 6.68 -23.35 27.23
CA PRO D 63 7.57 -22.39 26.56
C PRO D 63 8.98 -22.92 26.30
N LEU D 64 9.30 -24.13 26.75
CA LEU D 64 10.58 -24.75 26.45
C LEU D 64 10.50 -25.77 25.33
N GLU D 65 9.33 -26.35 25.10
CA GLU D 65 9.17 -27.42 24.10
C GLU D 65 8.27 -27.00 22.95
N ALA D 66 8.06 -25.70 22.75
CA ALA D 66 7.20 -25.20 21.68
C ALA D 66 7.95 -24.51 20.54
N SER D 67 9.16 -24.05 20.78
CA SER D 67 9.97 -23.43 19.72
C SER D 67 10.79 -24.44 18.95
N LYS D 68 10.66 -25.74 19.26
CA LYS D 68 11.35 -26.79 18.52
C LYS D 68 10.62 -27.24 17.27
N ARG D 69 9.38 -26.78 17.06
CA ARG D 69 8.57 -27.21 15.93
C ARG D 69 8.45 -26.14 14.85
N TRP D 70 9.28 -25.12 14.91
CA TRP D 70 9.26 -24.02 13.95
C TRP D 70 10.65 -23.84 13.37
N ALA D 71 10.71 -23.30 12.16
CA ALA D 71 11.99 -23.07 11.48
C ALA D 71 11.80 -21.96 10.45
N PHE D 72 12.79 -21.81 9.57
CA PHE D 72 12.77 -20.77 8.55
C PHE D 72 13.18 -21.35 7.19
N ARG D 73 12.76 -20.66 6.13
CA ARG D 73 13.13 -21.02 4.79
C ARG D 73 13.00 -19.80 3.89
N THR D 74 13.88 -19.71 2.89
CA THR D 74 13.82 -18.68 1.87
C THR D 74 13.45 -19.33 0.54
N GLY D 75 12.36 -18.87 -0.06
CA GLY D 75 11.95 -19.37 -1.36
C GLY D 75 10.49 -19.76 -1.45
N VAL D 76 9.76 -19.64 -0.35
CA VAL D 76 8.35 -20.02 -0.34
C VAL D 76 7.49 -18.78 -0.09
N PRO D 77 6.30 -18.70 -0.66
CA PRO D 77 5.44 -17.52 -0.46
C PRO D 77 4.48 -17.71 0.70
N PRO D 78 4.15 -16.65 1.42
CA PRO D 78 3.16 -16.76 2.49
C PRO D 78 1.75 -16.95 1.93
N LYS D 79 0.95 -17.73 2.66
CA LYS D 79 -0.42 -18.02 2.25
C LYS D 79 -1.34 -17.93 3.45
N ASN D 80 -2.62 -17.70 3.19
CA ASN D 80 -3.62 -17.53 4.22
C ASN D 80 -4.86 -18.36 3.89
N VAL D 81 -5.58 -18.77 4.93
CA VAL D 81 -6.83 -19.50 4.79
C VAL D 81 -7.78 -19.07 5.91
N GLU D 82 -9.01 -18.73 5.54
CA GLU D 82 -10.01 -18.30 6.51
C GLU D 82 -10.63 -19.51 7.21
N TYR D 83 -11.28 -19.25 8.35
CA TYR D 83 -12.09 -20.28 9.00
C TYR D 83 -13.21 -19.61 9.78
N THR D 84 -14.25 -20.39 10.06
CA THR D 84 -15.47 -19.83 10.64
C THR D 84 -15.37 -19.70 12.15
N GLU D 85 -15.00 -20.78 12.83
CA GLU D 85 -14.97 -20.80 14.29
C GLU D 85 -13.83 -21.69 14.75
N GLY D 86 -13.45 -21.54 16.02
CA GLY D 86 -12.28 -22.25 16.52
C GLY D 86 -12.38 -22.60 17.99
N GLU D 87 -11.46 -23.45 18.41
CA GLU D 87 -11.39 -23.94 19.78
C GLU D 87 -10.73 -22.92 20.70
N GLU D 88 -11.13 -22.93 21.96
CA GLU D 88 -10.45 -22.14 22.98
C GLU D 88 -9.04 -22.69 23.18
N ALA D 89 -8.10 -21.79 23.46
CA ALA D 89 -6.68 -22.13 23.52
C ALA D 89 -6.21 -22.10 24.96
N LYS D 90 -5.67 -23.22 25.43
CA LYS D 90 -5.05 -23.24 26.76
C LYS D 90 -3.78 -22.39 26.79
N THR D 91 -2.95 -22.49 25.77
CA THR D 91 -1.68 -21.77 25.69
C THR D 91 -1.66 -20.92 24.42
N CYS D 92 -1.39 -19.64 24.57
CA CYS D 92 -1.21 -18.74 23.45
C CYS D 92 0.16 -18.07 23.53
N TYR D 93 0.67 -17.66 22.38
CA TYR D 93 2.00 -17.07 22.29
C TYR D 93 1.92 -15.71 21.62
N ASN D 94 2.73 -14.77 22.10
CA ASN D 94 2.82 -13.42 21.56
C ASN D 94 4.27 -13.13 21.20
N ILE D 95 4.90 -14.07 20.51
CA ILE D 95 6.34 -14.07 20.31
C ILE D 95 6.71 -13.05 19.24
N SER D 96 7.76 -12.27 19.50
CA SER D 96 8.31 -11.30 18.56
C SER D 96 9.78 -11.62 18.40
N VAL D 97 10.11 -12.41 17.37
CA VAL D 97 11.48 -12.83 17.12
C VAL D 97 12.14 -11.82 16.19
N THR D 98 13.32 -11.35 16.56
CA THR D 98 14.02 -10.31 15.83
C THR D 98 15.41 -10.79 15.42
N ASP D 99 15.88 -10.27 14.28
CA ASP D 99 17.25 -10.47 13.86
C ASP D 99 18.20 -9.66 14.75
N PRO D 100 19.50 -9.96 14.73
CA PRO D 100 20.43 -9.21 15.59
C PRO D 100 20.48 -7.72 15.31
N SER D 101 20.03 -7.27 14.14
CA SER D 101 19.87 -5.83 13.93
C SER D 101 18.62 -5.30 14.61
N GLY D 102 17.57 -6.11 14.71
CA GLY D 102 16.37 -5.70 15.43
C GLY D 102 15.07 -5.94 14.68
N LYS D 103 15.15 -6.08 13.36
CA LYS D 103 13.96 -6.25 12.55
C LYS D 103 13.35 -7.62 12.78
N SER D 104 12.02 -7.68 12.82
CA SER D 104 11.31 -8.92 13.07
C SER D 104 11.17 -9.74 11.80
N LEU D 105 11.62 -10.99 11.84
CA LEU D 105 11.58 -11.87 10.67
C LEU D 105 10.16 -12.27 10.30
N LEU D 106 9.19 -12.01 11.18
CA LEU D 106 7.80 -12.38 10.94
C LEU D 106 7.17 -11.45 9.92
N LEU D 107 6.16 -11.95 9.23
CA LEU D 107 5.50 -11.17 8.20
C LEU D 107 4.70 -10.02 8.80
N ASP D 108 4.55 -8.95 8.04
CA ASP D 108 3.73 -7.82 8.45
C ASP D 108 2.25 -8.21 8.36
N PRO D 109 1.50 -8.16 9.45
CA PRO D 109 0.11 -8.62 9.41
C PRO D 109 -0.75 -7.69 8.59
N PRO D 110 -1.60 -8.23 7.73
CA PRO D 110 -2.62 -7.40 7.08
C PRO D 110 -3.65 -6.90 8.08
N SER D 111 -4.39 -5.86 7.67
CA SER D 111 -5.51 -5.39 8.48
C SER D 111 -6.59 -6.45 8.64
N ASN D 112 -6.65 -7.42 7.72
CA ASN D 112 -7.61 -8.51 7.83
C ASN D 112 -7.34 -9.36 9.06
N ILE D 113 -6.07 -9.63 9.35
CA ILE D 113 -5.70 -10.56 10.42
C ILE D 113 -5.72 -9.81 11.75
N ARG D 114 -6.43 -10.38 12.74
CA ARG D 114 -6.48 -9.80 14.08
C ARG D 114 -6.08 -10.86 15.10
N ASP D 115 -6.08 -10.46 16.37
CA ASP D 115 -5.61 -11.30 17.46
C ASP D 115 -6.59 -12.45 17.73
N TYR D 116 -6.06 -13.53 18.30
CA TYR D 116 -6.89 -14.66 18.68
C TYR D 116 -7.86 -14.24 19.79
N PRO D 117 -9.15 -14.58 19.68
CA PRO D 117 -10.15 -14.00 20.59
C PRO D 117 -9.93 -14.25 22.07
N LYS D 118 -9.91 -15.50 22.50
CA LYS D 118 -9.84 -15.83 23.92
C LYS D 118 -8.73 -16.84 24.18
N CYS D 119 -7.84 -16.51 25.11
CA CYS D 119 -6.74 -17.36 25.49
C CYS D 119 -6.72 -17.54 27.01
N LYS D 120 -6.47 -18.77 27.45
CA LYS D 120 -6.33 -19.04 28.88
C LYS D 120 -5.04 -18.46 29.41
N THR D 121 -3.93 -18.69 28.71
CA THR D 121 -2.62 -18.18 29.11
C THR D 121 -1.92 -17.61 27.88
N VAL D 122 -1.29 -16.45 28.05
CA VAL D 122 -0.54 -15.80 26.98
C VAL D 122 0.94 -15.80 27.36
N HIS D 123 1.76 -16.37 26.49
CA HIS D 123 3.19 -16.50 26.73
C HIS D 123 3.95 -15.49 25.87
N HIS D 124 4.69 -14.60 26.51
CA HIS D 124 5.44 -13.57 25.81
C HIS D 124 6.92 -13.98 25.68
N ILE D 125 7.15 -15.06 24.93
CA ILE D 125 8.52 -15.51 24.68
C ILE D 125 9.19 -14.56 23.69
N GLN D 126 10.49 -14.34 23.90
CA GLN D 126 11.29 -13.50 23.01
C GLN D 126 12.57 -14.25 22.64
N GLY D 127 12.88 -14.28 21.34
CA GLY D 127 14.06 -14.96 20.86
C GLY D 127 14.63 -14.26 19.65
N GLN D 128 15.82 -14.72 19.23
CA GLN D 128 16.52 -14.14 18.09
C GLN D 128 17.13 -15.22 17.22
N ASN D 129 17.12 -14.98 15.90
CA ASN D 129 17.74 -15.89 14.95
C ASN D 129 19.13 -15.40 14.63
N PRO D 130 20.19 -16.13 14.99
CA PRO D 130 21.54 -15.71 14.61
C PRO D 130 21.80 -15.79 13.12
N HIS D 131 21.48 -16.95 12.50
CA HIS D 131 21.75 -17.16 11.09
C HIS D 131 20.50 -17.41 10.24
N ALA D 132 19.37 -17.74 10.86
CA ALA D 132 18.18 -18.10 10.10
C ALA D 132 17.63 -16.90 9.33
N GLN D 133 17.04 -17.17 8.18
CA GLN D 133 16.52 -16.13 7.31
C GLN D 133 15.35 -16.67 6.52
N GLY D 134 14.59 -15.76 5.93
CA GLY D 134 13.41 -16.13 5.16
C GLY D 134 12.11 -15.77 5.85
N ILE D 135 11.17 -16.70 5.87
CA ILE D 135 9.91 -16.53 6.57
C ILE D 135 9.72 -17.70 7.52
N ALA D 136 9.00 -17.47 8.62
CA ALA D 136 8.80 -18.50 9.61
C ALA D 136 7.83 -19.56 9.09
N LEU D 137 8.18 -20.82 9.28
CA LEU D 137 7.36 -21.94 8.84
C LEU D 137 7.24 -22.95 9.97
N HIS D 138 6.39 -23.96 9.75
CA HIS D 138 6.10 -24.98 10.75
C HIS D 138 6.51 -26.35 10.21
N LEU D 139 7.02 -27.20 11.10
CA LEU D 139 7.53 -28.50 10.68
C LEU D 139 6.46 -29.59 10.65
N TRP D 140 5.61 -29.66 11.67
CA TRP D 140 4.65 -30.76 11.77
C TRP D 140 3.53 -30.66 10.75
N GLY D 141 3.42 -29.52 10.06
CA GLY D 141 2.30 -29.28 9.17
C GLY D 141 1.19 -28.44 9.76
N ALA D 142 1.28 -28.07 11.03
CA ALA D 142 0.24 -27.30 11.68
C ALA D 142 0.29 -25.85 11.26
N PHE D 143 -0.83 -25.16 11.46
CA PHE D 143 -1.03 -23.78 11.04
C PHE D 143 -1.07 -22.84 12.24
N PHE D 144 -0.53 -21.65 12.05
CA PHE D 144 -0.63 -20.60 13.06
C PHE D 144 -2.00 -19.97 12.97
N LEU D 145 -2.79 -20.09 14.05
CA LEU D 145 -4.20 -19.72 14.03
C LEU D 145 -4.37 -18.29 14.53
N TYR D 146 -5.11 -17.49 13.75
CA TYR D 146 -5.42 -16.11 14.11
C TYR D 146 -6.93 -15.90 14.04
N ASP D 147 -7.38 -14.65 14.09
CA ASP D 147 -8.80 -14.36 14.22
C ASP D 147 -9.56 -14.73 12.95
N ARG D 148 -10.09 -15.95 12.92
CA ARG D 148 -10.95 -16.48 11.86
C ARG D 148 -10.25 -16.60 10.50
N VAL D 149 -8.94 -16.34 10.45
CA VAL D 149 -8.17 -16.60 9.23
C VAL D 149 -6.86 -17.26 9.67
N ALA D 150 -6.72 -18.56 9.38
CA ALA D 150 -5.48 -19.25 9.68
C ALA D 150 -4.40 -18.87 8.67
N SER D 151 -3.15 -18.97 9.11
CA SER D 151 -2.01 -18.59 8.28
C SER D 151 -0.97 -19.70 8.28
N THR D 152 -0.38 -19.93 7.11
CA THR D 152 0.76 -20.84 7.03
C THR D 152 1.99 -20.23 7.72
N THR D 153 2.15 -18.91 7.64
CA THR D 153 3.29 -18.22 8.19
C THR D 153 2.95 -17.55 9.52
N MET D 154 3.89 -16.76 10.03
CA MET D 154 3.82 -16.15 11.35
C MET D 154 3.79 -14.64 11.21
N TYR D 155 2.88 -13.98 11.91
CA TYR D 155 2.71 -12.53 11.82
C TYR D 155 3.19 -11.85 13.10
N ARG D 156 3.71 -10.63 12.93
CA ARG D 156 4.55 -10.01 13.96
C ARG D 156 3.77 -9.69 15.23
N GLY D 157 4.46 -9.85 16.36
CA GLY D 157 4.05 -9.36 17.67
C GLY D 157 2.58 -9.43 18.04
N LYS D 158 1.93 -10.56 17.75
CA LYS D 158 0.50 -10.64 17.98
C LYS D 158 0.09 -12.11 18.11
N VAL D 159 -1.02 -12.31 18.84
CA VAL D 159 -1.28 -13.59 19.50
C VAL D 159 -1.74 -14.63 18.49
N PHE D 160 -1.24 -15.86 18.65
CA PHE D 160 -1.58 -16.99 17.80
C PHE D 160 -1.64 -18.25 18.64
N THR D 161 -2.21 -19.31 18.05
CA THR D 161 -2.12 -20.65 18.61
C THR D 161 -1.89 -21.63 17.47
N GLU D 162 -1.33 -22.79 17.81
CA GLU D 162 -1.03 -23.81 16.81
C GLU D 162 -2.21 -24.76 16.68
N GLY D 163 -2.50 -25.14 15.44
CA GLY D 163 -3.59 -26.06 15.19
C GLY D 163 -3.83 -26.22 13.71
N ASN D 164 -4.71 -27.15 13.39
CA ASN D 164 -5.11 -27.45 12.03
C ASN D 164 -6.55 -27.01 11.80
N ILE D 165 -7.00 -27.14 10.55
CA ILE D 165 -8.34 -26.73 10.14
C ILE D 165 -9.11 -27.99 9.75
N ALA D 166 -10.34 -28.11 10.26
CA ALA D 166 -11.20 -29.24 9.97
C ALA D 166 -12.44 -28.75 9.23
N ALA D 167 -12.62 -29.19 7.99
CA ALA D 167 -13.79 -28.85 7.20
C ALA D 167 -14.90 -29.84 7.51
N MET D 168 -16.07 -29.32 7.87
CA MET D 168 -17.14 -30.17 8.35
C MET D 168 -18.47 -29.44 8.22
N ILE D 169 -19.55 -30.22 8.10
CA ILE D 169 -20.87 -29.71 7.72
C ILE D 169 -21.85 -30.00 8.85
N VAL D 170 -22.52 -28.96 9.33
CA VAL D 170 -23.57 -29.06 10.36
C VAL D 170 -24.72 -28.13 9.99
N ASN D 171 -25.95 -28.64 10.08
CA ASN D 171 -27.13 -27.81 9.92
C ASN D 171 -27.56 -27.23 11.28
N LYS D 172 -28.66 -26.49 11.28
CA LYS D 172 -29.06 -25.77 12.49
C LYS D 172 -29.52 -26.73 13.58
N THR D 173 -30.28 -27.77 13.22
CA THR D 173 -30.82 -28.68 14.22
C THR D 173 -29.70 -29.44 14.94
N VAL D 174 -28.71 -29.92 14.19
CA VAL D 174 -27.60 -30.63 14.82
C VAL D 174 -26.72 -29.67 15.62
N HIS D 175 -26.61 -28.41 15.17
CA HIS D 175 -25.72 -27.46 15.84
C HIS D 175 -26.14 -27.20 17.28
N ARG D 176 -27.41 -26.84 17.50
CA ARG D 176 -27.86 -26.62 18.88
C ARG D 176 -27.84 -27.89 19.70
N MET D 177 -27.96 -29.05 19.06
CA MET D 177 -27.82 -30.31 19.77
C MET D 177 -26.38 -30.56 20.24
N ILE D 178 -25.40 -29.87 19.66
CA ILE D 178 -24.00 -30.07 19.98
C ILE D 178 -23.41 -28.84 20.68
N PHE D 179 -23.70 -27.65 20.17
CA PHE D 179 -23.17 -26.42 20.76
C PHE D 179 -23.87 -26.13 22.08
N SER D 180 -23.16 -26.31 23.19
CA SER D 180 -23.65 -26.05 24.54
C SER D 180 -24.98 -26.74 24.83
N ASP E 44 -8.57 -32.27 1.78
CA ASP E 44 -9.73 -31.46 2.11
C ASP E 44 -10.99 -32.31 2.26
N GLU E 45 -10.81 -33.54 2.73
CA GLU E 45 -11.95 -34.40 3.02
C GLU E 45 -12.75 -33.83 4.18
N SER E 46 -14.08 -33.95 4.09
CA SER E 46 -14.96 -33.30 5.05
C SER E 46 -16.02 -34.29 5.53
N PRO E 47 -16.10 -34.56 6.84
CA PRO E 47 -17.21 -35.36 7.35
C PRO E 47 -18.52 -34.58 7.35
N SER E 48 -19.61 -35.32 7.32
CA SER E 48 -20.96 -34.76 7.32
C SER E 48 -21.67 -35.25 8.58
N PHE E 49 -21.76 -34.38 9.58
CA PHE E 49 -22.49 -34.71 10.80
C PHE E 49 -23.98 -34.79 10.51
N ASN E 50 -24.65 -35.70 11.21
CA ASN E 50 -26.09 -35.88 11.03
C ASN E 50 -26.65 -36.49 12.32
N THR E 51 -27.96 -36.32 12.50
CA THR E 51 -28.69 -36.84 13.65
C THR E 51 -28.08 -36.39 14.98
N SER E 64 -25.97 -40.05 19.78
CA SER E 64 -26.34 -40.85 18.61
C SER E 64 -26.18 -40.04 17.33
N LEU E 65 -24.93 -39.79 16.95
CA LEU E 65 -24.61 -39.00 15.76
C LEU E 65 -24.04 -39.92 14.69
N THR E 66 -24.55 -39.78 13.46
CA THR E 66 -24.10 -40.59 12.33
C THR E 66 -23.09 -39.80 11.53
N PHE E 67 -21.89 -40.35 11.39
CA PHE E 67 -20.76 -39.70 10.73
C PHE E 67 -20.43 -40.39 9.42
N SER E 68 -19.98 -39.60 8.45
CA SER E 68 -19.56 -40.11 7.15
C SER E 68 -18.70 -39.06 6.48
N TYR E 69 -17.49 -39.45 6.07
CA TYR E 69 -16.62 -38.55 5.34
C TYR E 69 -17.11 -38.36 3.91
N CYS E 87 -6.63 -38.21 22.73
CA CYS E 87 -7.87 -37.45 22.61
C CYS E 87 -8.24 -36.78 23.92
N ASP E 88 -8.86 -35.61 23.83
CA ASP E 88 -9.36 -34.88 24.98
C ASP E 88 -10.87 -34.78 24.84
N ALA E 89 -11.60 -35.32 25.83
CA ALA E 89 -13.05 -35.38 25.75
C ALA E 89 -13.68 -33.99 25.77
N GLU E 90 -13.15 -33.10 26.60
CA GLU E 90 -13.69 -31.75 26.71
C GLU E 90 -13.40 -30.95 25.44
N LEU E 91 -14.35 -30.10 25.06
CA LEU E 91 -14.20 -29.25 23.88
C LEU E 91 -14.97 -27.95 24.11
N ARG E 92 -14.26 -26.94 24.59
CA ARG E 92 -14.79 -25.58 24.71
C ARG E 92 -14.20 -24.68 23.62
N ILE E 93 -15.07 -23.88 23.01
CA ILE E 93 -14.77 -23.13 21.80
C ILE E 93 -15.30 -21.71 21.95
N TRP E 94 -15.15 -20.93 20.87
CA TRP E 94 -15.86 -19.67 20.68
C TRP E 94 -16.49 -19.71 19.29
N SER E 95 -17.59 -18.97 19.13
CA SER E 95 -18.34 -19.02 17.88
C SER E 95 -18.95 -17.66 17.58
N VAL E 96 -19.28 -17.45 16.30
CA VAL E 96 -19.96 -16.23 15.87
C VAL E 96 -21.41 -16.28 16.33
N GLN E 97 -21.88 -15.18 16.92
CA GLN E 97 -23.21 -15.14 17.52
C GLN E 97 -24.29 -15.41 16.49
N GLU E 98 -25.24 -16.27 16.85
CA GLU E 98 -26.33 -16.64 15.96
C GLU E 98 -27.59 -15.84 16.26
N ALA E 103 -32.66 -9.26 16.49
CA ALA E 103 -33.17 -8.78 17.77
C ALA E 103 -33.82 -7.41 17.63
N GLY E 104 -34.72 -7.29 16.66
CA GLY E 104 -35.42 -6.04 16.43
C GLY E 104 -34.62 -5.08 15.57
N LEU E 105 -33.59 -4.47 16.16
CA LEU E 105 -32.74 -3.52 15.46
C LEU E 105 -31.27 -3.93 15.46
N SER E 106 -30.93 -5.11 15.98
CA SER E 106 -29.54 -5.51 16.12
C SER E 106 -28.84 -5.72 14.78
N TRP E 107 -29.59 -6.00 13.70
CA TRP E 107 -28.95 -6.27 12.42
C TRP E 107 -28.40 -5.00 11.77
N ILE E 108 -28.79 -3.83 12.24
CA ILE E 108 -28.21 -2.58 11.76
C ILE E 108 -26.77 -2.48 12.26
N PRO E 109 -25.80 -2.09 11.42
CA PRO E 109 -24.42 -1.98 11.90
C PRO E 109 -24.22 -1.02 13.05
N PHE E 110 -24.96 0.10 13.06
CA PHE E 110 -24.84 1.04 14.17
C PHE E 110 -25.36 0.41 15.46
N PHE E 111 -26.36 -0.46 15.35
CA PHE E 111 -26.90 -1.18 16.49
C PHE E 111 -26.34 -2.60 16.59
N GLY E 112 -25.06 -2.78 16.26
CA GLY E 112 -24.43 -4.08 16.34
C GLY E 112 -23.69 -4.29 17.64
N PRO E 113 -23.19 -5.52 17.85
CA PRO E 113 -22.46 -5.82 19.09
C PRO E 113 -21.00 -5.38 19.04
N GLY E 114 -20.40 -5.40 17.86
CA GLY E 114 -19.01 -5.03 17.71
C GLY E 114 -18.12 -6.25 17.49
N ILE E 115 -16.83 -5.98 17.33
CA ILE E 115 -15.86 -7.05 17.08
C ILE E 115 -15.70 -7.92 18.31
N GLU E 116 -15.53 -7.30 19.48
CA GLU E 116 -15.24 -8.06 20.69
C GLU E 116 -16.46 -8.84 21.17
N GLY E 117 -17.63 -8.21 21.13
CA GLY E 117 -18.84 -8.83 21.66
C GLY E 117 -19.52 -9.82 20.75
N LEU E 118 -18.99 -10.05 19.55
CA LEU E 118 -19.64 -10.97 18.63
C LEU E 118 -19.44 -12.43 19.05
N TYR E 119 -18.33 -12.72 19.72
CA TYR E 119 -17.98 -14.09 20.04
C TYR E 119 -18.83 -14.60 21.20
N THR E 120 -19.35 -15.82 21.06
CA THR E 120 -20.13 -16.48 22.09
C THR E 120 -19.40 -17.74 22.53
N ALA E 121 -19.30 -17.93 23.84
CA ALA E 121 -18.63 -19.11 24.38
C ALA E 121 -19.60 -20.28 24.45
N GLY E 122 -19.05 -21.48 24.34
CA GLY E 122 -19.87 -22.68 24.41
C GLY E 122 -18.99 -23.91 24.57
N LEU E 123 -19.65 -25.04 24.80
CA LEU E 123 -18.98 -26.31 25.01
C LEU E 123 -19.52 -27.35 24.03
N ILE E 124 -18.65 -28.29 23.65
CA ILE E 124 -19.03 -29.43 22.83
C ILE E 124 -18.82 -30.69 23.66
N LYS E 125 -19.89 -31.46 23.84
CA LYS E 125 -19.79 -32.72 24.57
C LYS E 125 -19.34 -33.83 23.62
N ASN E 126 -18.37 -34.62 24.07
CA ASN E 126 -17.85 -35.75 23.31
C ASN E 126 -18.84 -36.91 23.46
N GLN E 127 -19.98 -36.77 22.77
CA GLN E 127 -21.12 -37.64 23.06
C GLN E 127 -20.98 -39.02 22.42
N ASN E 128 -21.02 -39.08 21.09
CA ASN E 128 -20.86 -40.35 20.37
C ASN E 128 -19.45 -40.45 19.81
N ASN E 129 -18.47 -40.31 20.71
CA ASN E 129 -17.05 -40.26 20.34
C ASN E 129 -16.82 -39.22 19.24
N LEU E 130 -17.53 -38.10 19.34
CA LEU E 130 -17.56 -37.14 18.24
C LEU E 130 -16.35 -36.22 18.25
N VAL E 131 -15.82 -35.89 19.43
CA VAL E 131 -14.63 -35.05 19.49
C VAL E 131 -13.40 -35.79 18.98
N CYS E 132 -13.25 -37.06 19.39
CA CYS E 132 -12.00 -37.77 19.15
C CYS E 132 -11.71 -37.97 17.67
N ARG E 133 -12.74 -38.28 16.88
CA ARG E 133 -12.50 -38.44 15.45
C ARG E 133 -12.39 -37.10 14.74
N LEU E 134 -12.83 -36.02 15.39
CA LEU E 134 -12.68 -34.69 14.79
C LEU E 134 -11.24 -34.22 14.85
N ARG E 135 -10.53 -34.54 15.92
CA ARG E 135 -9.15 -34.09 16.09
C ARG E 135 -8.15 -34.94 15.30
N ARG E 136 -8.48 -36.19 14.99
CA ARG E 136 -7.59 -37.00 14.16
C ARG E 136 -7.69 -36.62 12.68
N LEU E 137 -8.77 -35.94 12.29
CA LEU E 137 -8.88 -35.39 10.94
C LEU E 137 -7.94 -34.21 10.73
N ALA E 138 -7.41 -33.64 11.82
CA ALA E 138 -6.61 -32.43 11.72
C ALA E 138 -5.35 -32.63 10.89
N ASN E 139 -4.60 -33.71 11.15
CA ASN E 139 -3.37 -33.92 10.39
C ASN E 139 -3.65 -34.39 8.97
N GLN E 140 -4.80 -35.03 8.73
CA GLN E 140 -5.14 -35.44 7.38
C GLN E 140 -5.44 -34.24 6.49
N THR E 141 -5.98 -33.16 7.06
CA THR E 141 -6.25 -31.97 6.25
C THR E 141 -4.97 -31.21 5.92
N ALA E 142 -4.04 -31.14 6.87
CA ALA E 142 -2.80 -30.41 6.64
C ALA E 142 -1.94 -31.05 5.56
N LYS E 143 -2.12 -32.34 5.30
CA LYS E 143 -1.42 -32.98 4.18
C LYS E 143 -1.84 -32.38 2.85
N SER E 144 -3.14 -32.10 2.69
CA SER E 144 -3.69 -31.70 1.41
C SER E 144 -3.75 -30.18 1.23
N LEU E 145 -3.98 -29.43 2.30
CA LEU E 145 -4.22 -28.00 2.15
C LEU E 145 -2.91 -27.23 1.92
N GLU E 146 -1.78 -27.77 2.39
CA GLU E 146 -0.48 -27.17 2.05
C GLU E 146 -0.24 -27.20 0.55
N LEU E 147 -0.55 -28.31 -0.09
CA LEU E 147 -0.37 -28.42 -1.54
C LEU E 147 -1.32 -27.48 -2.28
N LEU E 148 -2.56 -27.35 -1.80
CA LEU E 148 -3.51 -26.44 -2.44
C LEU E 148 -3.04 -24.99 -2.35
N LEU E 149 -2.53 -24.59 -1.18
CA LEU E 149 -2.07 -23.21 -1.01
C LEU E 149 -0.79 -22.91 -1.77
N ARG E 150 -0.02 -23.95 -2.11
CA ARG E 150 1.22 -23.76 -2.85
C ARG E 150 0.96 -23.47 -4.32
N VAL E 151 -0.08 -24.08 -4.89
CA VAL E 151 -0.40 -23.89 -6.30
C VAL E 151 -0.96 -22.49 -6.55
N THR E 152 -1.84 -22.02 -5.68
CA THR E 152 -2.49 -20.73 -5.90
C THR E 152 -1.49 -19.60 -5.80
N THR E 153 -1.75 -18.54 -6.58
CA THR E 153 -0.83 -17.42 -6.69
C THR E 153 -1.22 -16.22 -5.85
N GLU E 154 -2.43 -16.18 -5.29
CA GLU E 154 -2.86 -14.99 -4.58
C GLU E 154 -2.43 -15.08 -3.12
N GLU E 155 -1.85 -13.99 -2.61
CA GLU E 155 -1.44 -13.94 -1.22
C GLU E 155 -2.55 -13.52 -0.27
N ARG E 156 -3.67 -13.06 -0.85
CA ARG E 156 -4.78 -12.56 -0.01
C ARG E 156 -5.54 -13.74 0.61
N THR E 157 -6.49 -13.46 1.50
CA THR E 157 -7.28 -14.50 2.14
C THR E 157 -8.02 -15.35 1.11
N PHE E 158 -7.90 -16.67 1.26
CA PHE E 158 -8.42 -17.64 0.32
C PHE E 158 -9.63 -18.32 0.97
N SER E 159 -10.80 -18.12 0.38
CA SER E 159 -12.05 -18.66 0.93
C SER E 159 -12.33 -20.00 0.26
N LEU E 160 -12.24 -21.08 1.03
CA LEU E 160 -12.51 -22.42 0.53
C LEU E 160 -13.98 -22.80 0.61
N ILE E 161 -14.84 -21.91 1.10
CA ILE E 161 -16.24 -22.25 1.29
C ILE E 161 -16.90 -22.53 -0.05
N ASN E 162 -16.58 -21.72 -1.05
CA ASN E 162 -17.14 -21.95 -2.39
C ASN E 162 -16.62 -23.25 -3.00
N ARG E 163 -15.32 -23.52 -2.85
CA ARG E 163 -14.74 -24.72 -3.47
C ARG E 163 -15.34 -25.99 -2.91
N ILE E 164 -15.56 -26.05 -1.59
CA ILE E 164 -16.18 -27.23 -0.98
C ILE E 164 -17.60 -27.37 -1.48
N ALA E 165 -18.30 -26.25 -1.70
CA ALA E 165 -19.64 -26.32 -2.26
C ALA E 165 -19.63 -26.84 -3.69
N ILE E 166 -18.71 -26.36 -4.52
CA ILE E 166 -18.65 -26.81 -5.91
C ILE E 166 -18.16 -28.25 -5.99
N ASP E 167 -17.16 -28.61 -5.16
CA ASP E 167 -16.67 -29.98 -5.16
C ASP E 167 -17.73 -30.96 -4.69
N PHE E 168 -18.56 -30.54 -3.73
CA PHE E 168 -19.65 -31.40 -3.27
C PHE E 168 -20.64 -31.67 -4.39
N LEU E 169 -20.99 -30.64 -5.16
CA LEU E 169 -21.90 -30.83 -6.28
C LEU E 169 -21.26 -31.64 -7.39
N LEU E 170 -19.97 -31.41 -7.66
CA LEU E 170 -19.28 -32.09 -8.74
C LEU E 170 -19.15 -33.58 -8.46
N THR E 171 -18.89 -33.95 -7.22
CA THR E 171 -18.70 -35.34 -6.83
C THR E 171 -19.99 -36.03 -6.39
N ARG E 172 -21.11 -35.31 -6.41
CA ARG E 172 -22.39 -35.90 -6.02
C ARG E 172 -22.96 -36.82 -7.10
N TRP E 173 -22.51 -36.68 -8.35
CA TRP E 173 -23.08 -37.43 -9.46
C TRP E 173 -22.85 -38.93 -9.34
N GLY E 174 -21.81 -39.34 -8.59
CA GLY E 174 -21.57 -40.76 -8.42
C GLY E 174 -22.66 -41.47 -7.63
N GLY E 175 -23.20 -40.79 -6.61
CA GLY E 175 -24.24 -41.36 -5.78
C GLY E 175 -25.29 -40.35 -5.37
N SER F 38 -40.69 -21.65 -9.41
CA SER F 38 -39.56 -22.43 -9.90
C SER F 38 -38.31 -21.58 -10.05
N GLY F 39 -38.14 -20.99 -11.23
CA GLY F 39 -37.00 -20.15 -11.50
C GLY F 39 -35.95 -20.83 -12.35
N THR F 40 -35.54 -20.18 -13.44
CA THR F 40 -34.56 -20.72 -14.36
C THR F 40 -33.31 -19.84 -14.37
N LEU F 41 -32.19 -20.45 -14.73
CA LEU F 41 -30.92 -19.74 -14.79
C LEU F 41 -30.02 -20.49 -15.76
N GLN F 42 -29.53 -19.79 -16.78
CA GLN F 42 -28.73 -20.41 -17.85
C GLN F 42 -27.24 -20.20 -17.63
N LYS F 43 -26.79 -18.95 -17.58
CA LYS F 43 -25.39 -18.62 -17.34
C LYS F 43 -25.29 -17.63 -16.20
N THR F 44 -24.08 -17.51 -15.66
CA THR F 44 -23.89 -16.86 -14.36
C THR F 44 -24.24 -15.37 -14.43
N GLU F 45 -23.88 -14.70 -15.53
CA GLU F 45 -24.08 -13.25 -15.60
C GLU F 45 -25.55 -12.85 -15.75
N ASP F 46 -26.45 -13.83 -15.93
CA ASP F 46 -27.88 -13.53 -16.02
C ASP F 46 -28.43 -12.87 -14.77
N VAL F 47 -27.74 -12.99 -13.64
CA VAL F 47 -28.15 -12.28 -12.43
C VAL F 47 -27.60 -10.86 -12.47
N HIS F 48 -28.44 -9.90 -12.12
CA HIS F 48 -28.05 -8.51 -11.97
C HIS F 48 -28.61 -7.95 -10.67
N LEU F 49 -27.82 -7.08 -10.06
CA LEU F 49 -28.14 -6.49 -8.76
C LEU F 49 -28.33 -4.99 -8.97
N MET F 50 -29.59 -4.55 -9.04
CA MET F 50 -29.87 -3.12 -9.22
C MET F 50 -30.12 -2.48 -7.86
N GLY F 51 -29.47 -1.33 -7.64
CA GLY F 51 -29.66 -0.58 -6.41
C GLY F 51 -30.72 0.50 -6.55
N PHE F 52 -31.91 0.23 -6.04
CA PHE F 52 -33.00 1.19 -6.11
C PHE F 52 -32.85 2.24 -5.03
N THR F 53 -32.85 3.51 -5.43
CA THR F 53 -32.56 4.59 -4.51
C THR F 53 -33.81 5.03 -3.75
N LEU F 54 -33.59 5.80 -2.68
CA LEU F 54 -34.69 6.29 -1.86
C LEU F 54 -35.38 7.51 -2.45
N SER F 55 -34.79 8.15 -3.46
CA SER F 55 -35.35 9.38 -4.01
C SER F 55 -36.71 9.14 -4.65
N GLY F 56 -36.85 8.06 -5.39
CA GLY F 56 -38.12 7.72 -6.00
C GLY F 56 -39.11 7.03 -5.08
N GLN F 57 -38.72 6.76 -3.84
CA GLN F 57 -39.57 6.09 -2.87
C GLN F 57 -40.27 7.11 -1.96
N LYS F 58 -40.25 8.38 -2.35
CA LYS F 58 -40.86 9.49 -1.59
C LYS F 58 -40.23 9.64 -0.21
N VAL F 59 -38.96 9.28 -0.08
CA VAL F 59 -38.19 9.51 1.12
C VAL F 59 -37.51 10.86 1.00
N ALA F 60 -37.62 11.69 2.05
CA ALA F 60 -37.17 13.07 1.99
C ALA F 60 -35.68 13.18 1.70
N ASP F 61 -35.33 13.64 0.51
CA ASP F 61 -33.96 13.82 0.08
C ASP F 61 -33.48 15.26 0.23
N SER F 62 -34.31 16.14 0.76
CA SER F 62 -33.93 17.53 0.94
C SER F 62 -32.76 17.63 1.91
N PRO F 63 -31.79 18.51 1.65
CA PRO F 63 -30.57 18.53 2.48
C PRO F 63 -30.80 18.90 3.93
N LEU F 64 -31.95 19.50 4.27
CA LEU F 64 -32.24 19.81 5.67
C LEU F 64 -32.41 18.54 6.49
N GLU F 65 -33.07 17.52 5.94
CA GLU F 65 -33.41 16.31 6.69
C GLU F 65 -32.91 15.04 6.02
N ALA F 66 -31.91 15.15 5.14
CA ALA F 66 -31.28 13.97 4.56
C ALA F 66 -30.02 13.56 5.31
N SER F 67 -29.62 14.32 6.33
CA SER F 67 -28.42 14.02 7.10
C SER F 67 -28.74 13.49 8.50
N LYS F 68 -30.00 13.15 8.76
CA LYS F 68 -30.39 12.55 10.03
C LYS F 68 -30.49 11.03 9.97
N ARG F 69 -30.17 10.43 8.83
CA ARG F 69 -30.19 8.98 8.68
C ARG F 69 -28.81 8.37 8.76
N TRP F 70 -27.81 9.13 9.20
CA TRP F 70 -26.43 8.66 9.29
C TRP F 70 -25.92 8.89 10.70
N ALA F 71 -24.90 8.14 11.09
CA ALA F 71 -24.32 8.25 12.42
C ALA F 71 -22.90 7.66 12.39
N PHE F 72 -22.31 7.53 13.57
CA PHE F 72 -20.95 7.02 13.71
C PHE F 72 -20.90 5.92 14.76
N ARG F 73 -19.91 5.03 14.63
CA ARG F 73 -19.69 3.96 15.59
C ARG F 73 -18.29 3.38 15.38
N THR F 74 -17.66 2.98 16.48
CA THR F 74 -16.39 2.27 16.46
C THR F 74 -16.62 0.76 16.57
N GLY F 75 -15.68 0.00 16.03
CA GLY F 75 -15.68 -1.44 16.19
C GLY F 75 -16.43 -2.23 15.13
N VAL F 76 -17.00 -1.57 14.13
CA VAL F 76 -17.73 -2.24 13.05
C VAL F 76 -16.85 -2.23 11.80
N PRO F 77 -16.44 -3.38 11.29
CA PRO F 77 -15.60 -3.43 10.08
C PRO F 77 -16.31 -2.81 8.89
N PRO F 78 -15.58 -2.10 8.03
CA PRO F 78 -16.16 -1.62 6.78
C PRO F 78 -16.17 -2.71 5.71
N LYS F 79 -17.27 -2.78 4.95
CA LYS F 79 -17.45 -3.83 3.96
C LYS F 79 -17.97 -3.23 2.67
N ASN F 80 -17.63 -3.89 1.55
CA ASN F 80 -18.05 -3.47 0.22
C ASN F 80 -18.82 -4.60 -0.46
N VAL F 81 -19.64 -4.22 -1.44
CA VAL F 81 -20.47 -5.16 -2.18
C VAL F 81 -20.61 -4.66 -3.62
N GLU F 82 -20.49 -5.57 -4.57
CA GLU F 82 -20.45 -5.24 -6.00
C GLU F 82 -21.84 -5.46 -6.61
N TYR F 83 -22.26 -4.50 -7.44
CA TYR F 83 -23.52 -4.59 -8.15
C TYR F 83 -23.30 -4.26 -9.62
N THR F 84 -24.22 -4.73 -10.47
CA THR F 84 -24.03 -4.65 -11.92
C THR F 84 -24.55 -3.35 -12.52
N GLU F 85 -25.81 -3.00 -12.25
CA GLU F 85 -26.44 -1.84 -12.87
C GLU F 85 -27.44 -1.27 -11.87
N GLY F 86 -28.30 -0.37 -12.33
CA GLY F 86 -29.40 0.09 -11.51
C GLY F 86 -29.74 1.54 -11.74
N GLU F 87 -30.74 2.00 -11.00
CA GLU F 87 -31.22 3.37 -11.08
C GLU F 87 -30.23 4.35 -10.48
N GLU F 88 -30.18 5.55 -11.06
CA GLU F 88 -29.52 6.69 -10.44
C GLU F 88 -30.56 7.69 -9.95
N ALA F 89 -30.32 8.22 -8.76
CA ALA F 89 -31.33 8.97 -8.03
C ALA F 89 -31.49 10.37 -8.60
N LYS F 90 -32.53 11.06 -8.11
CA LYS F 90 -32.74 12.46 -8.43
C LYS F 90 -31.59 13.31 -7.89
N THR F 91 -31.18 13.07 -6.65
CA THR F 91 -30.14 13.85 -6.00
C THR F 91 -28.95 12.96 -5.66
N CYS F 92 -27.79 13.58 -5.57
CA CYS F 92 -26.56 12.91 -5.17
C CYS F 92 -25.78 13.83 -4.24
N TYR F 93 -24.91 13.26 -3.43
CA TYR F 93 -24.27 13.99 -2.35
C TYR F 93 -22.75 13.93 -2.49
N ASN F 94 -22.11 15.09 -2.31
CA ASN F 94 -20.67 15.22 -2.20
C ASN F 94 -20.40 15.90 -0.86
N ILE F 95 -20.27 15.09 0.19
CA ILE F 95 -20.18 15.58 1.56
C ILE F 95 -18.77 15.30 2.07
N SER F 96 -18.12 16.34 2.60
CA SER F 96 -16.78 16.23 3.17
C SER F 96 -16.90 16.49 4.66
N VAL F 97 -17.15 15.43 5.42
CA VAL F 97 -17.25 15.53 6.87
C VAL F 97 -15.84 15.50 7.46
N THR F 98 -15.52 16.51 8.26
CA THR F 98 -14.21 16.64 8.87
C THR F 98 -14.34 16.79 10.38
N ASP F 99 -13.33 16.31 11.09
CA ASP F 99 -13.21 16.53 12.51
C ASP F 99 -12.76 17.98 12.75
N PRO F 100 -12.87 18.49 13.97
CA PRO F 100 -12.39 19.86 14.23
C PRO F 100 -10.90 20.05 13.97
N SER F 101 -10.10 18.98 13.96
CA SER F 101 -8.71 19.10 13.54
C SER F 101 -8.61 19.36 12.05
N GLY F 102 -9.40 18.66 11.24
CA GLY F 102 -9.40 18.86 9.81
C GLY F 102 -9.44 17.59 9.00
N LYS F 103 -9.06 16.47 9.62
CA LYS F 103 -9.01 15.20 8.92
C LYS F 103 -10.42 14.73 8.54
N SER F 104 -10.54 14.20 7.32
CA SER F 104 -11.81 13.64 6.88
C SER F 104 -12.12 12.38 7.68
N LEU F 105 -13.35 12.30 8.20
CA LEU F 105 -13.75 11.19 9.06
C LEU F 105 -14.11 9.95 8.27
N LEU F 106 -14.14 10.03 6.95
CA LEU F 106 -14.59 8.95 6.09
C LEU F 106 -13.38 8.19 5.55
N LEU F 107 -13.62 6.96 5.11
CA LEU F 107 -12.55 6.08 4.68
C LEU F 107 -11.97 6.52 3.35
N ASP F 108 -10.68 6.25 3.18
CA ASP F 108 -10.05 6.45 1.88
C ASP F 108 -10.63 5.47 0.88
N PRO F 109 -11.04 5.92 -0.31
CA PRO F 109 -11.68 5.01 -1.26
C PRO F 109 -10.67 4.08 -1.89
N PRO F 110 -10.98 2.78 -1.96
CA PRO F 110 -10.15 1.86 -2.74
C PRO F 110 -10.14 2.27 -4.21
N SER F 111 -9.14 1.77 -4.93
CA SER F 111 -9.09 1.96 -6.37
C SER F 111 -10.29 1.35 -7.07
N ASN F 112 -10.97 0.39 -6.43
CA ASN F 112 -12.18 -0.20 -6.99
C ASN F 112 -13.35 0.78 -7.04
N ILE F 113 -13.30 1.88 -6.29
CA ILE F 113 -14.44 2.74 -6.08
C ILE F 113 -14.28 4.00 -6.93
N ARG F 114 -15.33 4.37 -7.66
CA ARG F 114 -15.32 5.54 -8.52
C ARG F 114 -16.59 6.35 -8.27
N ASP F 115 -16.69 7.49 -8.95
CA ASP F 115 -17.83 8.38 -8.78
C ASP F 115 -19.09 7.76 -9.36
N TYR F 116 -20.23 8.15 -8.80
CA TYR F 116 -21.50 7.65 -9.31
C TYR F 116 -21.78 8.33 -10.65
N PRO F 117 -22.05 7.56 -11.72
CA PRO F 117 -22.00 8.14 -13.07
C PRO F 117 -23.00 9.25 -13.36
N LYS F 118 -24.29 9.00 -13.18
CA LYS F 118 -25.33 9.94 -13.57
C LYS F 118 -26.05 10.48 -12.34
N CYS F 119 -26.19 11.80 -12.27
CA CYS F 119 -26.91 12.45 -11.18
C CYS F 119 -27.59 13.69 -11.72
N LYS F 120 -28.91 13.77 -11.57
CA LYS F 120 -29.64 14.95 -12.03
C LYS F 120 -29.25 16.19 -11.23
N THR F 121 -29.17 16.06 -9.91
CA THR F 121 -28.71 17.14 -9.05
C THR F 121 -27.61 16.60 -8.14
N VAL F 122 -26.50 17.33 -8.06
CA VAL F 122 -25.38 16.94 -7.19
C VAL F 122 -25.43 17.91 -6.01
N HIS F 123 -26.11 17.51 -4.95
CA HIS F 123 -26.19 18.33 -3.75
C HIS F 123 -24.86 18.29 -3.02
N HIS F 124 -24.35 19.46 -2.64
CA HIS F 124 -23.07 19.58 -1.97
C HIS F 124 -23.31 20.15 -0.58
N ILE F 125 -23.19 19.31 0.44
CA ILE F 125 -23.33 19.71 1.83
C ILE F 125 -21.99 19.52 2.52
N GLN F 126 -21.58 20.50 3.30
CA GLN F 126 -20.33 20.44 4.07
C GLN F 126 -20.70 20.45 5.55
N GLY F 127 -20.61 19.28 6.19
CA GLY F 127 -20.97 19.11 7.59
C GLY F 127 -19.74 18.89 8.44
N GLN F 128 -19.82 19.34 9.69
CA GLN F 128 -18.74 19.17 10.65
C GLN F 128 -19.32 18.80 12.01
N ASN F 129 -18.67 17.86 12.69
CA ASN F 129 -19.08 17.42 14.01
C ASN F 129 -17.87 17.28 14.92
N PRO F 130 -18.04 17.52 16.23
CA PRO F 130 -16.91 17.40 17.15
C PRO F 130 -16.85 16.09 17.93
N HIS F 131 -17.90 15.28 17.86
CA HIS F 131 -18.02 14.08 18.69
C HIS F 131 -18.27 12.84 17.84
N ALA F 132 -17.47 12.65 16.80
CA ALA F 132 -17.60 11.45 16.00
C ALA F 132 -16.84 10.29 16.64
N GLN F 133 -17.10 9.09 16.14
CA GLN F 133 -16.39 7.90 16.59
C GLN F 133 -16.34 6.89 15.45
N GLY F 134 -15.14 6.46 15.10
CA GLY F 134 -14.97 5.43 14.09
C GLY F 134 -15.38 5.82 12.69
N ILE F 135 -16.26 5.03 12.08
CA ILE F 135 -16.64 5.19 10.69
C ILE F 135 -18.11 5.57 10.60
N ALA F 136 -18.49 6.12 9.45
CA ALA F 136 -19.86 6.54 9.22
C ALA F 136 -20.75 5.36 8.85
N LEU F 137 -21.95 5.33 9.43
CA LEU F 137 -22.89 4.24 9.22
C LEU F 137 -24.28 4.82 8.99
N HIS F 138 -25.14 4.01 8.36
CA HIS F 138 -26.50 4.41 8.03
C HIS F 138 -27.48 3.86 9.06
N LEU F 139 -28.45 4.69 9.46
CA LEU F 139 -29.40 4.29 10.49
C LEU F 139 -30.38 3.24 9.95
N TRP F 140 -30.94 3.48 8.77
CA TRP F 140 -31.97 2.60 8.23
C TRP F 140 -31.42 1.28 7.69
N GLY F 141 -30.10 1.13 7.63
CA GLY F 141 -29.50 -0.02 6.98
C GLY F 141 -29.31 0.12 5.49
N ALA F 142 -29.62 1.29 4.93
CA ALA F 142 -29.41 1.52 3.52
C ALA F 142 -27.92 1.63 3.20
N PHE F 143 -27.59 1.38 1.94
CA PHE F 143 -26.21 1.32 1.49
C PHE F 143 -25.85 2.57 0.70
N PHE F 144 -24.57 2.93 0.76
CA PHE F 144 -24.04 4.04 -0.01
C PHE F 144 -23.60 3.52 -1.37
N LEU F 145 -24.23 4.01 -2.43
CA LEU F 145 -24.04 3.46 -3.77
C LEU F 145 -22.97 4.25 -4.53
N TYR F 146 -22.01 3.53 -5.09
CA TYR F 146 -20.95 4.11 -5.90
C TYR F 146 -20.90 3.40 -7.25
N ASP F 147 -19.85 3.64 -8.02
CA ASP F 147 -19.77 3.11 -9.39
C ASP F 147 -19.64 1.59 -9.38
N ARG F 148 -20.78 0.91 -9.44
CA ARG F 148 -20.92 -0.53 -9.55
C ARG F 148 -20.40 -1.29 -8.34
N VAL F 149 -20.00 -0.60 -7.27
CA VAL F 149 -19.68 -1.23 -6.00
C VAL F 149 -20.34 -0.42 -4.89
N ALA F 150 -21.18 -1.07 -4.10
CA ALA F 150 -21.82 -0.43 -2.97
C ALA F 150 -21.07 -0.76 -1.68
N SER F 151 -21.35 0.03 -0.64
CA SER F 151 -20.63 -0.10 0.62
C SER F 151 -21.57 0.14 1.78
N THR F 152 -21.26 -0.50 2.91
CA THR F 152 -21.97 -0.22 4.15
C THR F 152 -21.50 1.05 4.81
N THR F 153 -20.35 1.59 4.40
CA THR F 153 -19.82 2.85 4.88
C THR F 153 -19.73 3.83 3.70
N MET F 154 -19.29 5.04 4.02
CA MET F 154 -19.16 6.10 3.03
C MET F 154 -17.69 6.50 2.90
N TYR F 155 -17.31 6.92 1.70
CA TYR F 155 -15.91 7.16 1.35
C TYR F 155 -15.64 8.65 1.21
N ARG F 156 -14.39 8.97 0.87
CA ARG F 156 -13.84 10.30 1.06
C ARG F 156 -14.20 11.22 -0.10
N GLY F 157 -15.08 12.18 0.15
CA GLY F 157 -15.25 13.35 -0.69
C GLY F 157 -15.59 13.10 -2.14
N LYS F 158 -16.55 12.22 -2.41
CA LYS F 158 -16.95 11.96 -3.79
C LYS F 158 -18.37 11.40 -3.80
N VAL F 159 -18.97 11.42 -5.00
CA VAL F 159 -20.41 11.35 -5.16
C VAL F 159 -20.93 9.96 -4.85
N PHE F 160 -22.05 9.90 -4.11
CA PHE F 160 -22.74 8.67 -3.79
C PHE F 160 -24.24 8.92 -3.84
N THR F 161 -25.02 7.89 -3.50
CA THR F 161 -26.45 8.03 -3.27
C THR F 161 -26.90 6.92 -2.33
N GLU F 162 -27.96 7.19 -1.59
CA GLU F 162 -28.56 6.18 -0.71
C GLU F 162 -29.41 5.22 -1.53
N GLY F 163 -29.37 3.95 -1.15
CA GLY F 163 -30.17 2.97 -1.86
C GLY F 163 -29.99 1.59 -1.26
N ASN F 164 -30.73 0.64 -1.81
CA ASN F 164 -30.68 -0.75 -1.38
C ASN F 164 -30.55 -1.64 -2.61
N ILE F 165 -29.82 -2.73 -2.45
CA ILE F 165 -29.50 -3.61 -3.57
C ILE F 165 -30.55 -4.73 -3.65
N ALA F 166 -31.08 -4.93 -4.86
CA ALA F 166 -32.02 -6.02 -5.13
C ALA F 166 -31.42 -6.93 -6.20
N ALA F 167 -31.39 -8.23 -5.91
CA ALA F 167 -30.85 -9.22 -6.83
C ALA F 167 -31.98 -9.96 -7.52
N MET F 168 -31.78 -10.30 -8.79
CA MET F 168 -32.82 -10.92 -9.60
C MET F 168 -32.18 -11.57 -10.82
N ILE F 169 -33.00 -12.34 -11.55
CA ILE F 169 -32.52 -13.20 -12.63
C ILE F 169 -33.31 -12.87 -13.89
N VAL F 170 -32.60 -12.56 -14.98
CA VAL F 170 -33.21 -12.36 -16.30
C VAL F 170 -32.31 -12.97 -17.36
N ASN F 171 -32.93 -13.54 -18.39
CA ASN F 171 -32.19 -14.01 -19.56
C ASN F 171 -32.15 -12.90 -20.61
N LYS F 172 -31.77 -13.25 -21.83
CA LYS F 172 -31.56 -12.24 -22.87
C LYS F 172 -32.89 -11.66 -23.33
N THR F 173 -33.88 -12.52 -23.58
CA THR F 173 -35.10 -12.05 -24.24
C THR F 173 -36.04 -11.30 -23.30
N VAL F 174 -36.12 -11.69 -22.03
CA VAL F 174 -37.01 -10.99 -21.10
C VAL F 174 -36.45 -9.62 -20.76
N HIS F 175 -35.14 -9.53 -20.52
CA HIS F 175 -34.53 -8.23 -20.23
C HIS F 175 -34.65 -7.28 -21.41
N ARG F 176 -34.37 -7.77 -22.62
CA ARG F 176 -34.46 -6.93 -23.80
C ARG F 176 -35.89 -6.47 -24.07
N MET F 177 -36.87 -7.28 -23.64
CA MET F 177 -38.27 -6.88 -23.77
C MET F 177 -38.60 -5.68 -22.89
N ILE F 178 -38.04 -5.63 -21.69
CA ILE F 178 -38.37 -4.61 -20.71
C ILE F 178 -37.39 -3.44 -20.74
N PHE F 179 -36.09 -3.74 -20.84
CA PHE F 179 -35.08 -2.68 -20.99
C PHE F 179 -35.33 -1.88 -22.26
N SER F 180 -35.56 -2.57 -23.38
CA SER F 180 -35.80 -1.96 -24.69
C SER F 180 -34.71 -0.97 -25.08
N ASP G 44 -29.46 -13.19 1.38
CA ASP G 44 -30.45 -12.36 0.69
C ASP G 44 -31.29 -13.17 -0.29
N GLU G 45 -32.52 -12.72 -0.52
CA GLU G 45 -33.45 -13.40 -1.40
C GLU G 45 -33.47 -12.71 -2.76
N SER G 46 -33.86 -13.47 -3.79
CA SER G 46 -33.83 -12.96 -5.14
C SER G 46 -34.97 -13.59 -5.95
N PRO G 47 -35.83 -12.78 -6.56
CA PRO G 47 -36.89 -13.34 -7.41
C PRO G 47 -36.41 -13.60 -8.84
N SER G 48 -37.08 -14.54 -9.47
CA SER G 48 -36.85 -14.84 -10.89
C SER G 48 -37.71 -13.88 -11.70
N PHE G 49 -37.07 -12.92 -12.34
CA PHE G 49 -37.76 -11.82 -13.00
C PHE G 49 -38.02 -12.20 -14.47
N ASN G 50 -38.78 -13.27 -14.64
CA ASN G 50 -38.91 -13.95 -15.92
C ASN G 50 -40.26 -13.68 -16.57
N THR G 51 -40.44 -14.24 -17.78
CA THR G 51 -41.62 -13.99 -18.59
C THR G 51 -42.80 -14.80 -18.07
N SER G 52 -43.93 -14.72 -18.79
CA SER G 52 -45.13 -15.43 -18.37
C SER G 52 -44.94 -16.95 -18.40
N THR G 53 -44.30 -17.45 -19.45
CA THR G 53 -44.08 -18.89 -19.58
C THR G 53 -42.59 -19.20 -19.69
N SER G 64 -48.33 -10.94 -19.97
CA SER G 64 -48.09 -10.66 -18.55
C SER G 64 -46.61 -10.79 -18.23
N LEU G 65 -46.30 -10.79 -16.93
CA LEU G 65 -44.91 -10.92 -16.47
C LEU G 65 -44.95 -11.70 -15.15
N THR G 66 -44.76 -13.01 -15.25
CA THR G 66 -44.85 -13.87 -14.07
C THR G 66 -43.66 -13.65 -13.15
N PHE G 67 -43.93 -13.56 -11.86
CA PHE G 67 -42.93 -13.31 -10.83
C PHE G 67 -42.64 -14.61 -10.09
N SER G 68 -41.72 -14.53 -9.13
CA SER G 68 -41.30 -15.70 -8.37
C SER G 68 -40.83 -15.26 -6.99
N TYR G 69 -40.19 -16.19 -6.28
CA TYR G 69 -39.73 -15.97 -4.91
C TYR G 69 -38.63 -14.92 -4.86
N CYS G 87 -44.06 4.86 -4.10
CA CYS G 87 -43.59 4.29 -5.35
C CYS G 87 -43.66 5.29 -6.49
N ASP G 88 -42.69 5.22 -7.40
CA ASP G 88 -42.64 6.08 -8.57
C ASP G 88 -42.53 5.22 -9.81
N ALA G 89 -43.37 5.48 -10.81
CA ALA G 89 -43.34 4.69 -12.03
C ALA G 89 -42.10 4.98 -12.87
N GLU G 90 -41.60 6.22 -12.84
CA GLU G 90 -40.44 6.58 -13.63
C GLU G 90 -39.18 5.96 -13.04
N LEU G 91 -38.42 5.26 -13.89
CA LEU G 91 -37.22 4.54 -13.46
C LEU G 91 -36.11 4.84 -14.46
N ARG G 92 -35.33 5.88 -14.18
CA ARG G 92 -34.18 6.22 -15.00
C ARG G 92 -33.00 5.35 -14.56
N ILE G 93 -32.41 4.60 -15.50
CA ILE G 93 -31.32 3.71 -15.14
C ILE G 93 -30.13 3.97 -16.06
N TRP G 94 -28.96 3.50 -15.61
CA TRP G 94 -27.76 3.43 -16.42
C TRP G 94 -27.30 1.99 -16.42
N SER G 95 -26.93 1.48 -17.59
CA SER G 95 -26.63 0.06 -17.75
C SER G 95 -25.40 -0.13 -18.62
N VAL G 96 -24.72 -1.25 -18.41
CA VAL G 96 -23.61 -1.66 -19.25
C VAL G 96 -24.16 -2.54 -20.37
N GLN G 97 -23.78 -2.24 -21.61
CA GLN G 97 -24.33 -2.92 -22.78
C GLN G 97 -24.08 -4.43 -22.70
N GLU G 98 -25.12 -5.21 -22.97
CA GLU G 98 -25.04 -6.66 -22.89
C GLU G 98 -24.80 -7.26 -24.26
N ALA G 103 -18.98 -3.97 -32.79
CA ALA G 103 -18.94 -3.37 -34.11
C ALA G 103 -17.70 -3.81 -34.88
N GLY G 104 -17.41 -5.10 -34.82
CA GLY G 104 -16.25 -5.66 -35.51
C GLY G 104 -14.96 -5.61 -34.72
N LEU G 105 -14.65 -4.46 -34.15
CA LEU G 105 -13.43 -4.26 -33.34
C LEU G 105 -13.79 -3.68 -31.98
N SER G 106 -14.82 -4.23 -31.34
CA SER G 106 -15.26 -3.74 -30.05
C SER G 106 -14.62 -4.47 -28.88
N TRP G 107 -14.14 -5.69 -29.09
CA TRP G 107 -13.63 -6.50 -27.97
C TRP G 107 -12.27 -6.02 -27.49
N ILE G 108 -11.39 -5.63 -28.41
CA ILE G 108 -10.06 -5.14 -28.02
C ILE G 108 -10.21 -3.86 -27.21
N PRO G 109 -9.57 -3.72 -26.05
CA PRO G 109 -9.77 -2.51 -25.24
C PRO G 109 -9.19 -1.25 -25.86
N PHE G 110 -8.27 -1.36 -26.81
CA PHE G 110 -7.78 -0.15 -27.46
C PHE G 110 -8.85 0.49 -28.34
N PHE G 111 -9.72 -0.32 -28.94
CA PHE G 111 -10.85 0.17 -29.73
C PHE G 111 -12.18 0.04 -28.98
N GLY G 112 -12.14 0.02 -27.65
CA GLY G 112 -13.35 -0.03 -26.86
C GLY G 112 -13.84 1.35 -26.47
N PRO G 113 -14.99 1.42 -25.79
CA PRO G 113 -15.53 2.71 -25.37
C PRO G 113 -14.68 3.41 -24.32
N GLY G 114 -14.37 2.71 -23.23
CA GLY G 114 -13.61 3.28 -22.13
C GLY G 114 -14.30 2.99 -20.81
N ILE G 115 -13.97 3.79 -19.80
CA ILE G 115 -14.54 3.63 -18.47
C ILE G 115 -15.72 4.56 -18.23
N GLU G 116 -15.84 5.66 -18.97
CA GLU G 116 -16.91 6.62 -18.77
C GLU G 116 -17.98 6.57 -19.86
N GLY G 117 -17.81 5.76 -20.90
CA GLY G 117 -18.73 5.77 -22.02
C GLY G 117 -19.38 4.44 -22.33
N LEU G 118 -19.40 3.52 -21.36
CA LEU G 118 -20.09 2.24 -21.53
C LEU G 118 -21.46 2.22 -20.86
N TYR G 119 -21.96 3.38 -20.43
CA TYR G 119 -23.24 3.48 -19.75
C TYR G 119 -24.32 3.87 -20.75
N THR G 120 -25.43 3.14 -20.74
CA THR G 120 -26.56 3.39 -21.62
C THR G 120 -27.80 3.71 -20.80
N ALA G 121 -28.58 4.67 -21.28
CA ALA G 121 -29.83 5.02 -20.62
C ALA G 121 -30.88 3.94 -20.88
N GLY G 122 -31.99 4.02 -20.16
CA GLY G 122 -33.00 2.98 -20.23
C GLY G 122 -34.41 3.50 -20.04
N LEU G 123 -35.35 2.83 -20.71
CA LEU G 123 -36.78 3.06 -20.56
C LEU G 123 -37.38 1.81 -19.94
N ILE G 124 -38.07 1.96 -18.80
CA ILE G 124 -38.71 0.85 -18.11
C ILE G 124 -40.19 1.15 -17.95
N LYS G 125 -41.03 0.22 -18.38
CA LYS G 125 -42.47 0.34 -18.22
C LYS G 125 -42.91 -0.41 -16.97
N ASN G 126 -43.67 0.28 -16.12
CA ASN G 126 -44.22 -0.32 -14.91
C ASN G 126 -45.65 -0.79 -15.22
N GLN G 127 -45.72 -1.81 -16.07
CA GLN G 127 -46.98 -2.27 -16.64
C GLN G 127 -47.57 -3.48 -15.94
N ASN G 128 -46.86 -4.09 -14.99
CA ASN G 128 -47.38 -5.21 -14.22
C ASN G 128 -47.04 -5.03 -12.74
N ASN G 129 -47.21 -3.81 -12.22
CA ASN G 129 -46.90 -3.47 -10.83
C ASN G 129 -45.44 -3.83 -10.52
N LEU G 130 -44.55 -3.17 -11.24
CA LEU G 130 -43.21 -3.68 -11.47
C LEU G 130 -42.15 -3.02 -10.60
N VAL G 131 -42.03 -1.70 -10.66
CA VAL G 131 -41.02 -1.00 -9.88
C VAL G 131 -41.39 -1.02 -8.39
N CYS G 132 -42.70 -0.98 -8.10
CA CYS G 132 -43.15 -0.75 -6.73
C CYS G 132 -42.69 -1.84 -5.77
N ARG G 133 -42.77 -3.11 -6.19
CA ARG G 133 -42.37 -4.20 -5.31
C ARG G 133 -40.86 -4.36 -5.22
N LEU G 134 -40.12 -4.02 -6.29
CA LEU G 134 -38.67 -4.13 -6.22
C LEU G 134 -38.06 -3.14 -5.25
N ARG G 135 -38.64 -1.94 -5.12
CA ARG G 135 -38.19 -1.01 -4.10
C ARG G 135 -38.51 -1.52 -2.69
N ARG G 136 -39.68 -2.14 -2.52
CA ARG G 136 -40.00 -2.76 -1.25
C ARG G 136 -39.11 -3.98 -1.00
N LEU G 137 -38.74 -4.69 -2.06
CA LEU G 137 -37.86 -5.85 -1.93
C LEU G 137 -36.41 -5.45 -1.70
N ALA G 138 -35.97 -4.31 -2.23
CA ALA G 138 -34.60 -3.87 -2.05
C ALA G 138 -34.28 -3.64 -0.57
N ASN G 139 -35.21 -3.06 0.18
CA ASN G 139 -34.94 -2.75 1.58
C ASN G 139 -35.38 -3.85 2.54
N GLN G 140 -35.92 -4.96 2.03
CA GLN G 140 -35.92 -6.19 2.82
C GLN G 140 -34.60 -6.93 2.68
N THR G 141 -33.86 -6.68 1.61
CA THR G 141 -32.56 -7.33 1.40
C THR G 141 -31.52 -6.85 2.41
N ALA G 142 -31.56 -5.56 2.76
CA ALA G 142 -30.58 -5.02 3.70
C ALA G 142 -30.70 -5.63 5.09
N LYS G 143 -31.80 -6.30 5.38
CA LYS G 143 -31.94 -7.00 6.66
C LYS G 143 -30.91 -8.11 6.80
N SER G 144 -30.70 -8.89 5.73
CA SER G 144 -29.86 -10.07 5.77
C SER G 144 -28.50 -9.89 5.11
N LEU G 145 -28.37 -8.96 4.17
CA LEU G 145 -27.08 -8.76 3.52
C LEU G 145 -26.09 -8.10 4.47
N GLU G 146 -26.57 -7.26 5.38
CA GLU G 146 -25.66 -6.61 6.34
C GLU G 146 -25.11 -7.62 7.35
N LEU G 147 -25.89 -8.64 7.69
CA LEU G 147 -25.43 -9.69 8.58
C LEU G 147 -24.31 -10.50 7.91
N LEU G 148 -24.46 -10.81 6.64
CA LEU G 148 -23.47 -11.59 5.91
C LEU G 148 -22.14 -10.84 5.80
N LEU G 149 -22.20 -9.54 5.51
CA LEU G 149 -20.97 -8.77 5.35
C LEU G 149 -20.22 -8.60 6.68
N ARG G 150 -20.95 -8.59 7.79
CA ARG G 150 -20.32 -8.47 9.10
C ARG G 150 -19.50 -9.72 9.43
N VAL G 151 -20.01 -10.90 9.04
CA VAL G 151 -19.35 -12.15 9.39
C VAL G 151 -18.04 -12.31 8.62
N THR G 152 -18.07 -12.02 7.32
CA THR G 152 -16.89 -12.24 6.49
C THR G 152 -15.75 -11.31 6.88
N THR G 153 -14.53 -11.82 6.76
CA THR G 153 -13.34 -11.10 7.17
C THR G 153 -12.70 -10.30 6.03
N GLU G 154 -13.08 -10.57 4.78
CA GLU G 154 -12.53 -9.83 3.66
C GLU G 154 -13.27 -8.51 3.49
N GLU G 155 -12.55 -7.50 3.03
CA GLU G 155 -13.04 -6.12 3.09
C GLU G 155 -13.15 -5.44 1.73
N ARG G 156 -12.17 -5.67 0.85
CA ARG G 156 -12.10 -4.94 -0.45
C ARG G 156 -13.35 -5.13 -1.31
N THR G 157 -13.72 -6.36 -1.59
CA THR G 157 -14.84 -6.68 -2.48
C THR G 157 -15.29 -8.11 -2.23
N PHE G 158 -16.60 -8.31 -2.14
CA PHE G 158 -17.19 -9.64 -1.94
C PHE G 158 -18.34 -9.77 -2.94
N SER G 159 -18.06 -10.40 -4.08
CA SER G 159 -19.06 -10.57 -5.13
C SER G 159 -19.92 -11.78 -4.81
N LEU G 160 -21.23 -11.56 -4.68
CA LEU G 160 -22.17 -12.65 -4.41
C LEU G 160 -22.67 -13.33 -5.67
N ILE G 161 -22.20 -12.89 -6.85
CA ILE G 161 -22.71 -13.45 -8.11
C ILE G 161 -22.42 -14.95 -8.18
N ASN G 162 -21.27 -15.37 -7.67
CA ASN G 162 -21.00 -16.80 -7.52
C ASN G 162 -21.93 -17.44 -6.47
N ARG G 163 -22.06 -16.79 -5.30
CA ARG G 163 -22.80 -17.38 -4.20
C ARG G 163 -24.28 -17.59 -4.55
N ILE G 164 -24.90 -16.61 -5.21
CA ILE G 164 -26.29 -16.77 -5.62
C ILE G 164 -26.42 -17.92 -6.60
N ALA G 165 -25.41 -18.14 -7.45
CA ALA G 165 -25.43 -19.26 -8.37
C ALA G 165 -25.31 -20.59 -7.64
N ILE G 166 -24.38 -20.69 -6.68
CA ILE G 166 -24.23 -21.92 -5.92
C ILE G 166 -25.46 -22.18 -5.04
N ASP G 167 -25.95 -21.14 -4.36
CA ASP G 167 -27.14 -21.31 -3.53
C ASP G 167 -28.35 -21.66 -4.37
N PHE G 168 -28.38 -21.22 -5.63
CA PHE G 168 -29.43 -21.67 -6.54
C PHE G 168 -29.34 -23.16 -6.80
N LEU G 169 -28.12 -23.67 -6.99
CA LEU G 169 -27.94 -25.10 -7.24
C LEU G 169 -28.12 -25.91 -5.96
N LEU G 170 -27.66 -25.38 -4.83
CA LEU G 170 -27.78 -26.10 -3.56
C LEU G 170 -29.23 -26.32 -3.17
N THR G 171 -30.08 -25.31 -3.40
CA THR G 171 -31.49 -25.38 -3.05
C THR G 171 -32.36 -25.93 -4.16
N ARG G 172 -31.76 -26.32 -5.30
CA ARG G 172 -32.51 -26.94 -6.39
C ARG G 172 -32.39 -28.46 -6.38
N TRP G 173 -31.19 -28.99 -6.22
CA TRP G 173 -30.97 -30.43 -6.16
C TRP G 173 -31.21 -30.92 -4.72
N GLY G 174 -32.47 -30.85 -4.32
CA GLY G 174 -32.89 -31.26 -3.00
C GLY G 174 -33.26 -32.72 -2.86
N GLY G 175 -33.12 -33.51 -3.92
CA GLY G 175 -33.46 -34.92 -3.87
C GLY G 175 -34.93 -35.18 -4.10
N SER H 38 -18.02 -33.59 -22.76
CA SER H 38 -19.19 -33.06 -22.10
C SER H 38 -19.06 -33.16 -20.58
N GLY H 39 -19.89 -34.00 -19.97
CA GLY H 39 -19.87 -34.17 -18.53
C GLY H 39 -18.70 -34.99 -18.04
N THR H 40 -17.49 -34.46 -18.18
CA THR H 40 -16.28 -35.15 -17.77
C THR H 40 -15.57 -34.46 -16.60
N LEU H 41 -16.25 -33.54 -15.93
CA LEU H 41 -15.67 -32.83 -14.80
C LEU H 41 -15.89 -33.65 -13.52
N GLN H 42 -14.82 -33.92 -12.81
CA GLN H 42 -14.84 -34.70 -11.58
C GLN H 42 -14.51 -33.88 -10.34
N LYS H 43 -13.54 -32.97 -10.45
CA LYS H 43 -13.02 -32.25 -9.30
C LYS H 43 -12.31 -31.00 -9.81
N THR H 44 -12.21 -29.99 -8.94
CA THR H 44 -12.10 -28.60 -9.40
C THR H 44 -10.88 -28.35 -10.27
N GLU H 45 -9.71 -28.82 -9.85
CA GLU H 45 -8.49 -28.55 -10.59
C GLU H 45 -8.24 -29.56 -11.72
N ASP H 46 -9.29 -30.22 -12.21
CA ASP H 46 -9.18 -30.94 -13.49
C ASP H 46 -9.05 -29.97 -14.66
N VAL H 47 -9.61 -28.77 -14.53
CA VAL H 47 -9.55 -27.77 -15.60
C VAL H 47 -8.17 -27.12 -15.62
N HIS H 48 -7.62 -26.96 -16.82
CA HIS H 48 -6.28 -26.41 -17.01
C HIS H 48 -6.34 -25.23 -17.96
N LEU H 49 -5.36 -24.34 -17.84
CA LEU H 49 -5.32 -23.10 -18.62
C LEU H 49 -3.89 -22.88 -19.11
N MET H 50 -3.60 -23.25 -20.35
CA MET H 50 -2.31 -22.89 -20.95
C MET H 50 -2.48 -21.69 -21.86
N GLY H 51 -1.45 -20.84 -21.88
CA GLY H 51 -1.38 -19.75 -22.84
C GLY H 51 -0.43 -20.07 -23.98
N PHE H 52 -0.97 -20.42 -25.14
CA PHE H 52 -0.15 -20.77 -26.29
C PHE H 52 0.42 -19.50 -26.92
N THR H 53 1.73 -19.50 -27.16
CA THR H 53 2.42 -18.29 -27.61
C THR H 53 2.11 -18.01 -29.08
N LEU H 54 2.46 -16.79 -29.51
CA LEU H 54 2.17 -16.34 -30.86
C LEU H 54 3.10 -16.95 -31.91
N SER H 55 4.17 -17.63 -31.50
CA SER H 55 5.08 -18.24 -32.46
C SER H 55 4.45 -19.41 -33.21
N GLY H 56 3.34 -19.95 -32.71
CA GLY H 56 2.72 -21.08 -33.39
C GLY H 56 2.13 -20.72 -34.75
N GLN H 57 1.46 -19.58 -34.84
CA GLN H 57 0.89 -19.12 -36.09
C GLN H 57 1.93 -18.53 -37.03
N LYS H 58 3.22 -18.65 -36.68
CA LYS H 58 4.32 -18.00 -37.38
C LYS H 58 4.07 -16.49 -37.45
N VAL H 59 4.01 -15.89 -36.26
CA VAL H 59 3.94 -14.44 -36.10
C VAL H 59 5.32 -13.97 -35.67
N ALA H 60 5.86 -12.99 -36.39
CA ALA H 60 7.26 -12.62 -36.24
C ALA H 60 7.56 -12.14 -34.83
N ASP H 61 8.47 -12.85 -34.16
CA ASP H 61 8.90 -12.50 -32.81
C ASP H 61 10.27 -11.79 -32.83
N SER H 62 10.61 -11.18 -33.95
CA SER H 62 11.86 -10.45 -34.08
C SER H 62 11.81 -9.17 -33.24
N PRO H 63 12.97 -8.59 -32.90
CA PRO H 63 12.96 -7.35 -32.10
C PRO H 63 12.56 -6.12 -32.89
N LEU H 64 12.02 -6.31 -34.09
CA LEU H 64 11.57 -5.20 -34.92
C LEU H 64 10.07 -5.21 -35.19
N GLU H 65 9.47 -6.39 -35.36
CA GLU H 65 8.07 -6.46 -35.75
C GLU H 65 7.14 -6.69 -34.56
N ALA H 66 7.64 -7.24 -33.47
CA ALA H 66 6.79 -7.48 -32.30
C ALA H 66 6.29 -6.19 -31.67
N SER H 67 7.09 -5.12 -31.76
CA SER H 67 6.65 -3.82 -31.25
C SER H 67 5.56 -3.18 -32.11
N LYS H 68 5.29 -3.72 -33.30
CA LYS H 68 4.27 -3.19 -34.19
C LYS H 68 2.85 -3.57 -33.75
N ARG H 69 2.72 -4.55 -32.85
CA ARG H 69 1.42 -5.02 -32.40
C ARG H 69 1.02 -4.45 -31.04
N TRP H 70 1.69 -3.40 -30.58
CA TRP H 70 1.40 -2.79 -29.29
C TRP H 70 1.10 -1.31 -29.49
N ALA H 71 0.33 -0.74 -28.57
CA ALA H 71 -0.03 0.68 -28.62
C ALA H 71 -0.39 1.13 -27.21
N PHE H 72 -0.89 2.36 -27.11
CA PHE H 72 -1.25 2.96 -25.82
C PHE H 72 -2.69 3.45 -25.87
N ARG H 73 -3.27 3.58 -24.67
CA ARG H 73 -4.60 4.17 -24.51
C ARG H 73 -4.80 4.58 -23.07
N THR H 74 -5.41 5.75 -22.87
CA THR H 74 -5.86 6.18 -21.55
C THR H 74 -7.36 5.99 -21.42
N GLY H 75 -7.81 5.68 -20.20
CA GLY H 75 -9.21 5.53 -19.91
C GLY H 75 -9.72 4.12 -19.76
N VAL H 76 -8.85 3.12 -19.77
CA VAL H 76 -9.28 1.73 -19.62
C VAL H 76 -8.63 1.14 -18.37
N PRO H 77 -9.27 0.21 -17.68
CA PRO H 77 -8.69 -0.35 -16.46
C PRO H 77 -7.78 -1.53 -16.77
N PRO H 78 -6.71 -1.72 -15.98
CA PRO H 78 -5.91 -2.94 -16.11
C PRO H 78 -6.58 -4.11 -15.40
N LYS H 79 -6.42 -5.30 -15.98
CA LYS H 79 -7.04 -6.51 -15.44
C LYS H 79 -6.05 -7.66 -15.47
N ASN H 80 -6.26 -8.63 -14.58
CA ASN H 80 -5.41 -9.80 -14.47
C ASN H 80 -6.25 -11.07 -14.52
N VAL H 81 -5.65 -12.14 -15.04
CA VAL H 81 -6.28 -13.45 -15.12
C VAL H 81 -5.24 -14.52 -14.79
N GLU H 82 -5.66 -15.55 -14.06
CA GLU H 82 -4.77 -16.59 -13.57
C GLU H 82 -4.86 -17.83 -14.45
N TYR H 83 -3.70 -18.40 -14.78
CA TYR H 83 -3.63 -19.64 -15.55
C TYR H 83 -2.69 -20.62 -14.88
N THR H 84 -2.92 -21.91 -15.10
CA THR H 84 -2.23 -22.95 -14.34
C THR H 84 -0.84 -23.23 -14.91
N GLU H 85 -0.77 -23.69 -16.16
CA GLU H 85 0.49 -24.10 -16.78
C GLU H 85 0.58 -23.47 -18.17
N GLY H 86 1.60 -23.82 -18.95
CA GLY H 86 1.67 -23.27 -20.29
C GLY H 86 2.97 -23.59 -20.99
N GLU H 87 2.98 -23.26 -22.28
CA GLU H 87 4.17 -23.40 -23.12
C GLU H 87 5.23 -22.38 -22.73
N GLU H 88 6.49 -22.79 -22.86
CA GLU H 88 7.62 -21.87 -22.75
C GLU H 88 7.88 -21.23 -24.11
N ALA H 89 8.14 -19.92 -24.09
CA ALA H 89 8.26 -19.17 -25.32
C ALA H 89 9.65 -19.30 -25.93
N LYS H 90 9.71 -19.22 -27.26
CA LYS H 90 10.99 -19.21 -27.95
C LYS H 90 11.76 -17.94 -27.62
N THR H 91 11.11 -16.79 -27.77
CA THR H 91 11.72 -15.49 -27.46
C THR H 91 10.83 -14.74 -26.48
N CYS H 92 11.44 -14.15 -25.46
CA CYS H 92 10.75 -13.36 -24.46
C CYS H 92 11.34 -11.96 -24.43
N TYR H 93 10.55 -11.02 -23.92
CA TYR H 93 10.91 -9.61 -23.97
C TYR H 93 10.98 -9.02 -22.56
N ASN H 94 12.00 -8.20 -22.33
CA ASN H 94 12.18 -7.47 -21.08
C ASN H 94 12.32 -6.01 -21.49
N ILE H 95 11.20 -5.33 -21.64
CA ILE H 95 11.13 -3.99 -22.21
C ILE H 95 10.72 -3.02 -21.11
N SER H 96 11.48 -1.95 -20.94
CA SER H 96 11.20 -0.90 -19.97
C SER H 96 11.08 0.41 -20.74
N VAL H 97 9.88 0.69 -21.24
CA VAL H 97 9.63 1.92 -21.98
C VAL H 97 9.52 3.09 -21.00
N THR H 98 10.13 4.21 -21.35
CA THR H 98 10.11 5.38 -20.50
C THR H 98 9.64 6.58 -21.31
N ASP H 99 8.96 7.50 -20.64
CA ASP H 99 8.62 8.78 -21.22
C ASP H 99 9.88 9.63 -21.33
N PRO H 100 9.84 10.74 -22.06
CA PRO H 100 11.02 11.62 -22.10
C PRO H 100 11.46 12.11 -20.72
N SER H 101 10.56 12.15 -19.75
CA SER H 101 10.97 12.45 -18.37
C SER H 101 11.79 11.31 -17.80
N GLY H 102 11.33 10.07 -17.96
CA GLY H 102 12.08 8.92 -17.51
C GLY H 102 11.25 7.85 -16.80
N LYS H 103 10.03 8.20 -16.41
CA LYS H 103 9.18 7.25 -15.70
C LYS H 103 8.74 6.12 -16.61
N SER H 104 8.76 4.90 -16.08
CA SER H 104 8.33 3.73 -16.84
C SER H 104 6.83 3.78 -17.07
N LEU H 105 6.42 3.76 -18.34
CA LEU H 105 5.00 3.83 -18.68
C LEU H 105 4.26 2.56 -18.29
N LEU H 106 4.97 1.46 -18.09
CA LEU H 106 4.34 0.23 -17.66
C LEU H 106 3.96 0.31 -16.18
N LEU H 107 2.91 -0.41 -15.80
CA LEU H 107 2.38 -0.31 -14.46
C LEU H 107 3.28 -1.02 -13.45
N ASP H 108 3.13 -0.63 -12.19
CA ASP H 108 3.82 -1.32 -11.11
C ASP H 108 3.24 -2.74 -10.98
N PRO H 109 4.08 -3.77 -10.96
CA PRO H 109 3.57 -5.14 -10.93
C PRO H 109 2.92 -5.47 -9.60
N PRO H 110 1.82 -6.21 -9.61
CA PRO H 110 1.30 -6.77 -8.36
C PRO H 110 2.29 -7.76 -7.75
N SER H 111 2.16 -7.96 -6.44
CA SER H 111 3.10 -8.81 -5.72
C SER H 111 3.02 -10.26 -6.19
N ASN H 112 1.89 -10.68 -6.73
CA ASN H 112 1.73 -12.04 -7.24
C ASN H 112 2.17 -12.18 -8.69
N ILE H 113 2.80 -11.16 -9.25
CA ILE H 113 3.27 -11.16 -10.63
C ILE H 113 4.79 -11.35 -10.61
N ARG H 114 5.26 -12.41 -11.25
CA ARG H 114 6.67 -12.76 -11.26
C ARG H 114 7.17 -12.89 -12.71
N ASP H 115 8.45 -13.26 -12.84
CA ASP H 115 9.05 -13.43 -14.14
C ASP H 115 8.54 -14.69 -14.82
N TYR H 116 8.61 -14.69 -16.15
CA TYR H 116 8.18 -15.86 -16.90
C TYR H 116 9.16 -17.01 -16.68
N PRO H 117 8.67 -18.24 -16.47
CA PRO H 117 9.54 -19.34 -16.06
C PRO H 117 10.67 -19.70 -17.02
N LYS H 118 10.34 -20.06 -18.25
CA LYS H 118 11.32 -20.61 -19.18
C LYS H 118 11.29 -19.83 -20.50
N CYS H 119 12.47 -19.37 -20.92
CA CYS H 119 12.61 -18.61 -22.16
C CYS H 119 13.93 -19.00 -22.83
N LYS H 120 13.86 -19.35 -24.11
CA LYS H 120 15.09 -19.64 -24.85
C LYS H 120 15.87 -18.36 -25.13
N THR H 121 15.19 -17.29 -25.53
CA THR H 121 15.84 -16.02 -25.82
C THR H 121 15.13 -14.90 -25.06
N VAL H 122 15.92 -14.00 -24.48
CA VAL H 122 15.41 -12.83 -23.77
C VAL H 122 15.92 -11.59 -24.49
N HIS H 123 15.01 -10.77 -24.99
CA HIS H 123 15.35 -9.57 -25.73
C HIS H 123 15.14 -8.36 -24.83
N HIS H 124 16.22 -7.61 -24.60
CA HIS H 124 16.14 -6.40 -23.78
C HIS H 124 15.96 -5.18 -24.68
N ILE H 125 14.77 -5.10 -25.28
CA ILE H 125 14.42 -3.97 -26.12
C ILE H 125 14.18 -2.75 -25.24
N GLN H 126 14.81 -1.63 -25.58
CA GLN H 126 14.70 -0.40 -24.81
C GLN H 126 14.39 0.76 -25.73
N GLY H 127 13.66 1.74 -25.22
CA GLY H 127 13.34 2.92 -26.00
C GLY H 127 12.28 3.76 -25.30
N GLN H 128 11.79 4.76 -26.03
CA GLN H 128 10.90 5.76 -25.47
C GLN H 128 9.72 6.02 -26.40
N ASN H 129 8.66 6.57 -25.83
CA ASN H 129 7.48 7.01 -26.58
C ASN H 129 7.18 8.44 -26.16
N PRO H 130 7.22 9.43 -27.06
CA PRO H 130 7.16 10.83 -26.63
C PRO H 130 5.75 11.40 -26.52
N HIS H 131 4.78 10.79 -27.17
CA HIS H 131 3.42 11.34 -27.22
C HIS H 131 2.36 10.46 -26.58
N ALA H 132 2.57 9.15 -26.53
CA ALA H 132 1.53 8.25 -26.05
C ALA H 132 1.33 8.40 -24.55
N GLN H 133 0.13 8.04 -24.09
CA GLN H 133 -0.25 8.20 -22.69
C GLN H 133 -1.22 7.10 -22.31
N GLY H 134 -1.35 6.89 -21.01
CA GLY H 134 -2.26 5.88 -20.49
C GLY H 134 -1.50 4.63 -20.03
N ILE H 135 -2.02 3.47 -20.40
CA ILE H 135 -1.38 2.19 -20.08
C ILE H 135 -1.13 1.45 -21.38
N ALA H 136 -0.11 0.59 -21.36
CA ALA H 136 0.27 -0.15 -22.55
C ALA H 136 -0.77 -1.22 -22.86
N LEU H 137 -1.18 -1.30 -24.13
CA LEU H 137 -2.17 -2.27 -24.57
C LEU H 137 -1.74 -2.92 -25.87
N HIS H 138 -2.26 -4.12 -26.12
CA HIS H 138 -2.00 -4.87 -27.33
C HIS H 138 -3.07 -4.55 -28.37
N LEU H 139 -2.74 -4.79 -29.64
CA LEU H 139 -3.66 -4.53 -30.75
C LEU H 139 -4.41 -5.78 -31.20
N TRP H 140 -3.69 -6.86 -31.47
CA TRP H 140 -4.29 -8.06 -32.04
C TRP H 140 -5.27 -8.74 -31.09
N GLY H 141 -5.17 -8.49 -29.78
CA GLY H 141 -5.96 -9.18 -28.79
C GLY H 141 -5.19 -10.16 -27.95
N ALA H 142 -3.88 -10.30 -28.17
CA ALA H 142 -3.08 -11.24 -27.41
C ALA H 142 -2.82 -10.71 -26.01
N PHE H 143 -2.83 -11.62 -25.03
CA PHE H 143 -2.54 -11.27 -23.65
C PHE H 143 -1.04 -11.35 -23.38
N PHE H 144 -0.60 -10.58 -22.40
CA PHE H 144 0.79 -10.62 -21.96
C PHE H 144 0.94 -11.64 -20.85
N LEU H 145 1.74 -12.68 -21.10
CA LEU H 145 1.82 -13.83 -20.22
C LEU H 145 2.92 -13.66 -19.20
N TYR H 146 2.57 -13.84 -17.93
CA TYR H 146 3.54 -13.80 -16.83
C TYR H 146 3.41 -15.08 -16.00
N ASP H 147 4.07 -15.12 -14.84
CA ASP H 147 4.17 -16.35 -14.06
C ASP H 147 2.80 -16.72 -13.51
N ARG H 148 2.12 -17.64 -14.20
CA ARG H 148 0.84 -18.22 -13.81
C ARG H 148 -0.29 -17.19 -13.70
N VAL H 149 -0.05 -15.94 -14.10
CA VAL H 149 -1.09 -14.92 -14.13
C VAL H 149 -0.91 -14.12 -15.42
N ALA H 150 -1.85 -14.23 -16.35
CA ALA H 150 -1.84 -13.45 -17.57
C ALA H 150 -2.53 -12.12 -17.34
N SER H 151 -2.11 -11.11 -18.10
CA SER H 151 -2.55 -9.74 -17.88
C SER H 151 -2.94 -9.09 -19.20
N THR H 152 -3.79 -8.08 -19.09
CA THR H 152 -4.18 -7.26 -20.24
C THR H 152 -3.28 -6.03 -20.43
N THR H 153 -2.28 -5.86 -19.57
CA THR H 153 -1.35 -4.74 -19.65
C THR H 153 0.08 -5.26 -19.46
N MET H 154 1.03 -4.34 -19.54
CA MET H 154 2.44 -4.65 -19.40
C MET H 154 2.97 -4.06 -18.09
N TYR H 155 3.74 -4.86 -17.36
CA TYR H 155 4.23 -4.47 -16.04
C TYR H 155 5.70 -4.09 -16.10
N ARG H 156 6.16 -3.43 -15.03
CA ARG H 156 7.41 -2.67 -15.04
C ARG H 156 8.61 -3.60 -15.18
N GLY H 157 9.25 -3.57 -16.35
CA GLY H 157 10.61 -4.05 -16.53
C GLY H 157 10.87 -5.50 -16.17
N LYS H 158 10.03 -6.42 -16.63
CA LYS H 158 10.28 -7.82 -16.35
C LYS H 158 9.76 -8.67 -17.50
N VAL H 159 10.20 -9.93 -17.52
CA VAL H 159 10.07 -10.79 -18.69
C VAL H 159 8.63 -11.23 -18.88
N PHE H 160 8.16 -11.17 -20.13
CA PHE H 160 6.83 -11.62 -20.50
C PHE H 160 6.89 -12.24 -21.90
N THR H 161 5.72 -12.67 -22.38
CA THR H 161 5.59 -13.16 -23.74
C THR H 161 4.14 -12.99 -24.18
N GLU H 162 3.94 -12.94 -25.50
CA GLU H 162 2.60 -12.87 -26.07
C GLU H 162 1.93 -14.24 -26.04
N GLY H 163 0.61 -14.23 -26.00
CA GLY H 163 -0.13 -15.48 -26.03
C GLY H 163 -1.58 -15.26 -25.66
N ASN H 164 -2.33 -16.36 -25.77
CA ASN H 164 -3.75 -16.39 -25.42
C ASN H 164 -4.01 -17.64 -24.60
N ILE H 165 -4.72 -17.51 -23.49
CA ILE H 165 -4.96 -18.62 -22.58
C ILE H 165 -6.18 -19.41 -23.06
N ALA H 166 -6.11 -20.73 -22.90
CA ALA H 166 -7.15 -21.63 -23.37
C ALA H 166 -7.60 -22.54 -22.23
N ALA H 167 -8.91 -22.75 -22.14
CA ALA H 167 -9.50 -23.57 -21.10
C ALA H 167 -9.86 -24.95 -21.65
N MET H 168 -9.64 -25.98 -20.85
CA MET H 168 -10.04 -27.34 -21.22
C MET H 168 -10.14 -28.18 -19.96
N ILE H 169 -10.73 -29.36 -20.11
CA ILE H 169 -10.98 -30.28 -19.01
C ILE H 169 -10.31 -31.61 -19.31
N VAL H 170 -9.30 -31.97 -18.51
CA VAL H 170 -8.63 -33.26 -18.62
C VAL H 170 -8.40 -33.81 -17.21
N ASN H 171 -8.47 -35.14 -17.09
CA ASN H 171 -8.17 -35.81 -15.83
C ASN H 171 -6.75 -36.36 -15.86
N LYS H 172 -6.38 -37.06 -14.78
CA LYS H 172 -5.00 -37.52 -14.65
C LYS H 172 -4.69 -38.67 -15.59
N THR H 173 -5.68 -39.48 -15.95
CA THR H 173 -5.43 -40.58 -16.88
C THR H 173 -5.10 -40.05 -18.27
N VAL H 174 -5.88 -39.09 -18.77
CA VAL H 174 -5.61 -38.52 -20.09
C VAL H 174 -4.34 -37.66 -20.05
N HIS H 175 -4.18 -36.86 -18.99
CA HIS H 175 -3.02 -35.97 -18.91
C HIS H 175 -1.71 -36.73 -18.78
N ARG H 176 -1.74 -37.93 -18.20
CA ARG H 176 -0.51 -38.70 -18.04
C ARG H 176 0.07 -39.09 -19.39
N MET H 177 -0.77 -39.49 -20.33
CA MET H 177 -0.31 -39.94 -21.64
C MET H 177 -0.05 -38.80 -22.61
N ILE H 178 -0.24 -37.55 -22.20
CA ILE H 178 -0.10 -36.40 -23.08
C ILE H 178 1.00 -35.47 -22.57
N PHE H 179 1.25 -35.50 -21.25
CA PHE H 179 2.27 -34.64 -20.67
C PHE H 179 3.66 -34.97 -21.20
N SER H 180 3.98 -36.25 -21.33
CA SER H 180 5.28 -36.66 -21.87
C SER H 180 5.21 -38.07 -22.45
N ASP I 44 -15.72 -17.61 -23.53
CA ASP I 44 -14.55 -18.48 -23.59
C ASP I 44 -14.94 -19.95 -23.65
N GLU I 45 -14.86 -20.52 -24.85
CA GLU I 45 -15.20 -21.92 -25.05
C GLU I 45 -14.19 -22.82 -24.33
N SER I 46 -14.66 -24.01 -23.96
CA SER I 46 -13.84 -24.98 -23.23
C SER I 46 -14.10 -26.38 -23.76
N PRO I 47 -13.17 -26.93 -24.55
CA PRO I 47 -13.30 -28.31 -24.99
C PRO I 47 -12.90 -29.29 -23.90
N SER I 48 -13.09 -30.58 -24.21
CA SER I 48 -12.80 -31.65 -23.27
C SER I 48 -12.11 -32.78 -24.04
N PHE I 49 -10.79 -32.84 -23.94
CA PHE I 49 -10.03 -33.91 -24.58
C PHE I 49 -10.01 -35.12 -23.64
N ASN I 50 -10.72 -36.18 -24.03
CA ASN I 50 -10.78 -37.41 -23.26
C ASN I 50 -10.59 -38.60 -24.19
N THR I 51 -9.96 -39.65 -23.66
CA THR I 51 -9.73 -40.86 -24.43
C THR I 51 -10.97 -41.74 -24.39
N SER I 52 -11.45 -42.12 -25.57
CA SER I 52 -12.65 -42.97 -25.74
C SER I 52 -13.87 -42.38 -25.03
N SER I 64 -10.96 -43.82 -28.58
CA SER I 64 -11.07 -42.72 -29.52
C SER I 64 -10.56 -41.42 -28.90
N LEU I 65 -9.53 -40.85 -29.51
CA LEU I 65 -8.95 -39.59 -29.05
C LEU I 65 -9.72 -38.39 -29.63
N THR I 66 -10.99 -38.34 -29.29
CA THR I 66 -11.91 -37.35 -29.85
C THR I 66 -12.06 -36.16 -28.90
N PHE I 67 -12.46 -35.03 -29.47
CA PHE I 67 -12.69 -33.80 -28.73
C PHE I 67 -14.19 -33.58 -28.54
N SER I 68 -14.52 -32.54 -27.79
CA SER I 68 -15.90 -32.15 -27.55
C SER I 68 -15.90 -30.67 -27.14
N TYR I 69 -17.03 -30.20 -26.62
CA TYR I 69 -17.12 -28.86 -26.05
C TYR I 69 -18.08 -28.85 -24.86
N CYS I 87 0.29 -24.32 -37.12
CA CYS I 87 0.38 -25.05 -35.86
C CYS I 87 1.62 -25.94 -35.80
N ASP I 88 2.45 -25.69 -34.80
CA ASP I 88 3.70 -26.44 -34.62
C ASP I 88 3.45 -27.67 -33.75
N ALA I 89 4.22 -28.71 -34.01
CA ALA I 89 4.16 -29.92 -33.20
C ALA I 89 5.11 -29.90 -32.02
N GLU I 90 5.99 -28.91 -31.93
CA GLU I 90 6.94 -28.79 -30.82
C GLU I 90 6.29 -27.96 -29.73
N LEU I 91 5.65 -28.64 -28.79
CA LEU I 91 4.95 -27.98 -27.68
C LEU I 91 5.71 -28.31 -26.40
N ARG I 92 6.73 -27.50 -26.09
CA ARG I 92 7.52 -27.67 -24.88
C ARG I 92 6.92 -26.79 -23.78
N ILE I 93 6.44 -27.43 -22.72
CA ILE I 93 5.67 -26.75 -21.69
C ILE I 93 6.38 -26.89 -20.36
N TRP I 94 5.91 -26.11 -19.39
CA TRP I 94 6.26 -26.24 -17.99
C TRP I 94 4.98 -26.39 -17.17
N SER I 95 5.06 -27.17 -16.09
CA SER I 95 3.89 -27.51 -15.30
C SER I 95 4.26 -27.60 -13.83
N VAL I 96 3.24 -27.48 -12.98
CA VAL I 96 3.40 -27.68 -11.55
C VAL I 96 3.43 -29.17 -11.26
N GLN I 97 4.46 -29.61 -10.55
CA GLN I 97 4.68 -31.04 -10.33
C GLN I 97 3.54 -31.67 -9.54
N GLU I 98 3.12 -32.85 -9.99
CA GLU I 98 2.01 -33.55 -9.37
C GLU I 98 2.40 -34.98 -8.99
N ALA I 103 11.30 -38.37 0.92
CA ALA I 103 10.18 -39.15 0.39
C ALA I 103 9.02 -39.16 1.39
N GLY I 104 7.91 -38.54 1.01
CA GLY I 104 6.73 -38.47 1.84
C GLY I 104 6.67 -37.27 2.76
N LEU I 105 7.76 -36.52 2.90
CA LEU I 105 7.78 -35.30 3.70
C LEU I 105 7.62 -34.05 2.85
N SER I 106 7.39 -34.20 1.54
CA SER I 106 7.41 -33.06 0.63
C SER I 106 6.22 -32.13 0.82
N TRP I 107 5.10 -32.65 1.32
CA TRP I 107 3.90 -31.83 1.46
C TRP I 107 4.07 -30.73 2.51
N ILE I 108 5.00 -30.90 3.45
CA ILE I 108 5.32 -29.81 4.39
C ILE I 108 5.98 -28.68 3.63
N PRO I 109 5.57 -27.42 3.86
CA PRO I 109 6.20 -26.30 3.15
C PRO I 109 7.68 -26.15 3.44
N PHE I 110 8.13 -26.50 4.65
CA PHE I 110 9.56 -26.43 4.95
C PHE I 110 10.35 -27.45 4.14
N PHE I 111 9.76 -28.62 3.88
CA PHE I 111 10.39 -29.65 3.07
C PHE I 111 9.83 -29.69 1.65
N GLY I 112 9.26 -28.58 1.17
CA GLY I 112 8.78 -28.51 -0.19
C GLY I 112 9.90 -28.23 -1.17
N PRO I 113 9.53 -28.11 -2.45
CA PRO I 113 10.53 -27.88 -3.49
C PRO I 113 10.77 -26.42 -3.86
N GLY I 114 9.97 -25.49 -3.35
CA GLY I 114 10.10 -24.10 -3.71
C GLY I 114 9.39 -23.77 -5.01
N ILE I 115 9.25 -22.47 -5.26
CA ILE I 115 8.57 -22.03 -6.47
C ILE I 115 9.52 -22.06 -7.67
N GLU I 116 10.82 -21.96 -7.44
CA GLU I 116 11.78 -22.04 -8.54
C GLU I 116 11.82 -23.45 -9.12
N GLY I 117 11.94 -24.45 -8.27
CA GLY I 117 12.02 -25.83 -8.69
C GLY I 117 10.69 -26.53 -8.86
N LEU I 118 9.58 -25.84 -8.67
CA LEU I 118 8.27 -26.47 -8.85
C LEU I 118 8.01 -26.82 -10.31
N TYR I 119 8.61 -26.08 -11.23
CA TYR I 119 8.33 -26.24 -12.65
C TYR I 119 8.99 -27.51 -13.18
N THR I 120 8.23 -28.31 -13.92
CA THR I 120 8.73 -29.54 -14.51
C THR I 120 8.64 -29.46 -16.03
N ALA I 121 9.68 -29.94 -16.70
CA ALA I 121 9.69 -29.93 -18.16
C ALA I 121 8.78 -31.02 -18.71
N GLY I 122 8.17 -30.72 -19.86
CA GLY I 122 7.27 -31.65 -20.50
C GLY I 122 7.24 -31.43 -22.00
N LEU I 123 6.58 -32.35 -22.70
CA LEU I 123 6.49 -32.29 -24.15
C LEU I 123 5.14 -32.86 -24.58
N ILE I 124 4.35 -32.07 -25.28
CA ILE I 124 3.06 -32.49 -25.80
C ILE I 124 3.21 -32.87 -27.26
N LYS I 125 2.84 -34.10 -27.60
CA LYS I 125 2.88 -34.57 -28.98
C LYS I 125 1.53 -34.32 -29.65
N ASN I 126 1.58 -33.97 -30.93
CA ASN I 126 0.38 -33.72 -31.73
C ASN I 126 0.06 -34.95 -32.58
N GLN I 127 -0.31 -36.04 -31.90
CA GLN I 127 -0.53 -37.29 -32.61
C GLN I 127 -1.85 -37.26 -33.38
N ASN I 128 -2.91 -36.73 -32.76
CA ASN I 128 -4.23 -36.60 -33.41
C ASN I 128 -4.65 -35.16 -33.16
N ASN I 129 -4.14 -34.24 -34.00
CA ASN I 129 -4.44 -32.81 -34.09
C ASN I 129 -4.81 -32.18 -32.75
N LEU I 130 -4.01 -32.45 -31.72
CA LEU I 130 -4.29 -31.95 -30.38
C LEU I 130 -3.73 -30.55 -30.18
N VAL I 131 -2.49 -30.33 -30.61
CA VAL I 131 -1.93 -28.99 -30.57
C VAL I 131 -2.63 -28.08 -31.57
N CYS I 132 -2.91 -28.61 -32.76
CA CYS I 132 -3.44 -27.78 -33.84
C CYS I 132 -4.86 -27.31 -33.55
N ARG I 133 -5.65 -28.14 -32.85
CA ARG I 133 -6.98 -27.72 -32.44
C ARG I 133 -6.97 -26.82 -31.22
N LEU I 134 -5.83 -26.69 -30.55
CA LEU I 134 -5.72 -25.85 -29.36
C LEU I 134 -5.07 -24.50 -29.64
N ARG I 135 -4.19 -24.42 -30.63
CA ARG I 135 -3.64 -23.12 -31.01
C ARG I 135 -4.70 -22.24 -31.65
N ARG I 136 -5.60 -22.84 -32.44
CA ARG I 136 -6.71 -22.07 -33.02
C ARG I 136 -7.69 -21.61 -31.95
N LEU I 137 -7.86 -22.41 -30.90
CA LEU I 137 -8.73 -22.01 -29.79
C LEU I 137 -8.23 -20.78 -29.06
N ALA I 138 -6.93 -20.48 -29.17
CA ALA I 138 -6.34 -19.41 -28.37
C ALA I 138 -6.97 -18.06 -28.69
N ASN I 139 -7.01 -17.68 -29.97
CA ASN I 139 -7.64 -16.41 -30.31
C ASN I 139 -9.16 -16.49 -30.36
N GLN I 140 -9.75 -17.68 -30.34
CA GLN I 140 -11.20 -17.76 -30.14
C GLN I 140 -11.59 -17.26 -28.76
N THR I 141 -10.79 -17.58 -27.74
CA THR I 141 -11.11 -17.18 -26.38
C THR I 141 -10.74 -15.74 -26.08
N ALA I 142 -9.91 -15.11 -26.92
CA ALA I 142 -9.54 -13.72 -26.68
C ALA I 142 -10.71 -12.76 -26.89
N LYS I 143 -11.70 -13.15 -27.69
CA LYS I 143 -12.86 -12.32 -27.91
C LYS I 143 -13.64 -12.09 -26.62
N SER I 144 -14.18 -13.17 -26.04
CA SER I 144 -15.10 -13.05 -24.92
C SER I 144 -14.40 -12.74 -23.60
N LEU I 145 -13.18 -13.24 -23.42
CA LEU I 145 -12.49 -13.02 -22.14
C LEU I 145 -12.15 -11.56 -21.93
N GLU I 146 -11.87 -10.82 -23.00
CA GLU I 146 -11.58 -9.40 -22.87
C GLU I 146 -12.81 -8.62 -22.42
N LEU I 147 -13.98 -9.01 -22.92
CA LEU I 147 -15.23 -8.37 -22.48
C LEU I 147 -15.53 -8.70 -21.02
N LEU I 148 -15.24 -9.92 -20.60
CA LEU I 148 -15.50 -10.34 -19.23
C LEU I 148 -14.70 -9.51 -18.23
N LEU I 149 -13.42 -9.28 -18.52
CA LEU I 149 -12.58 -8.49 -17.63
C LEU I 149 -12.93 -7.01 -17.64
N ARG I 150 -13.59 -6.55 -18.70
CA ARG I 150 -14.04 -5.16 -18.77
C ARG I 150 -15.09 -4.87 -17.70
N VAL I 151 -16.02 -5.80 -17.48
CA VAL I 151 -17.16 -5.56 -16.61
C VAL I 151 -16.71 -5.50 -15.15
N THR I 152 -15.83 -6.42 -14.74
CA THR I 152 -15.45 -6.51 -13.34
C THR I 152 -14.71 -5.25 -12.89
N THR I 153 -15.08 -4.75 -11.72
CA THR I 153 -14.45 -3.58 -11.12
C THR I 153 -13.28 -3.95 -10.23
N GLU I 154 -12.91 -5.21 -10.16
CA GLU I 154 -11.88 -5.69 -9.24
C GLU I 154 -10.62 -5.98 -10.05
N GLU I 155 -9.53 -5.30 -9.69
CA GLU I 155 -8.28 -5.35 -10.43
C GLU I 155 -7.25 -6.30 -9.84
N ARG I 156 -7.64 -7.12 -8.87
CA ARG I 156 -6.73 -8.12 -8.33
C ARG I 156 -6.75 -9.33 -9.25
N THR I 157 -6.10 -10.42 -8.84
CA THR I 157 -6.10 -11.63 -9.66
C THR I 157 -7.48 -12.29 -9.60
N PHE I 158 -8.07 -12.51 -10.76
CA PHE I 158 -9.41 -13.07 -10.86
C PHE I 158 -9.28 -14.54 -11.24
N SER I 159 -9.88 -15.41 -10.42
CA SER I 159 -9.85 -16.85 -10.66
C SER I 159 -11.09 -17.25 -11.42
N LEU I 160 -10.94 -17.59 -12.70
CA LEU I 160 -12.02 -18.13 -13.49
C LEU I 160 -12.22 -19.63 -13.26
N ILE I 161 -11.44 -20.22 -12.33
CA ILE I 161 -11.51 -21.65 -12.09
C ILE I 161 -12.88 -22.04 -11.58
N ASN I 162 -13.41 -21.28 -10.62
CA ASN I 162 -14.77 -21.52 -10.15
C ASN I 162 -15.80 -21.07 -11.18
N ARG I 163 -15.48 -20.05 -11.97
CA ARG I 163 -16.40 -19.52 -12.96
C ARG I 163 -16.78 -20.60 -13.97
N ILE I 164 -15.77 -21.33 -14.47
CA ILE I 164 -16.02 -22.39 -15.44
C ILE I 164 -16.78 -23.54 -14.81
N ALA I 165 -16.42 -23.91 -13.57
CA ALA I 165 -17.09 -25.01 -12.90
C ALA I 165 -18.55 -24.69 -12.62
N ILE I 166 -18.83 -23.48 -12.14
CA ILE I 166 -20.23 -23.09 -11.89
C ILE I 166 -21.00 -23.01 -13.19
N ASP I 167 -20.41 -22.42 -14.23
CA ASP I 167 -21.07 -22.33 -15.53
C ASP I 167 -21.33 -23.70 -16.11
N PHE I 168 -20.39 -24.63 -15.92
CA PHE I 168 -20.54 -25.98 -16.45
C PHE I 168 -21.74 -26.68 -15.82
N LEU I 169 -21.92 -26.52 -14.51
CA LEU I 169 -23.07 -27.12 -13.84
C LEU I 169 -24.38 -26.50 -14.32
N LEU I 170 -24.39 -25.18 -14.50
CA LEU I 170 -25.63 -24.49 -14.90
C LEU I 170 -26.06 -24.88 -16.30
N THR I 171 -25.11 -25.01 -17.23
CA THR I 171 -25.46 -25.32 -18.61
C THR I 171 -25.62 -26.82 -18.86
N ARG I 172 -25.23 -27.67 -17.91
CA ARG I 172 -25.39 -29.11 -18.09
C ARG I 172 -26.84 -29.53 -17.88
N TRP I 173 -27.52 -28.92 -16.91
CA TRP I 173 -28.90 -29.30 -16.58
C TRP I 173 -29.83 -28.81 -17.68
N GLY I 174 -30.43 -29.74 -18.42
CA GLY I 174 -31.32 -29.40 -19.50
C GLY I 174 -32.68 -30.05 -19.32
N GLY I 175 -33.73 -29.37 -19.78
CA GLY I 175 -35.07 -29.87 -19.67
C GLY I 175 -35.64 -29.80 -18.27
C1 NAG J . 24.01 0.62 27.82
C2 NAG J . 23.44 0.49 26.40
C3 NAG J . 21.99 1.02 26.29
C4 NAG J . 21.10 0.56 27.43
C5 NAG J . 21.81 1.05 28.70
C6 NAG J . 21.11 0.85 30.03
C7 NAG J . 24.65 0.86 24.26
C8 NAG J . 25.53 1.85 23.53
N2 NAG J . 24.26 1.25 25.49
O3 NAG J . 21.49 0.64 25.03
O4 NAG J . 19.85 1.18 27.17
O5 NAG J . 23.01 0.33 28.78
O6 NAG J . 20.83 -0.51 30.23
O7 NAG J . 24.34 -0.21 23.76
C1 NAG J . 18.70 0.40 27.59
C2 NAG J . 17.73 0.18 26.41
C3 NAG J . 16.45 -0.44 26.95
C4 NAG J . 16.67 -1.61 27.93
C5 NAG J . 17.93 -1.42 28.79
C6 NAG J . 18.39 -2.69 29.48
C7 NAG J . 17.68 1.66 24.44
C8 NAG J . 17.30 3.05 23.96
N2 NAG J . 17.45 1.42 25.74
O3 NAG J . 15.65 -0.81 25.86
O4 NAG J . 15.53 -1.59 28.76
O5 NAG J . 19.01 -0.89 28.04
O6 NAG J . 19.44 -2.40 30.36
O7 NAG J . 18.16 0.84 23.67
C1 BMA J . 14.66 -2.72 28.56
C2 BMA J . 13.77 -2.77 29.79
C3 BMA J . 12.73 -3.90 29.68
C4 BMA J . 12.32 -4.30 28.25
C5 BMA J . 12.72 -3.32 27.14
C6 BMA J . 11.57 -2.40 26.72
O2 BMA J . 13.18 -1.51 29.96
O3 BMA J . 11.65 -3.51 30.48
O4 BMA J . 12.91 -5.57 28.01
O5 BMA J . 13.89 -2.56 27.39
O6 BMA J . 11.60 -2.36 25.30
C1 MAN J . 10.86 -4.66 30.86
C2 MAN J . 9.80 -4.18 31.87
C3 MAN J . 9.49 -5.30 32.85
C4 MAN J . 10.72 -5.67 33.67
C5 MAN J . 11.99 -5.58 32.83
C6 MAN J . 12.94 -6.72 33.12
O2 MAN J . 8.67 -3.80 31.12
O3 MAN J . 9.02 -6.40 32.11
O4 MAN J . 10.77 -4.77 34.77
O5 MAN J . 11.68 -5.66 31.44
O6 MAN J . 13.28 -6.69 34.49
C1 MAN J . 10.32 -2.77 24.79
C2 MAN J . 10.56 -3.66 23.58
C3 MAN J . 9.23 -4.05 22.93
C4 MAN J . 8.33 -2.84 22.67
C5 MAN J . 8.29 -1.86 23.86
C6 MAN J . 7.38 -2.34 24.99
O2 MAN J . 11.24 -4.80 24.04
O3 MAN J . 8.61 -5.01 23.74
O4 MAN J . 8.84 -2.20 21.52
O5 MAN J . 9.58 -1.64 24.41
O6 MAN J . 6.24 -1.53 25.04
C1 NAG K . 27.57 14.43 -20.76
C2 NAG K . 26.25 14.04 -20.06
C3 NAG K . 26.43 12.73 -19.32
C4 NAG K . 26.69 11.66 -20.36
C5 NAG K . 27.97 12.01 -21.11
C6 NAG K . 27.89 11.80 -22.61
C7 NAG K . 24.64 15.70 -19.16
C8 NAG K . 24.46 16.75 -18.11
N2 NAG K . 25.84 15.08 -19.16
O3 NAG K . 25.28 12.49 -18.56
O4 NAG K . 26.85 10.44 -19.66
O5 NAG K . 28.46 13.33 -20.83
O6 NAG K . 28.93 12.50 -23.25
O7 NAG K . 23.76 15.43 -19.97
C1 NAG K . 26.01 9.39 -20.19
C2 NAG K . 26.99 8.26 -20.59
C3 NAG K . 26.60 6.86 -20.15
C4 NAG K . 25.88 6.90 -18.80
C5 NAG K . 24.62 7.74 -19.04
C6 NAG K . 23.62 7.69 -17.92
C7 NAG K . 28.41 8.26 -22.64
C8 NAG K . 29.63 8.29 -21.75
N2 NAG K . 27.21 8.25 -22.02
O3 NAG K . 27.78 6.11 -20.11
O4 NAG K . 25.64 5.61 -18.24
O5 NAG K . 25.06 9.08 -19.19
O6 NAG K . 24.26 8.02 -16.70
O7 NAG K . 28.51 8.26 -23.86
C1 BMA K . 25.11 4.61 -19.15
C2 BMA K . 26.12 3.46 -19.17
C3 BMA K . 25.63 2.34 -20.11
C4 BMA K . 24.09 2.15 -20.15
C5 BMA K . 23.31 2.89 -19.06
C6 BMA K . 23.10 2.05 -17.80
O2 BMA K . 26.33 3.03 -17.85
O3 BMA K . 26.33 1.18 -19.75
O4 BMA K . 23.69 2.62 -21.42
O5 BMA K . 23.83 4.17 -18.71
O6 BMA K . 22.66 0.77 -18.23
C1 MAN K . 27.22 0.81 -20.81
C2 MAN K . 28.28 -0.12 -20.21
C3 MAN K . 29.69 0.39 -20.54
C4 MAN K . 29.82 0.67 -22.03
C5 MAN K . 28.77 1.71 -22.44
C6 MAN K . 27.99 1.28 -23.66
O2 MAN K . 28.05 -1.40 -20.75
O3 MAN K . 30.60 -0.61 -20.12
O4 MAN K . 31.13 1.14 -22.25
O5 MAN K . 27.84 1.94 -21.39
O6 MAN K . 28.56 1.86 -24.81
C1 MAN K . 21.44 0.43 -17.53
C2 MAN K . 20.83 -0.77 -18.25
C3 MAN K . 19.30 -0.63 -18.35
C4 MAN K . 18.72 -0.05 -17.06
C5 MAN K . 19.34 1.34 -16.80
C6 MAN K . 19.68 1.51 -15.33
O2 MAN K . 21.20 -1.91 -17.52
O3 MAN K . 18.78 -1.91 -18.63
O4 MAN K . 17.32 0.03 -17.24
O5 MAN K . 20.53 1.51 -17.54
O6 MAN K . 18.49 1.58 -14.59
C1 NAG L . -7.63 35.52 9.51
C2 NAG L . -7.37 34.00 9.48
C3 NAG L . -7.37 33.51 8.04
C4 NAG L . -8.76 33.72 7.47
C5 NAG L . -9.09 35.21 7.52
C6 NAG L . -10.50 35.49 7.98
C7 NAG L . -5.95 32.84 11.12
C8 NAG L . -4.52 32.69 11.61
N2 NAG L . -6.10 33.70 10.10
O3 NAG L . -7.00 32.15 8.04
O4 NAG L . -8.72 33.28 6.12
O5 NAG L . -8.17 35.99 8.29
O6 NAG L . -10.73 36.88 7.98
O7 NAG L . -6.87 32.23 11.64
C1 NAG L . -9.60 32.18 5.87
C2 NAG L . -10.57 32.66 4.76
C3 NAG L . -10.91 31.62 3.70
C4 NAG L . -9.66 30.83 3.35
C5 NAG L . -9.28 30.09 4.63
C6 NAG L . -8.20 29.04 4.44
C7 NAG L . -12.32 34.41 5.07
C8 NAG L . -11.57 35.27 4.08
N2 NAG L . -11.77 33.20 5.33
O3 NAG L . -11.45 32.32 2.62
O4 NAG L . -9.80 30.02 2.19
O5 NAG L . -8.79 31.06 5.53
O6 NAG L . -7.85 28.50 5.69
O7 NAG L . -13.35 34.80 5.58
C1 BMA L . -10.99 29.21 2.09
C2 BMA L . -11.68 29.63 0.81
C3 BMA L . -12.94 28.78 0.53
C4 BMA L . -12.89 27.35 1.10
C5 BMA L . -11.48 26.86 1.47
C6 BMA L . -10.76 26.18 0.32
O2 BMA L . -10.74 29.58 -0.23
O3 BMA L . -13.11 28.81 -0.86
O4 BMA L . -13.72 27.36 2.24
O5 BMA L . -10.65 27.84 2.08
O6 BMA L . -11.76 25.57 -0.47
C1 MAN L . -14.05 29.85 -1.21
C2 MAN L . -14.76 29.44 -2.51
C3 MAN L . -14.76 30.59 -3.51
C4 MAN L . -15.19 31.89 -2.84
C5 MAN L . -14.24 32.20 -1.67
C6 MAN L . -14.98 32.54 -0.39
O2 MAN L . -16.06 29.04 -2.16
O3 MAN L . -15.63 30.24 -4.57
O4 MAN L . -15.17 32.89 -3.82
O5 MAN L . -13.41 31.09 -1.41
O6 MAN L . -15.87 33.59 -0.65
C1 MAN L . -11.62 24.13 -0.44
C2 MAN L . -13.04 23.55 -0.34
C3 MAN L . -13.13 22.54 0.81
C4 MAN L . -11.97 21.55 0.72
C5 MAN L . -10.64 22.30 0.77
C6 MAN L . -9.73 21.87 -0.37
O2 MAN L . -13.33 22.95 -1.58
O3 MAN L . -14.38 21.92 0.72
O4 MAN L . -12.12 20.67 1.82
O5 MAN L . -10.85 23.70 0.65
O6 MAN L . -9.20 20.59 -0.08
C1 NAG M . 2.59 -8.73 22.02
C2 NAG M . 1.51 -7.86 22.67
C3 NAG M . 1.32 -6.61 21.80
C4 NAG M . 2.64 -5.92 21.46
C5 NAG M . 3.73 -6.92 21.07
C6 NAG M . 5.11 -6.33 20.94
C7 NAG M . -0.46 -8.62 23.93
C8 NAG M . -1.73 -9.41 23.85
N2 NAG M . 0.26 -8.56 22.80
O3 NAG M . 0.43 -5.75 22.46
O4 NAG M . 2.34 -5.05 20.40
O5 NAG M . 3.78 -7.99 22.00
O6 NAG M . 5.47 -5.69 22.14
O7 NAG M . -0.12 -8.08 24.98
C1 NAG M . 2.63 -3.69 20.74
C2 NAG M . 2.39 -2.81 19.51
C3 NAG M . 2.75 -1.38 19.84
C4 NAG M . 2.00 -0.89 21.09
C5 NAG M . 2.20 -1.92 22.22
C6 NAG M . 1.41 -1.59 23.48
C7 NAG M . 2.56 -3.91 17.31
C8 NAG M . 3.52 -4.34 16.23
N2 NAG M . 3.12 -3.30 18.37
O3 NAG M . 2.47 -0.61 18.69
O4 NAG M . 2.52 0.37 21.45
O5 NAG M . 1.82 -3.20 21.79
O6 NAG M . 0.05 -1.53 23.19
O7 NAG M . 1.36 -4.13 17.21
C1 BMA M . 1.65 1.42 20.97
C2 BMA M . 0.51 1.61 21.97
C3 BMA M . -0.44 2.73 21.49
C4 BMA M . 0.21 3.79 20.57
C5 BMA M . 1.74 3.88 20.69
C6 BMA M . 2.20 4.84 21.80
O2 BMA M . 1.06 1.84 23.23
O3 BMA M . -1.01 3.28 22.65
O4 BMA M . -0.18 3.47 19.25
O5 BMA M . 2.40 2.63 20.86
O6 BMA M . 3.58 4.69 21.94
C1 NAG N . -16.61 16.32 -4.78
C2 NAG N . -16.20 16.71 -6.21
C3 NAG N . -14.72 16.39 -6.38
C4 NAG N . -13.88 17.07 -5.31
C5 NAG N . -14.47 16.80 -3.92
C6 NAG N . -13.79 17.59 -2.81
C7 NAG N . -17.66 16.66 -8.20
C8 NAG N . -17.53 18.16 -8.27
N2 NAG N . -17.00 16.05 -7.20
O3 NAG N . -14.36 16.78 -7.68
O4 NAG N . -12.57 16.55 -5.40
O5 NAG N . -15.84 17.10 -3.90
O6 NAG N . -14.43 17.34 -1.59
O7 NAG N . -18.33 16.05 -9.02
C1 NAG N . -11.70 17.51 -6.01
C2 NAG N . -10.35 17.51 -5.28
C3 NAG N . -9.38 18.44 -5.98
C4 NAG N . -9.27 18.10 -7.46
C5 NAG N . -10.68 18.09 -8.07
C6 NAG N . -10.72 17.75 -9.54
C7 NAG N . -10.15 17.12 -2.85
C8 NAG N . -10.39 17.72 -1.49
N2 NAG N . -10.51 17.89 -3.89
O3 NAG N . -8.14 18.35 -5.32
O4 NAG N . -8.43 19.04 -8.07
O5 NAG N . -11.49 17.17 -7.36
O6 NAG N . -12.05 17.68 -9.98
O7 NAG N . -9.66 16.01 -2.98
C1 BMA N . -7.20 18.40 -8.46
C2 BMA N . -6.59 19.21 -9.60
C3 BMA N . -5.26 18.55 -10.07
C4 BMA N . -4.55 17.69 -9.00
C5 BMA N . -4.94 17.98 -7.55
C6 BMA N . -4.06 19.02 -6.86
O2 BMA N . -6.42 20.52 -9.14
O3 BMA N . -4.46 19.59 -10.55
O4 BMA N . -4.84 16.34 -9.34
O5 BMA N . -6.32 18.33 -7.37
O6 BMA N . -4.23 20.26 -7.51
C1 NAG O . 14.86 -7.09 -16.94
C2 NAG O . 15.82 -7.97 -16.12
C3 NAG O . 15.84 -7.43 -14.70
C4 NAG O . 16.23 -5.96 -14.69
C5 NAG O . 15.36 -5.17 -15.69
C6 NAG O . 15.77 -3.72 -15.84
C7 NAG O . 16.24 -10.36 -16.53
C8 NAG O . 15.62 -11.72 -16.47
N2 NAG O . 15.43 -9.35 -16.15
O3 NAG O . 16.73 -8.24 -13.98
O4 NAG O . 16.04 -5.47 -13.38
O5 NAG O . 15.38 -5.79 -16.96
O6 NAG O . 17.11 -3.65 -16.24
O7 NAG O . 17.39 -10.18 -16.90
C1 NAG O . 17.30 -5.39 -12.69
C2 NAG O . 17.29 -4.15 -11.79
C3 NAG O . 18.56 -4.10 -10.93
C4 NAG O . 18.74 -5.42 -10.19
C5 NAG O . 18.74 -6.57 -11.21
C6 NAG O . 18.92 -7.94 -10.61
C7 NAG O . 16.14 -2.11 -12.54
C8 NAG O . 16.24 -0.91 -13.46
N2 NAG O . 17.19 -2.95 -12.58
O3 NAG O . 18.45 -3.02 -10.05
O4 NAG O . 19.97 -5.35 -9.49
O5 NAG O . 17.50 -6.54 -11.90
O6 NAG O . 18.80 -8.92 -11.62
O7 NAG O . 15.15 -2.27 -11.83
C1 BMA O . 19.69 -5.40 -8.07
C2 BMA O . 21.03 -5.47 -7.34
C3 BMA O . 20.81 -5.52 -5.81
C4 BMA O . 19.48 -4.92 -5.31
C5 BMA O . 18.84 -3.90 -6.28
C6 BMA O . 19.35 -2.48 -6.07
O2 BMA O . 21.81 -4.37 -7.74
O3 BMA O . 21.94 -4.92 -5.23
O4 BMA O . 18.61 -6.00 -5.08
O5 BMA O . 18.97 -4.25 -7.66
O6 BMA O . 18.85 -1.68 -7.12
C1 NAG P . -1.00 -36.78 12.55
C2 NAG P . -0.92 -37.14 14.03
C3 NAG P . 0.32 -36.44 14.60
C4 NAG P . 1.60 -36.70 13.80
C5 NAG P . 1.33 -36.68 12.29
C6 NAG P . 2.43 -37.28 11.44
C7 NAG P . -2.74 -35.60 14.82
C8 NAG P . -4.03 -35.63 15.60
N2 NAG P . -2.14 -36.80 14.72
O3 NAG P . 0.45 -36.84 15.94
O4 NAG P . 2.42 -35.63 14.21
O5 NAG P . 0.13 -37.35 11.94
O6 NAG P . 2.05 -37.27 10.08
O7 NAG P . -2.32 -34.55 14.35
C1 NAG P . 3.84 -35.87 14.50
C2 NAG P . 4.13 -37.21 15.21
C3 NAG P . 5.62 -37.18 15.57
C4 NAG P . 6.57 -36.77 14.45
C5 NAG P . 5.96 -35.68 13.55
C6 NAG P . 6.65 -35.50 12.21
C7 NAG P . 2.87 -38.60 16.80
C8 NAG P . 2.11 -38.57 18.11
N2 NAG P . 3.38 -37.41 16.42
O3 NAG P . 5.97 -38.44 16.10
O4 NAG P . 7.71 -36.28 15.13
O5 NAG P . 4.60 -35.92 13.31
O6 NAG P . 6.71 -36.73 11.54
O7 NAG P . 3.00 -39.62 16.17
C1 BMA P . 8.94 -36.82 14.60
C2 BMA P . 10.04 -35.80 14.88
C3 BMA P . 11.41 -36.30 14.35
C4 BMA P . 11.52 -37.83 14.18
C5 BMA P . 10.56 -38.63 15.07
C6 BMA P . 11.13 -38.89 16.46
O2 BMA P . 10.06 -35.54 16.27
O3 BMA P . 12.40 -35.78 15.21
O4 BMA P . 11.30 -38.09 12.81
O5 BMA P . 9.26 -38.07 15.19
O6 BMA P . 12.43 -39.43 16.30
C1 MAN P . 12.85 -34.49 14.76
C2 MAN P . 13.65 -34.66 13.47
C3 MAN P . 15.03 -34.03 13.59
C4 MAN P . 14.90 -32.60 14.11
C5 MAN P . 14.20 -32.61 15.47
C6 MAN P . 13.07 -31.61 15.53
O2 MAN P . 12.90 -34.08 12.43
O3 MAN P . 15.63 -34.06 12.31
O4 MAN P . 16.22 -32.08 14.20
O5 MAN P . 13.66 -33.89 15.74
O6 MAN P . 13.56 -30.38 16.02
C1 MAN P . 13.08 -39.45 17.57
C2 MAN P . 14.34 -38.58 17.48
C3 MAN P . 15.05 -38.58 18.83
C4 MAN P . 15.32 -40.00 19.33
C5 MAN P . 14.10 -40.92 19.18
C6 MAN P . 13.06 -40.71 20.26
O2 MAN P . 13.92 -37.29 17.12
O3 MAN P . 14.30 -37.81 19.73
O4 MAN P . 16.44 -40.49 18.63
O5 MAN P . 13.46 -40.76 17.91
O6 MAN P . 11.96 -41.56 20.00
C1 NAG Q . -38.79 -0.60 3.69
C2 NAG Q . -39.13 -1.24 5.05
C3 NAG Q . -39.95 -0.37 6.01
C4 NAG Q . -39.80 1.12 5.74
C5 NAG Q . -40.17 1.32 4.27
C6 NAG Q . -40.30 2.75 3.81
C7 NAG Q . -39.63 -3.71 5.09
C8 NAG Q . -38.35 -3.96 5.84
N2 NAG Q . -39.89 -2.43 4.76
O3 NAG Q . -39.55 -0.68 7.33
O4 NAG Q . -40.66 1.82 6.60
O5 NAG Q . -39.09 0.77 3.54
O6 NAG Q . -39.08 3.41 4.00
O7 NAG Q . -40.38 -4.62 4.79
C1 NAG Q . -39.88 2.76 7.35
C2 NAG Q . -40.82 3.76 8.03
C3 NAG Q . -40.00 4.73 8.87
C4 NAG Q . -39.08 3.97 9.82
C5 NAG Q . -38.25 2.94 9.06
C6 NAG Q . -37.39 2.06 9.93
C7 NAG Q . -42.84 4.11 6.65
C8 NAG Q . -43.45 4.97 5.58
N2 NAG Q . -41.59 4.45 7.04
O3 NAG Q . -40.89 5.57 9.56
O4 NAG Q . -38.26 4.94 10.43
O5 NAG Q . -39.11 2.10 8.33
O6 NAG Q . -36.47 2.83 10.66
O7 NAG Q . -43.46 3.17 7.14
C1 BMA Q . -38.55 5.03 11.83
C2 BMA Q . -37.73 6.19 12.36
C3 BMA Q . -37.94 6.31 13.90
C4 BMA Q . -39.30 5.80 14.40
C5 BMA Q . -40.39 5.71 13.33
C6 BMA Q . -41.18 7.00 13.16
O2 BMA Q . -38.09 7.33 11.64
O3 BMA Q . -37.69 7.64 14.23
O4 BMA Q . -39.05 4.53 14.98
O5 BMA Q . -39.93 5.26 12.06
O6 BMA Q . -41.80 7.28 14.40
C1 MAN Q . -36.26 7.86 14.24
C2 MAN Q . -35.83 8.23 15.66
C3 MAN Q . -34.86 9.40 15.64
C4 MAN Q . -33.82 9.27 14.53
C5 MAN Q . -34.54 9.13 13.17
C6 MAN Q . -33.99 7.97 12.36
O2 MAN Q . -35.24 7.08 16.22
O3 MAN Q . -34.24 9.45 16.91
O4 MAN Q . -33.01 10.42 14.58
O5 MAN Q . -35.92 8.89 13.36
O6 MAN Q . -34.83 7.71 11.27
C1 MAN Q . -41.73 8.71 14.65
C2 MAN Q . -41.55 8.92 16.15
C3 MAN Q . -41.49 10.42 16.44
C4 MAN Q . -42.67 11.17 15.84
C5 MAN Q . -42.98 10.75 14.39
C6 MAN Q . -42.03 11.36 13.38
O2 MAN Q . -40.36 8.26 16.50
O3 MAN Q . -40.24 10.89 15.99
O4 MAN Q . -43.77 10.96 16.68
O5 MAN Q . -42.91 9.33 14.23
O6 MAN Q . -42.13 12.76 13.45
C1 NAG R . -6.33 -15.22 -34.73
C2 NAG R . -5.54 -14.01 -34.16
C3 NAG R . -5.51 -12.97 -35.28
C4 NAG R . -5.03 -13.50 -36.64
C5 NAG R . -5.51 -14.93 -36.90
C6 NAG R . -4.74 -15.64 -38.00
C7 NAG R . -5.48 -12.90 -31.94
C8 NAG R . -4.00 -13.20 -31.87
N2 NAG R . -6.13 -13.32 -33.05
O3 NAG R . -4.72 -11.91 -34.78
O4 NAG R . -5.56 -12.67 -37.66
O5 NAG R . -5.46 -15.72 -35.73
O6 NAG R . -3.38 -15.72 -37.65
O7 NAG R . -6.03 -12.31 -31.02
C1 NAG R . -4.84 -11.44 -37.83
C2 NAG R . -4.51 -11.23 -39.31
C3 NAG R . -3.79 -9.89 -39.48
C4 NAG R . -4.58 -8.74 -38.86
C5 NAG R . -4.99 -9.11 -37.42
C6 NAG R . -5.91 -8.12 -36.73
C7 NAG R . -4.11 -13.25 -40.68
C8 NAG R . -3.07 -14.28 -41.05
N2 NAG R . -3.69 -12.30 -39.80
O3 NAG R . -3.55 -9.68 -40.84
O4 NAG R . -3.73 -7.62 -38.92
O5 NAG R . -5.64 -10.36 -37.42
O6 NAG R . -5.18 -6.98 -36.32
O7 NAG R . -5.23 -13.27 -41.14
C1 BMA R . -4.41 -6.46 -39.48
C2 BMA R . -3.54 -5.24 -39.24
C3 BMA R . -4.31 -3.97 -39.69
C4 BMA R . -5.31 -4.21 -40.85
C5 BMA R . -5.15 -5.52 -41.62
C6 BMA R . -4.37 -5.38 -42.93
O2 BMA R . -2.32 -5.40 -39.91
O3 BMA R . -3.36 -2.97 -39.94
O4 BMA R . -6.60 -4.14 -40.24
O5 BMA R . -4.62 -6.61 -40.87
O6 BMA R . -3.19 -4.65 -42.68
C1 MAN R . -3.79 -1.76 -39.28
C2 MAN R . -4.06 -0.71 -40.37
C3 MAN R . -3.15 0.50 -40.17
C4 MAN R . -1.70 0.05 -40.09
C5 MAN R . -1.53 -0.91 -38.91
C6 MAN R . -0.77 -0.26 -37.77
O2 MAN R . -5.42 -0.36 -40.27
O3 MAN R . -3.56 1.15 -39.00
O4 MAN R . -1.37 -0.57 -41.31
O5 MAN R . -2.81 -1.28 -38.39
O6 MAN R . 0.06 -1.22 -37.15
C1 MAN R . -2.23 -4.99 -43.71
C2 MAN R . -2.69 -4.36 -45.03
C3 MAN R . -1.73 -4.67 -46.18
C4 MAN R . -0.85 -5.89 -45.90
C5 MAN R . -1.61 -6.93 -45.06
C6 MAN R . -0.73 -8.10 -44.69
O2 MAN R . -2.81 -2.98 -44.81
O3 MAN R . -0.96 -3.52 -46.41
O4 MAN R . -0.46 -6.42 -47.14
O5 MAN R . -2.11 -6.38 -43.85
O6 MAN R . 0.00 -7.78 -43.53
#